data_7OO0
#
_entry.id   7OO0
#
_cell.length_a   1.00
_cell.length_b   1.00
_cell.length_c   1.00
_cell.angle_alpha   90.00
_cell.angle_beta   90.00
_cell.angle_gamma   90.00
#
_symmetry.space_group_name_H-M   'P 1'
#
loop_
_entity.id
_entity.type
_entity.pdbx_description
1 polymer 'Mechanosensitive channel MscS'
2 non-polymer 1,2-dioleoyl-sn-glycero-3-phosphoethanolamine
3 non-polymer DODECYL-BETA-D-MALTOSIDE
#
_entity_poly.entity_id   1
_entity_poly.type   'polypeptide(L)'
_entity_poly.pdbx_seq_one_letter_code
;MEDLNVVDSINGAGSWLVANQALLLSYAVNIVAALAIIIVGLIIARMISNAVNRLMISRKIDATVADFLSALVRYGIIAF
TLIAALGRVGVQTASVIAVLGAAGLAVGLALQGSLSNLAAGVLLVMFRPFRAGEYVDLGGVAGTVLSVQIFSTTMRTADG
KIIVIPNGKIIAGNIINFSREPVRRNEFIIGVAYDSDIDQVKQILTNIIQSEDRILKDREMTVRLNELGASSINFVVRVW
SNSGDLQNVYWDVLERIKREFDAAGISFPYPQMDVNFKRVKEDKAALEHHHHHH
;
_entity_poly.pdbx_strand_id   A,B,C,D,E,F,G
#
# COMPACT_ATOMS: atom_id res chain seq x y z
N ALA A 19 8.53 -59.29 36.13
CA ALA A 19 7.96 -60.59 36.41
C ALA A 19 6.43 -60.55 36.34
N ASN A 20 5.87 -59.40 36.71
CA ASN A 20 4.42 -59.18 36.66
C ASN A 20 4.07 -58.69 35.26
N GLN A 21 3.71 -59.61 34.38
CA GLN A 21 3.38 -59.29 32.99
C GLN A 21 1.96 -58.81 32.80
N ALA A 22 1.11 -58.88 33.83
CA ALA A 22 -0.30 -58.55 33.64
C ALA A 22 -0.48 -57.09 33.23
N LEU A 23 0.23 -56.18 33.89
CA LEU A 23 0.20 -54.78 33.45
C LEU A 23 0.83 -54.64 32.07
N LEU A 24 1.89 -55.40 31.80
CA LEU A 24 2.48 -55.36 30.46
C LEU A 24 1.50 -55.88 29.42
N LEU A 25 0.70 -56.89 29.79
CA LEU A 25 -0.31 -57.38 28.86
C LEU A 25 -1.37 -56.33 28.61
N SER A 26 -1.77 -55.61 29.66
CA SER A 26 -2.77 -54.56 29.47
C SER A 26 -2.23 -53.44 28.60
N TYR A 27 -0.95 -53.12 28.73
CA TYR A 27 -0.37 -52.05 27.92
C TYR A 27 -0.24 -52.46 26.46
N ALA A 28 0.22 -53.69 26.21
CA ALA A 28 0.31 -54.15 24.82
C ALA A 28 -1.08 -54.27 24.19
N VAL A 29 -2.08 -54.66 24.98
CA VAL A 29 -3.43 -54.75 24.45
C VAL A 29 -3.97 -53.37 24.12
N ASN A 30 -3.70 -52.38 24.96
CA ASN A 30 -4.14 -51.02 24.65
C ASN A 30 -3.45 -50.49 23.40
N ILE A 31 -2.17 -50.84 23.19
CA ILE A 31 -1.49 -50.37 22.00
C ILE A 31 -2.07 -51.02 20.74
N VAL A 32 -2.35 -52.32 20.81
CA VAL A 32 -2.93 -52.99 19.66
C VAL A 32 -4.33 -52.45 19.38
N ALA A 33 -5.08 -52.11 20.44
CA ALA A 33 -6.40 -51.53 20.22
C ALA A 33 -6.29 -50.15 19.60
N ALA A 34 -5.25 -49.40 19.95
CA ALA A 34 -5.07 -48.10 19.32
C ALA A 34 -4.75 -48.24 17.85
N LEU A 35 -3.89 -49.20 17.49
CA LEU A 35 -3.60 -49.40 16.07
C LEU A 35 -4.83 -49.88 15.31
N ALA A 36 -5.65 -50.73 15.95
CA ALA A 36 -6.85 -51.19 15.29
C ALA A 36 -7.84 -50.04 15.09
N ILE A 37 -7.95 -49.16 16.07
CA ILE A 37 -8.83 -48.00 15.91
C ILE A 37 -8.31 -47.10 14.81
N ILE A 38 -6.98 -46.99 14.68
CA ILE A 38 -6.43 -46.15 13.61
C ILE A 38 -6.76 -46.73 12.25
N ILE A 39 -6.60 -48.04 12.09
CA ILE A 39 -6.86 -48.66 10.79
C ILE A 39 -8.33 -48.56 10.44
N VAL A 40 -9.21 -48.93 11.37
CA VAL A 40 -10.63 -48.88 11.07
C VAL A 40 -11.08 -47.44 10.84
N GLY A 41 -10.45 -46.48 11.52
CA GLY A 41 -10.83 -45.10 11.32
C GLY A 41 -10.41 -44.57 9.97
N LEU A 42 -9.25 -44.98 9.48
CA LEU A 42 -8.86 -44.59 8.14
C LEU A 42 -9.78 -45.20 7.10
N ILE A 43 -10.19 -46.45 7.32
CA ILE A 43 -11.08 -47.10 6.36
C ILE A 43 -12.43 -46.38 6.31
N ILE A 44 -13.01 -46.12 7.48
CA ILE A 44 -14.32 -45.45 7.51
C ILE A 44 -14.21 -44.02 7.01
N ALA A 45 -13.07 -43.36 7.24
CA ALA A 45 -12.91 -42.01 6.72
C ALA A 45 -12.88 -42.01 5.20
N ARG A 46 -12.12 -42.93 4.59
CA ARG A 46 -12.08 -42.98 3.15
C ARG A 46 -13.44 -43.33 2.57
N MET A 47 -14.17 -44.22 3.23
CA MET A 47 -15.47 -44.63 2.69
C MET A 47 -16.49 -43.49 2.77
N ILE A 48 -16.59 -42.82 3.92
CA ILE A 48 -17.55 -41.75 4.04
C ILE A 48 -17.17 -40.57 3.15
N SER A 49 -15.87 -40.33 2.95
CA SER A 49 -15.48 -39.22 2.10
C SER A 49 -15.79 -39.52 0.63
N ASN A 50 -15.54 -40.75 0.17
CA ASN A 50 -15.92 -41.09 -1.19
C ASN A 50 -17.43 -41.05 -1.38
N ALA A 51 -18.19 -41.43 -0.36
CA ALA A 51 -19.64 -41.40 -0.49
C ALA A 51 -20.15 -39.97 -0.56
N VAL A 52 -19.61 -39.08 0.27
CA VAL A 52 -20.00 -37.68 0.20
C VAL A 52 -19.59 -37.07 -1.13
N ASN A 53 -18.43 -37.49 -1.67
CA ASN A 53 -17.98 -36.95 -2.94
C ASN A 53 -18.90 -37.38 -4.08
N ARG A 54 -19.29 -38.66 -4.10
CA ARG A 54 -20.22 -39.10 -5.13
C ARG A 54 -21.58 -38.44 -4.95
N LEU A 55 -22.00 -38.22 -3.71
CA LEU A 55 -23.30 -37.58 -3.48
C LEU A 55 -23.29 -36.13 -3.95
N MET A 56 -22.15 -35.46 -3.85
CA MET A 56 -22.08 -34.08 -4.32
C MET A 56 -21.97 -34.03 -5.83
N ILE A 57 -21.16 -34.89 -6.44
CA ILE A 57 -21.03 -34.89 -7.89
C ILE A 57 -22.36 -35.24 -8.55
N SER A 58 -23.16 -36.08 -7.89
CA SER A 58 -24.46 -36.44 -8.45
C SER A 58 -25.42 -35.25 -8.42
N ARG A 59 -25.19 -34.28 -7.54
CA ARG A 59 -26.02 -33.08 -7.45
C ARG A 59 -25.46 -31.92 -8.25
N LYS A 60 -24.52 -32.19 -9.15
CA LYS A 60 -23.94 -31.19 -10.04
C LYS A 60 -23.24 -30.06 -9.28
N ILE A 61 -22.61 -30.38 -8.16
CA ILE A 61 -21.67 -29.45 -7.55
C ILE A 61 -20.38 -29.46 -8.36
N ASP A 62 -19.65 -28.36 -8.33
CA ASP A 62 -18.40 -28.28 -9.09
C ASP A 62 -17.41 -29.30 -8.55
N ALA A 63 -16.60 -29.87 -9.45
CA ALA A 63 -15.70 -30.95 -9.06
C ALA A 63 -14.67 -30.47 -8.04
N THR A 64 -14.23 -29.22 -8.12
CA THR A 64 -13.25 -28.74 -7.15
C THR A 64 -13.87 -28.50 -5.79
N VAL A 65 -15.09 -27.94 -5.75
CA VAL A 65 -15.76 -27.78 -4.47
C VAL A 65 -16.09 -29.15 -3.87
N ALA A 66 -16.42 -30.12 -4.72
CA ALA A 66 -16.68 -31.46 -4.23
C ALA A 66 -15.43 -32.08 -3.64
N ASP A 67 -14.29 -31.95 -4.32
CA ASP A 67 -13.06 -32.49 -3.77
C ASP A 67 -12.65 -31.79 -2.49
N PHE A 68 -12.93 -30.48 -2.39
CA PHE A 68 -12.56 -29.74 -1.20
C PHE A 68 -13.40 -30.19 0.01
N LEU A 69 -14.72 -30.23 -0.16
CA LEU A 69 -15.56 -30.63 0.96
C LEU A 69 -15.35 -32.10 1.33
N SER A 70 -15.05 -32.96 0.34
CA SER A 70 -14.77 -34.35 0.66
C SER A 70 -13.44 -34.48 1.40
N ALA A 71 -12.44 -33.68 1.04
CA ALA A 71 -11.18 -33.71 1.77
C ALA A 71 -11.38 -33.23 3.20
N LEU A 72 -12.25 -32.25 3.40
CA LEU A 72 -12.52 -31.78 4.76
C LEU A 72 -13.23 -32.85 5.58
N VAL A 73 -14.18 -33.57 4.98
CA VAL A 73 -14.85 -34.64 5.71
C VAL A 73 -13.88 -35.75 6.06
N ARG A 74 -12.98 -36.09 5.13
CA ARG A 74 -12.04 -37.16 5.39
C ARG A 74 -11.06 -36.79 6.49
N TYR A 75 -10.53 -35.57 6.46
CA TYR A 75 -9.61 -35.17 7.53
C TYR A 75 -10.33 -35.01 8.87
N GLY A 76 -11.62 -34.66 8.86
CA GLY A 76 -12.34 -34.60 10.11
C GLY A 76 -12.56 -35.96 10.73
N ILE A 77 -12.92 -36.94 9.90
CA ILE A 77 -13.09 -38.28 10.45
C ILE A 77 -11.76 -38.86 10.90
N ILE A 78 -10.68 -38.54 10.20
CA ILE A 78 -9.36 -38.99 10.65
C ILE A 78 -8.98 -38.31 11.96
N ALA A 79 -9.41 -37.06 12.16
CA ALA A 79 -9.11 -36.39 13.42
C ALA A 79 -9.86 -37.04 14.58
N PHE A 80 -11.12 -37.43 14.35
CA PHE A 80 -11.83 -38.15 15.40
C PHE A 80 -11.17 -39.48 15.70
N THR A 81 -10.68 -40.16 14.66
CA THR A 81 -10.02 -41.44 14.88
C THR A 81 -8.72 -41.27 15.65
N LEU A 82 -7.96 -40.21 15.35
CA LEU A 82 -6.73 -39.96 16.08
C LEU A 82 -7.01 -39.63 17.52
N ILE A 83 -8.05 -38.84 17.78
CA ILE A 83 -8.37 -38.49 19.16
C ILE A 83 -8.77 -39.72 19.94
N ALA A 84 -9.50 -40.64 19.29
CA ALA A 84 -9.90 -41.86 19.99
C ALA A 84 -8.71 -42.77 20.28
N ALA A 85 -7.86 -42.99 19.28
CA ALA A 85 -6.72 -43.88 19.51
C ALA A 85 -5.73 -43.30 20.51
N LEU A 86 -5.42 -42.01 20.38
CA LEU A 86 -4.52 -41.39 21.33
C LEU A 86 -5.12 -41.31 22.72
N GLY A 87 -6.45 -41.29 22.84
CA GLY A 87 -7.05 -41.46 24.14
C GLY A 87 -6.88 -42.87 24.66
N ARG A 88 -6.89 -43.86 23.76
CA ARG A 88 -6.65 -45.23 24.18
C ARG A 88 -5.23 -45.46 24.67
N VAL A 89 -4.25 -44.70 24.16
CA VAL A 89 -2.88 -44.87 24.64
C VAL A 89 -2.61 -43.98 25.84
N GLY A 90 -3.61 -43.22 26.28
CA GLY A 90 -3.50 -42.42 27.49
C GLY A 90 -3.32 -40.94 27.28
N VAL A 91 -3.09 -40.47 26.06
CA VAL A 91 -3.04 -39.04 25.81
C VAL A 91 -4.44 -38.46 26.01
N GLN A 92 -4.50 -37.30 26.68
CA GLN A 92 -5.79 -36.65 26.96
C GLN A 92 -6.35 -36.01 25.70
N THR A 93 -7.66 -35.81 25.70
CA THR A 93 -8.31 -35.18 24.55
C THR A 93 -7.83 -33.75 24.35
N ALA A 94 -7.55 -33.02 25.43
CA ALA A 94 -7.09 -31.65 25.29
C ALA A 94 -5.71 -31.60 24.63
N SER A 95 -4.85 -32.54 24.96
CA SER A 95 -3.53 -32.57 24.34
C SER A 95 -3.63 -32.84 22.85
N VAL A 96 -4.44 -33.83 22.46
CA VAL A 96 -4.55 -34.19 21.06
C VAL A 96 -5.20 -33.06 20.28
N ILE A 97 -6.20 -32.41 20.87
CA ILE A 97 -6.84 -31.30 20.17
C ILE A 97 -5.87 -30.14 20.00
N ALA A 98 -5.05 -29.87 21.01
CA ALA A 98 -4.11 -28.76 20.89
C ALA A 98 -3.03 -29.06 19.87
N VAL A 99 -2.53 -30.30 19.83
CA VAL A 99 -1.45 -30.62 18.91
C VAL A 99 -1.97 -30.70 17.47
N LEU A 100 -3.16 -31.29 17.28
CA LEU A 100 -3.74 -31.29 15.95
C LEU A 100 -4.11 -29.89 15.51
N GLY A 101 -4.46 -29.02 16.45
CA GLY A 101 -4.73 -27.64 16.09
C GLY A 101 -3.49 -26.89 15.69
N ALA A 102 -2.36 -27.18 16.35
CA ALA A 102 -1.11 -26.56 15.94
C ALA A 102 -0.66 -27.06 14.57
N ALA A 103 -0.79 -28.37 14.33
CA ALA A 103 -0.43 -28.90 13.02
C ALA A 103 -1.35 -28.36 11.94
N GLY A 104 -2.62 -28.16 12.27
CA GLY A 104 -3.54 -27.60 11.29
C GLY A 104 -3.29 -26.13 11.04
N LEU A 105 -2.88 -25.40 12.08
CA LEU A 105 -2.52 -24.00 11.88
C LEU A 105 -1.24 -23.87 11.05
N ALA A 106 -0.30 -24.80 11.21
CA ALA A 106 0.90 -24.76 10.37
C ALA A 106 0.58 -25.09 8.92
N VAL A 107 -0.20 -26.15 8.70
CA VAL A 107 -0.60 -26.50 7.34
C VAL A 107 -1.43 -25.38 6.72
N GLY A 108 -2.22 -24.69 7.55
CA GLY A 108 -3.01 -23.59 7.02
C GLY A 108 -2.19 -22.37 6.70
N LEU A 109 -1.14 -22.11 7.48
CA LEU A 109 -0.23 -21.03 7.11
C LEU A 109 0.50 -21.36 5.81
N ALA A 110 0.81 -22.63 5.58
CA ALA A 110 1.47 -23.00 4.33
C ALA A 110 0.51 -22.91 3.15
N LEU A 111 -0.77 -23.26 3.35
CA LEU A 111 -1.71 -23.37 2.26
C LEU A 111 -2.68 -22.20 2.16
N GLN A 112 -2.46 -21.12 2.90
CA GLN A 112 -3.41 -20.01 2.88
C GLN A 112 -3.54 -19.39 1.49
N GLY A 113 -2.41 -19.06 0.86
CA GLY A 113 -2.47 -18.44 -0.45
C GLY A 113 -2.97 -19.39 -1.52
N SER A 114 -2.57 -20.66 -1.43
CA SER A 114 -3.05 -21.65 -2.38
C SER A 114 -4.55 -21.87 -2.24
N LEU A 115 -5.07 -21.75 -1.02
CA LEU A 115 -6.51 -21.87 -0.83
C LEU A 115 -7.24 -20.67 -1.41
N SER A 116 -6.66 -19.48 -1.27
CA SER A 116 -7.27 -18.30 -1.88
C SER A 116 -7.30 -18.43 -3.39
N ASN A 117 -6.20 -18.92 -3.99
CA ASN A 117 -6.19 -19.13 -5.43
C ASN A 117 -7.15 -20.23 -5.85
N LEU A 118 -7.35 -21.25 -5.02
CA LEU A 118 -8.29 -22.31 -5.37
C LEU A 118 -9.71 -21.79 -5.40
N ALA A 119 -10.09 -21.01 -4.38
CA ALA A 119 -11.43 -20.44 -4.36
C ALA A 119 -11.64 -19.48 -5.52
N ALA A 120 -10.64 -18.66 -5.82
CA ALA A 120 -10.77 -17.74 -6.95
C ALA A 120 -10.88 -18.49 -8.27
N GLY A 121 -10.21 -19.63 -8.39
CA GLY A 121 -10.32 -20.39 -9.61
C GLY A 121 -11.68 -21.05 -9.76
N VAL A 122 -12.26 -21.48 -8.64
CA VAL A 122 -13.63 -21.99 -8.68
C VAL A 122 -14.59 -20.91 -9.12
N LEU A 123 -14.41 -19.69 -8.62
CA LEU A 123 -15.29 -18.59 -9.02
C LEU A 123 -15.14 -18.24 -10.49
N LEU A 124 -13.90 -18.24 -10.98
CA LEU A 124 -13.66 -17.93 -12.39
C LEU A 124 -14.24 -18.99 -13.31
N VAL A 125 -14.23 -20.25 -12.89
CA VAL A 125 -14.80 -21.29 -13.74
C VAL A 125 -16.33 -21.29 -13.65
N MET A 126 -16.87 -20.84 -12.52
CA MET A 126 -18.33 -20.85 -12.37
C MET A 126 -18.97 -19.67 -13.10
N PHE A 127 -18.56 -18.44 -12.76
CA PHE A 127 -19.24 -17.27 -13.30
C PHE A 127 -18.77 -16.87 -14.68
N ARG A 128 -17.63 -17.39 -15.14
CA ARG A 128 -17.09 -17.09 -16.45
C ARG A 128 -17.03 -15.59 -16.78
N PRO A 129 -16.27 -14.80 -16.01
CA PRO A 129 -15.96 -13.45 -16.48
C PRO A 129 -15.23 -13.45 -17.81
N PHE A 130 -14.41 -14.47 -18.06
CA PHE A 130 -13.74 -14.67 -19.34
C PHE A 130 -13.63 -16.15 -19.61
N ARG A 131 -13.63 -16.51 -20.88
CA ARG A 131 -13.41 -17.89 -21.27
C ARG A 131 -12.16 -17.97 -22.13
N ALA A 132 -11.68 -19.19 -22.36
CA ALA A 132 -10.48 -19.38 -23.14
C ALA A 132 -10.69 -18.87 -24.56
N GLY A 133 -9.68 -18.20 -25.10
CA GLY A 133 -9.75 -17.61 -26.42
C GLY A 133 -10.28 -16.19 -26.47
N GLU A 134 -10.66 -15.61 -25.34
CA GLU A 134 -11.12 -14.23 -25.32
C GLU A 134 -10.01 -13.30 -24.84
N TYR A 135 -9.73 -12.26 -25.60
CA TYR A 135 -8.75 -11.26 -25.23
C TYR A 135 -9.26 -10.54 -23.98
N VAL A 136 -8.39 -10.35 -23.00
CA VAL A 136 -8.76 -9.72 -21.74
C VAL A 136 -7.66 -8.77 -21.30
N ASP A 137 -7.83 -8.21 -20.11
CA ASP A 137 -6.88 -7.26 -19.53
C ASP A 137 -7.00 -7.34 -18.02
N LEU A 138 -6.23 -8.23 -17.41
CA LEU A 138 -6.35 -8.55 -15.99
C LEU A 138 -5.31 -7.75 -15.20
N GLY A 139 -5.67 -6.52 -14.83
CA GLY A 139 -4.81 -5.74 -13.97
C GLY A 139 -3.60 -5.12 -14.65
N GLY A 140 -3.70 -4.81 -15.94
CA GLY A 140 -2.65 -4.16 -16.68
C GLY A 140 -1.88 -5.06 -17.62
N VAL A 141 -2.00 -6.37 -17.48
CA VAL A 141 -1.49 -7.32 -18.47
C VAL A 141 -2.66 -7.74 -19.35
N ALA A 142 -2.38 -7.93 -20.64
CA ALA A 142 -3.44 -8.21 -21.59
C ALA A 142 -2.98 -9.25 -22.60
N GLY A 143 -3.88 -10.17 -22.94
CA GLY A 143 -3.57 -11.19 -23.92
C GLY A 143 -4.69 -12.20 -23.95
N THR A 144 -4.65 -13.05 -24.99
CA THR A 144 -5.65 -14.09 -25.16
C THR A 144 -5.55 -15.06 -23.99
N VAL A 145 -6.68 -15.41 -23.40
CA VAL A 145 -6.68 -16.41 -22.34
C VAL A 145 -6.45 -17.78 -22.98
N LEU A 146 -5.70 -18.64 -22.30
CA LEU A 146 -5.42 -19.98 -22.77
C LEU A 146 -6.14 -21.04 -21.95
N SER A 147 -6.09 -20.93 -20.63
CA SER A 147 -6.84 -21.81 -19.75
C SER A 147 -6.83 -21.25 -18.35
N VAL A 148 -7.93 -21.44 -17.63
CA VAL A 148 -7.98 -21.22 -16.20
C VAL A 148 -7.65 -22.54 -15.54
N GLN A 149 -6.79 -22.50 -14.52
CA GLN A 149 -6.31 -23.71 -13.88
C GLN A 149 -6.56 -23.63 -12.38
N ILE A 150 -6.09 -24.65 -11.67
CA ILE A 150 -6.47 -24.80 -10.27
C ILE A 150 -5.95 -23.63 -9.44
N PHE A 151 -4.79 -23.08 -9.78
CA PHE A 151 -4.19 -22.01 -9.00
C PHE A 151 -3.85 -20.76 -9.79
N SER A 152 -3.79 -20.82 -11.12
CA SER A 152 -3.35 -19.67 -11.89
C SER A 152 -3.89 -19.77 -13.31
N THR A 153 -4.04 -18.62 -13.95
CA THR A 153 -4.51 -18.53 -15.32
C THR A 153 -3.34 -18.23 -16.25
N THR A 154 -3.28 -18.96 -17.36
CA THR A 154 -2.28 -18.74 -18.39
C THR A 154 -2.90 -17.88 -19.49
N MET A 155 -2.13 -16.94 -20.04
CA MET A 155 -2.57 -16.14 -21.17
C MET A 155 -1.39 -15.85 -22.07
N ARG A 156 -1.64 -15.79 -23.36
CA ARG A 156 -0.63 -15.47 -24.36
C ARG A 156 -0.84 -14.06 -24.87
N THR A 157 0.13 -13.19 -24.64
CA THR A 157 0.00 -11.81 -25.06
C THR A 157 0.05 -11.72 -26.59
N ALA A 158 -0.21 -10.52 -27.10
CA ALA A 158 -0.34 -10.34 -28.54
C ALA A 158 0.94 -10.71 -29.29
N ASP A 159 2.10 -10.57 -28.65
CA ASP A 159 3.37 -10.88 -29.30
C ASP A 159 3.96 -12.23 -28.88
N GLY A 160 3.18 -13.08 -28.22
CA GLY A 160 3.60 -14.45 -27.97
C GLY A 160 4.21 -14.75 -26.62
N LYS A 161 4.40 -13.77 -25.75
CA LYS A 161 4.83 -14.07 -24.39
C LYS A 161 3.70 -14.71 -23.61
N ILE A 162 4.05 -15.66 -22.75
CA ILE A 162 3.09 -16.32 -21.87
C ILE A 162 3.11 -15.62 -20.52
N ILE A 163 1.93 -15.37 -19.94
CA ILE A 163 1.82 -14.78 -18.62
C ILE A 163 1.02 -15.74 -17.75
N VAL A 164 1.41 -15.87 -16.48
CA VAL A 164 0.75 -16.74 -15.53
C VAL A 164 0.32 -15.90 -14.35
N ILE A 165 -0.95 -15.54 -14.30
CA ILE A 165 -1.52 -14.68 -13.27
C ILE A 165 -2.20 -15.56 -12.23
N PRO A 166 -1.82 -15.47 -10.96
CA PRO A 166 -2.53 -16.25 -9.93
C PRO A 166 -3.99 -15.83 -9.83
N ASN A 167 -4.86 -16.80 -9.56
CA ASN A 167 -6.30 -16.59 -9.66
C ASN A 167 -6.80 -15.54 -8.68
N GLY A 168 -6.18 -15.43 -7.51
CA GLY A 168 -6.66 -14.48 -6.53
C GLY A 168 -6.44 -13.04 -6.96
N LYS A 169 -5.31 -12.78 -7.62
CA LYS A 169 -5.07 -11.45 -8.17
C LYS A 169 -6.06 -11.12 -9.27
N ILE A 170 -6.48 -12.13 -10.04
CA ILE A 170 -7.45 -11.89 -11.10
C ILE A 170 -8.82 -11.55 -10.51
N ILE A 171 -9.26 -12.34 -9.53
CA ILE A 171 -10.57 -12.11 -8.94
C ILE A 171 -10.60 -10.81 -8.16
N ALA A 172 -9.49 -10.40 -7.56
CA ALA A 172 -9.48 -9.22 -6.71
C ALA A 172 -9.63 -7.92 -7.50
N GLY A 173 -9.28 -7.90 -8.79
CA GLY A 173 -9.26 -6.69 -9.57
C GLY A 173 -10.24 -6.71 -10.73
N ASN A 174 -10.16 -5.66 -11.54
CA ASN A 174 -11.03 -5.54 -12.71
C ASN A 174 -10.65 -6.56 -13.76
N ILE A 175 -11.64 -6.93 -14.58
CA ILE A 175 -11.45 -7.91 -15.64
C ILE A 175 -12.06 -7.32 -16.91
N ILE A 176 -11.31 -6.45 -17.58
CA ILE A 176 -11.72 -5.90 -18.87
C ILE A 176 -11.73 -7.04 -19.87
N ASN A 177 -12.68 -7.04 -20.78
CA ASN A 177 -12.88 -8.15 -21.70
C ASN A 177 -13.16 -7.60 -23.09
N PHE A 178 -12.13 -7.56 -23.92
CA PHE A 178 -12.24 -6.98 -25.25
C PHE A 178 -13.12 -7.79 -26.19
N SER A 179 -13.28 -9.09 -25.95
CA SER A 179 -13.88 -9.98 -26.92
C SER A 179 -15.31 -10.39 -26.60
N ARG A 180 -15.90 -9.86 -25.53
CA ARG A 180 -17.23 -10.32 -25.15
C ARG A 180 -18.32 -9.74 -26.04
N GLU A 181 -18.29 -8.43 -26.25
CA GLU A 181 -19.32 -7.77 -27.07
C GLU A 181 -19.04 -8.02 -28.55
N PRO A 182 -20.06 -8.35 -29.34
CA PRO A 182 -19.85 -8.52 -30.78
C PRO A 182 -19.30 -7.29 -31.49
N VAL A 183 -19.67 -6.08 -31.06
CA VAL A 183 -19.33 -4.85 -31.76
C VAL A 183 -18.49 -3.97 -30.86
N ARG A 184 -17.59 -3.18 -31.46
CA ARG A 184 -16.72 -2.28 -30.74
C ARG A 184 -16.44 -1.06 -31.59
N ARG A 185 -16.02 0.02 -30.94
CA ARG A 185 -15.95 1.35 -31.55
C ARG A 185 -14.50 1.75 -31.82
N ASN A 186 -14.25 2.21 -33.05
CA ASN A 186 -13.02 2.90 -33.41
C ASN A 186 -13.13 4.38 -33.05
N GLU A 187 -11.98 5.01 -32.84
CA GLU A 187 -11.92 6.44 -32.58
C GLU A 187 -10.69 7.04 -33.24
N PHE A 188 -10.87 7.66 -34.40
CA PHE A 188 -9.83 8.41 -35.08
C PHE A 188 -9.76 9.81 -34.50
N ILE A 189 -8.59 10.42 -34.54
CA ILE A 189 -8.40 11.79 -34.06
C ILE A 189 -7.57 12.51 -35.13
N ILE A 190 -8.22 12.97 -36.18
CA ILE A 190 -7.58 13.66 -37.28
C ILE A 190 -7.32 15.09 -36.85
N GLY A 191 -6.16 15.63 -37.18
CA GLY A 191 -5.85 17.02 -36.88
C GLY A 191 -5.42 17.75 -38.12
N VAL A 192 -6.15 18.79 -38.52
CA VAL A 192 -5.90 19.50 -39.74
C VAL A 192 -5.57 20.96 -39.44
N ALA A 193 -5.08 21.66 -40.45
CA ALA A 193 -4.63 23.04 -40.28
C ALA A 193 -5.80 23.96 -39.94
N TYR A 194 -5.49 25.04 -39.20
CA TYR A 194 -6.54 25.95 -38.75
C TYR A 194 -7.25 26.63 -39.91
N ASP A 195 -6.58 26.79 -41.05
CA ASP A 195 -7.21 27.44 -42.19
C ASP A 195 -8.09 26.50 -42.99
N SER A 196 -8.09 25.21 -42.68
CA SER A 196 -8.90 24.24 -43.41
C SER A 196 -10.37 24.50 -43.20
N ASP A 197 -11.14 24.33 -44.29
CA ASP A 197 -12.58 24.46 -44.21
C ASP A 197 -13.16 23.35 -43.33
N ILE A 198 -14.10 23.69 -42.47
CA ILE A 198 -14.65 22.68 -41.57
C ILE A 198 -15.68 21.82 -42.29
N ASP A 199 -16.51 22.45 -43.14
CA ASP A 199 -17.52 21.69 -43.85
C ASP A 199 -16.89 20.69 -44.82
N GLN A 200 -15.78 21.07 -45.46
CA GLN A 200 -15.14 20.15 -46.39
C GLN A 200 -14.51 18.98 -45.66
N VAL A 201 -13.90 19.24 -44.50
CA VAL A 201 -13.32 18.15 -43.72
C VAL A 201 -14.41 17.19 -43.26
N LYS A 202 -15.50 17.73 -42.70
CA LYS A 202 -16.56 16.86 -42.23
C LYS A 202 -17.21 16.09 -43.37
N GLN A 203 -17.32 16.72 -44.54
CA GLN A 203 -17.94 16.04 -45.68
C GLN A 203 -17.05 14.91 -46.20
N ILE A 204 -15.74 15.14 -46.24
CA ILE A 204 -14.84 14.09 -46.70
C ILE A 204 -14.79 12.93 -45.72
N LEU A 205 -14.72 13.23 -44.42
CA LEU A 205 -14.73 12.14 -43.45
C LEU A 205 -16.05 11.39 -43.46
N THR A 206 -17.16 12.10 -43.71
CA THR A 206 -18.44 11.42 -43.76
C THR A 206 -18.53 10.50 -44.97
N ASN A 207 -18.06 10.95 -46.13
CA ASN A 207 -18.06 10.07 -47.30
C ASN A 207 -17.14 8.88 -47.09
N ILE A 208 -16.02 9.08 -46.40
CA ILE A 208 -15.09 7.97 -46.17
C ILE A 208 -15.71 6.92 -45.27
N ILE A 209 -16.44 7.34 -44.24
CA ILE A 209 -17.06 6.35 -43.37
C ILE A 209 -18.40 5.85 -43.90
N GLN A 210 -18.97 6.50 -44.91
CA GLN A 210 -20.19 5.96 -45.52
C GLN A 210 -19.88 4.97 -46.62
N SER A 211 -18.70 5.06 -47.22
CA SER A 211 -18.32 4.07 -48.21
C SER A 211 -17.74 2.80 -47.59
N GLU A 212 -17.55 2.78 -46.27
CA GLU A 212 -16.96 1.64 -45.59
C GLU A 212 -18.06 0.67 -45.16
N ASP A 213 -18.18 -0.46 -45.86
CA ASP A 213 -19.27 -1.40 -45.61
C ASP A 213 -19.16 -2.09 -44.26
N ARG A 214 -17.96 -2.17 -43.69
CA ARG A 214 -17.79 -2.84 -42.41
C ARG A 214 -18.12 -1.96 -41.22
N ILE A 215 -18.43 -0.69 -41.45
CA ILE A 215 -18.86 0.21 -40.37
C ILE A 215 -20.37 0.14 -40.26
N LEU A 216 -20.87 -0.14 -39.06
CA LEU A 216 -22.29 -0.36 -38.85
C LEU A 216 -23.04 0.96 -38.98
N LYS A 217 -23.95 1.03 -39.96
CA LYS A 217 -24.70 2.25 -40.20
C LYS A 217 -25.83 2.47 -39.21
N ASP A 218 -26.23 1.44 -38.47
CA ASP A 218 -27.28 1.61 -37.48
C ASP A 218 -26.78 2.16 -36.15
N ARG A 219 -25.47 2.27 -35.97
CA ARG A 219 -24.91 2.84 -34.75
C ARG A 219 -24.59 4.32 -34.97
N GLU A 220 -23.85 4.88 -34.02
CA GLU A 220 -23.39 6.26 -34.15
C GLU A 220 -22.28 6.36 -35.19
N MET A 221 -22.22 7.50 -35.86
CA MET A 221 -21.17 7.79 -36.82
C MET A 221 -20.79 9.26 -36.72
N THR A 222 -20.21 9.65 -35.58
CA THR A 222 -19.90 11.05 -35.34
C THR A 222 -18.74 11.51 -36.22
N VAL A 223 -18.84 12.73 -36.72
CA VAL A 223 -17.74 13.42 -37.41
C VAL A 223 -17.84 14.88 -36.94
N ARG A 224 -17.23 15.18 -35.80
CA ARG A 224 -17.41 16.48 -35.19
C ARG A 224 -16.07 17.10 -34.86
N LEU A 225 -15.98 18.41 -35.04
CA LEU A 225 -14.83 19.15 -34.52
C LEU A 225 -14.82 19.02 -33.01
N ASN A 226 -13.67 18.71 -32.45
CA ASN A 226 -13.61 18.28 -31.06
C ASN A 226 -12.71 19.13 -30.18
N GLU A 227 -11.69 19.76 -30.75
CA GLU A 227 -10.75 20.52 -29.95
C GLU A 227 -9.99 21.48 -30.86
N LEU A 228 -9.71 22.67 -30.35
CA LEU A 228 -8.87 23.64 -31.03
C LEU A 228 -7.48 23.53 -30.40
N GLY A 229 -6.60 22.77 -31.02
CA GLY A 229 -5.32 22.43 -30.44
C GLY A 229 -4.29 23.51 -30.64
N ALA A 230 -3.06 23.18 -30.20
CA ALA A 230 -1.97 24.14 -30.29
C ALA A 230 -1.63 24.48 -31.73
N SER A 231 -1.76 23.51 -32.64
CA SER A 231 -1.38 23.71 -34.03
C SER A 231 -2.42 23.21 -35.01
N SER A 232 -3.53 22.64 -34.53
CA SER A 232 -4.48 21.98 -35.41
C SER A 232 -5.82 21.88 -34.70
N ILE A 233 -6.87 21.81 -35.50
CA ILE A 233 -8.22 21.53 -35.00
C ILE A 233 -8.46 20.03 -35.10
N ASN A 234 -8.69 19.39 -33.97
CA ASN A 234 -8.76 17.93 -33.90
C ASN A 234 -10.18 17.46 -34.11
N PHE A 235 -10.46 16.94 -35.31
CA PHE A 235 -11.72 16.26 -35.57
C PHE A 235 -11.70 14.88 -34.93
N VAL A 236 -12.87 14.42 -34.51
CA VAL A 236 -13.02 13.07 -33.96
C VAL A 236 -13.96 12.31 -34.87
N VAL A 237 -13.66 11.03 -35.08
CA VAL A 237 -14.53 10.13 -35.83
C VAL A 237 -14.69 8.88 -35.00
N ARG A 238 -15.92 8.54 -34.66
CA ARG A 238 -16.24 7.36 -33.87
C ARG A 238 -17.20 6.50 -34.66
N VAL A 239 -16.79 5.28 -34.97
CA VAL A 239 -17.60 4.38 -35.78
C VAL A 239 -17.51 2.99 -35.17
N TRP A 240 -18.62 2.26 -35.24
CA TRP A 240 -18.72 0.93 -34.67
C TRP A 240 -18.53 -0.13 -35.75
N SER A 241 -17.97 -1.27 -35.35
CA SER A 241 -17.78 -2.39 -36.26
C SER A 241 -17.68 -3.68 -35.45
N ASN A 242 -17.88 -4.80 -36.12
CA ASN A 242 -17.78 -6.10 -35.47
C ASN A 242 -16.38 -6.29 -34.90
N SER A 243 -16.28 -7.04 -33.82
CA SER A 243 -14.99 -7.14 -33.12
C SER A 243 -13.91 -7.71 -34.03
N GLY A 244 -14.27 -8.53 -35.01
CA GLY A 244 -13.28 -9.07 -35.91
C GLY A 244 -12.82 -8.14 -37.00
N ASP A 245 -13.57 -7.08 -37.28
CA ASP A 245 -13.23 -6.14 -38.33
C ASP A 245 -12.64 -4.85 -37.80
N LEU A 246 -12.44 -4.75 -36.48
CA LEU A 246 -12.11 -3.46 -35.89
C LEU A 246 -10.77 -2.93 -36.40
N GLN A 247 -9.72 -3.76 -36.32
CA GLN A 247 -8.40 -3.26 -36.66
C GLN A 247 -8.27 -3.03 -38.17
N ASN A 248 -8.84 -3.92 -38.98
CA ASN A 248 -8.77 -3.72 -40.42
C ASN A 248 -9.54 -2.47 -40.84
N VAL A 249 -10.66 -2.19 -40.17
CA VAL A 249 -11.39 -0.96 -40.47
C VAL A 249 -10.58 0.25 -40.04
N TYR A 250 -9.86 0.14 -38.92
CA TYR A 250 -9.03 1.26 -38.50
C TYR A 250 -7.98 1.56 -39.54
N TRP A 251 -7.24 0.55 -39.97
CA TRP A 251 -6.15 0.78 -40.92
C TRP A 251 -6.68 1.25 -42.28
N ASP A 252 -7.82 0.72 -42.71
CA ASP A 252 -8.35 1.10 -44.01
C ASP A 252 -8.89 2.52 -44.00
N VAL A 253 -9.63 2.89 -42.96
CA VAL A 253 -10.11 4.26 -42.86
C VAL A 253 -8.95 5.22 -42.70
N LEU A 254 -7.87 4.80 -42.05
CA LEU A 254 -6.74 5.70 -41.88
C LEU A 254 -6.04 5.97 -43.19
N GLU A 255 -5.76 4.92 -43.97
CA GLU A 255 -5.15 5.14 -45.27
C GLU A 255 -6.06 5.91 -46.21
N ARG A 256 -7.38 5.68 -46.12
CA ARG A 256 -8.30 6.44 -46.97
C ARG A 256 -8.36 7.90 -46.57
N ILE A 257 -8.31 8.19 -45.27
CA ILE A 257 -8.26 9.57 -44.80
C ILE A 257 -7.02 10.25 -45.34
N LYS A 258 -5.87 9.58 -45.24
CA LYS A 258 -4.63 10.17 -45.71
C LYS A 258 -4.70 10.48 -47.20
N ARG A 259 -5.13 9.49 -48.00
CA ARG A 259 -5.14 9.69 -49.45
C ARG A 259 -6.14 10.77 -49.85
N GLU A 260 -7.34 10.75 -49.27
CA GLU A 260 -8.36 11.72 -49.68
C GLU A 260 -8.04 13.12 -49.22
N PHE A 261 -7.43 13.29 -48.04
CA PHE A 261 -7.01 14.62 -47.64
C PHE A 261 -5.88 15.13 -48.51
N ASP A 262 -4.95 14.26 -48.89
CA ASP A 262 -3.89 14.72 -49.79
C ASP A 262 -4.43 15.07 -51.16
N ALA A 263 -5.48 14.39 -51.60
CA ALA A 263 -6.05 14.71 -52.90
C ALA A 263 -6.89 15.98 -52.85
N ALA A 264 -7.54 16.25 -51.72
CA ALA A 264 -8.41 17.40 -51.59
C ALA A 264 -7.68 18.68 -51.21
N GLY A 265 -6.39 18.59 -50.91
CA GLY A 265 -5.61 19.76 -50.54
C GLY A 265 -5.63 20.11 -49.08
N ILE A 266 -6.39 19.39 -48.26
CA ILE A 266 -6.37 19.62 -46.82
C ILE A 266 -5.01 19.20 -46.28
N SER A 267 -4.47 19.99 -45.36
CA SER A 267 -3.14 19.78 -44.83
C SER A 267 -3.19 19.12 -43.46
N PHE A 268 -2.20 18.28 -43.17
CA PHE A 268 -1.93 17.88 -41.79
C PHE A 268 -0.78 18.75 -41.30
N PRO A 269 -1.01 19.66 -40.37
CA PRO A 269 0.05 20.59 -39.98
C PRO A 269 1.22 19.90 -39.30
N TYR A 270 2.41 20.43 -39.58
CA TYR A 270 3.56 20.24 -38.72
C TYR A 270 3.41 21.14 -37.50
N PRO A 271 4.09 20.85 -36.41
CA PRO A 271 3.94 21.68 -35.22
C PRO A 271 4.31 23.12 -35.54
N GLN A 272 3.54 24.05 -34.98
CA GLN A 272 3.62 25.45 -35.38
C GLN A 272 4.29 26.28 -34.31
N MET A 273 4.83 27.41 -34.73
CA MET A 273 5.54 28.31 -33.83
C MET A 273 5.66 29.65 -34.52
N ASP A 274 5.01 30.69 -33.98
CA ASP A 274 5.30 32.06 -34.37
C ASP A 274 6.65 32.43 -33.78
N VAL A 275 7.40 33.26 -34.48
CA VAL A 275 8.72 33.70 -34.02
C VAL A 275 8.82 35.20 -34.24
N ASN A 276 8.96 35.95 -33.14
CA ASN A 276 9.10 37.39 -33.19
C ASN A 276 10.59 37.73 -33.23
N PHE A 277 11.10 37.97 -34.42
CA PHE A 277 12.50 38.24 -34.64
C PHE A 277 12.91 39.55 -33.97
N LYS A 278 14.05 39.54 -33.28
CA LYS A 278 14.59 40.72 -32.61
C LYS A 278 16.09 40.71 -32.78
N ARG A 279 16.61 41.58 -33.65
CA ARG A 279 18.05 41.65 -33.90
C ARG A 279 18.66 42.59 -32.89
N VAL A 280 19.21 42.04 -31.80
CA VAL A 280 19.78 42.83 -30.73
C VAL A 280 21.29 42.97 -30.90
N ALA B 19 -18.27 -64.27 20.88
CA ALA B 19 -19.38 -65.10 21.34
C ALA B 19 -20.37 -64.26 22.14
N ASN B 20 -19.87 -63.26 22.84
CA ASN B 20 -20.70 -62.35 23.62
C ASN B 20 -21.17 -61.22 22.71
N GLN B 21 -22.34 -61.38 22.11
CA GLN B 21 -22.89 -60.41 21.17
C GLN B 21 -23.61 -59.25 21.85
N ALA B 22 -23.80 -59.30 23.17
CA ALA B 22 -24.59 -58.26 23.82
C ALA B 22 -23.92 -56.89 23.70
N LEU B 23 -22.61 -56.82 23.91
CA LEU B 23 -21.91 -55.56 23.66
C LEU B 23 -21.94 -55.20 22.18
N LEU B 24 -21.85 -56.21 21.31
CA LEU B 24 -21.96 -55.93 19.88
C LEU B 24 -23.34 -55.42 19.53
N LEU B 25 -24.37 -55.93 20.21
CA LEU B 25 -25.72 -55.41 19.98
C LEU B 25 -25.84 -53.98 20.44
N SER B 26 -25.23 -53.65 21.58
CA SER B 26 -25.29 -52.27 22.06
C SER B 26 -24.55 -51.33 21.12
N TYR B 27 -23.45 -51.79 20.52
CA TYR B 27 -22.70 -50.93 19.61
C TYR B 27 -23.46 -50.72 18.30
N ALA B 28 -24.04 -51.79 17.76
CA ALA B 28 -24.82 -51.62 16.53
C ALA B 28 -26.06 -50.75 16.78
N VAL B 29 -26.65 -50.87 17.97
CA VAL B 29 -27.81 -50.05 18.28
C VAL B 29 -27.41 -48.58 18.41
N ASN B 30 -26.26 -48.31 19.02
CA ASN B 30 -25.81 -46.92 19.10
C ASN B 30 -25.50 -46.36 17.72
N ILE B 31 -24.97 -47.19 16.82
CA ILE B 31 -24.68 -46.68 15.47
C ILE B 31 -25.97 -46.38 14.72
N VAL B 32 -26.97 -47.25 14.84
CA VAL B 32 -28.24 -47.00 14.17
C VAL B 32 -28.91 -45.77 14.77
N ALA B 33 -28.79 -45.58 16.08
CA ALA B 33 -29.35 -44.39 16.69
C ALA B 33 -28.64 -43.13 16.22
N ALA B 34 -27.33 -43.22 15.97
CA ALA B 34 -26.62 -42.06 15.44
C ALA B 34 -27.09 -41.73 14.03
N LEU B 35 -27.28 -42.74 13.19
CA LEU B 35 -27.77 -42.47 11.84
C LEU B 35 -29.18 -41.90 11.88
N ALA B 36 -30.02 -42.40 12.79
CA ALA B 36 -31.37 -41.87 12.89
C ALA B 36 -31.37 -40.43 13.37
N ILE B 37 -30.48 -40.10 14.31
CA ILE B 37 -30.38 -38.71 14.74
C ILE B 37 -29.90 -37.83 13.60
N ILE B 38 -29.00 -38.35 12.76
CA ILE B 38 -28.51 -37.56 11.63
C ILE B 38 -29.63 -37.29 10.65
N ILE B 39 -30.43 -38.30 10.34
CA ILE B 39 -31.51 -38.13 9.37
C ILE B 39 -32.56 -37.16 9.91
N VAL B 40 -33.01 -37.37 11.14
CA VAL B 40 -34.03 -36.50 11.70
C VAL B 40 -33.50 -35.09 11.86
N GLY B 41 -32.20 -34.95 12.14
CA GLY B 41 -31.64 -33.62 12.29
C GLY B 41 -31.55 -32.88 10.98
N LEU B 42 -31.23 -33.59 9.89
CA LEU B 42 -31.25 -32.93 8.59
C LEU B 42 -32.67 -32.51 8.20
N ILE B 43 -33.65 -33.36 8.53
CA ILE B 43 -35.03 -33.00 8.20
C ILE B 43 -35.46 -31.75 8.95
N ILE B 44 -35.23 -31.74 10.27
CA ILE B 44 -35.64 -30.60 11.08
C ILE B 44 -34.85 -29.35 10.70
N ALA B 45 -33.59 -29.51 10.30
CA ALA B 45 -32.82 -28.35 9.87
C ALA B 45 -33.40 -27.74 8.60
N ARG B 46 -33.73 -28.58 7.62
CA ARG B 46 -34.29 -28.05 6.39
C ARG B 46 -35.65 -27.39 6.66
N MET B 47 -36.45 -27.97 7.55
CA MET B 47 -37.76 -27.40 7.80
C MET B 47 -37.67 -26.07 8.52
N ILE B 48 -36.86 -25.99 9.57
CA ILE B 48 -36.75 -24.72 10.30
C ILE B 48 -36.09 -23.66 9.42
N SER B 49 -35.17 -24.05 8.55
CA SER B 49 -34.53 -23.05 7.69
C SER B 49 -35.50 -22.52 6.65
N ASN B 50 -36.32 -23.40 6.05
CA ASN B 50 -37.31 -22.91 5.11
C ASN B 50 -38.36 -22.05 5.80
N ALA B 51 -38.70 -22.37 7.04
CA ALA B 51 -39.69 -21.56 7.75
C ALA B 51 -39.14 -20.18 8.08
N VAL B 52 -37.87 -20.12 8.52
CA VAL B 52 -37.27 -18.82 8.79
C VAL B 52 -37.12 -18.02 7.50
N ASN B 53 -36.84 -18.71 6.39
CA ASN B 53 -36.70 -18.00 5.12
C ASN B 53 -38.02 -17.41 4.66
N ARG B 54 -39.11 -18.18 4.77
CA ARG B 54 -40.41 -17.63 4.42
C ARG B 54 -40.81 -16.51 5.36
N LEU B 55 -40.45 -16.63 6.64
CA LEU B 55 -40.81 -15.59 7.61
C LEU B 55 -40.06 -14.31 7.32
N MET B 56 -38.83 -14.41 6.82
CA MET B 56 -38.09 -13.20 6.48
C MET B 56 -38.57 -12.59 5.18
N ILE B 57 -38.83 -13.41 4.16
CA ILE B 57 -39.32 -12.89 2.88
C ILE B 57 -40.67 -12.22 3.08
N SER B 58 -41.49 -12.73 4.00
CA SER B 58 -42.78 -12.11 4.25
C SER B 58 -42.65 -10.74 4.89
N ARG B 59 -41.52 -10.47 5.56
CA ARG B 59 -41.27 -9.18 6.18
C ARG B 59 -40.47 -8.25 5.29
N LYS B 60 -40.37 -8.57 4.01
CA LYS B 60 -39.70 -7.72 3.01
C LYS B 60 -38.22 -7.53 3.33
N ILE B 61 -37.57 -8.54 3.88
CA ILE B 61 -36.11 -8.56 3.91
C ILE B 61 -35.59 -8.88 2.52
N ASP B 62 -34.38 -8.42 2.21
CA ASP B 62 -33.81 -8.68 0.90
C ASP B 62 -33.60 -10.17 0.71
N ALA B 63 -33.79 -10.64 -0.53
CA ALA B 63 -33.74 -12.07 -0.79
C ALA B 63 -32.36 -12.65 -0.48
N THR B 64 -31.30 -11.88 -0.71
CA THR B 64 -29.96 -12.40 -0.44
C THR B 64 -29.68 -12.46 1.07
N VAL B 65 -30.10 -11.44 1.82
CA VAL B 65 -29.94 -11.50 3.26
C VAL B 65 -30.80 -12.62 3.84
N ALA B 66 -31.97 -12.86 3.24
CA ALA B 66 -32.82 -13.95 3.71
C ALA B 66 -32.16 -15.29 3.46
N ASP B 67 -31.59 -15.48 2.27
CA ASP B 67 -30.91 -16.74 1.98
C ASP B 67 -29.69 -16.92 2.86
N PHE B 68 -29.00 -15.83 3.19
CA PHE B 68 -27.81 -15.95 4.03
C PHE B 68 -28.18 -16.35 5.45
N LEU B 69 -29.15 -15.65 6.05
CA LEU B 69 -29.52 -15.99 7.42
C LEU B 69 -30.17 -17.37 7.50
N SER B 70 -30.92 -17.76 6.46
CA SER B 70 -31.49 -19.10 6.47
C SER B 70 -30.42 -20.18 6.32
N ALA B 71 -29.38 -19.91 5.51
CA ALA B 71 -28.30 -20.87 5.42
C ALA B 71 -27.55 -20.98 6.74
N LEU B 72 -27.41 -19.87 7.46
CA LEU B 72 -26.75 -19.95 8.77
C LEU B 72 -27.59 -20.73 9.76
N VAL B 73 -28.90 -20.56 9.75
CA VAL B 73 -29.75 -21.33 10.65
C VAL B 73 -29.70 -22.81 10.31
N ARG B 74 -29.68 -23.14 9.02
CA ARG B 74 -29.66 -24.55 8.64
C ARG B 74 -28.34 -25.20 9.02
N TYR B 75 -27.21 -24.52 8.79
CA TYR B 75 -25.94 -25.12 9.18
C TYR B 75 -25.78 -25.17 10.69
N GLY B 76 -26.40 -24.25 11.44
CA GLY B 76 -26.34 -24.37 12.89
C GLY B 76 -27.14 -25.54 13.42
N ILE B 77 -28.33 -25.77 12.87
CA ILE B 77 -29.08 -26.93 13.31
C ILE B 77 -28.39 -28.23 12.91
N ILE B 78 -27.75 -28.23 11.74
CA ILE B 78 -27.00 -29.42 11.34
C ILE B 78 -25.80 -29.63 12.26
N ALA B 79 -25.19 -28.55 12.75
CA ALA B 79 -24.07 -28.70 13.66
C ALA B 79 -24.53 -29.29 15.00
N PHE B 80 -25.70 -28.85 15.48
CA PHE B 80 -26.22 -29.47 16.71
C PHE B 80 -26.52 -30.95 16.48
N THR B 81 -27.04 -31.29 15.31
CA THR B 81 -27.35 -32.68 15.03
C THR B 81 -26.07 -33.52 14.94
N LEU B 82 -25.02 -32.97 14.34
CA LEU B 82 -23.76 -33.70 14.27
C LEU B 82 -23.17 -33.89 15.65
N ILE B 83 -23.24 -32.87 16.50
CA ILE B 83 -22.68 -33.00 17.83
C ILE B 83 -23.44 -34.06 18.62
N ALA B 84 -24.76 -34.13 18.43
CA ALA B 84 -25.54 -35.15 19.15
C ALA B 84 -25.23 -36.55 18.65
N ALA B 85 -25.19 -36.75 17.34
CA ALA B 85 -24.93 -38.09 16.81
C ALA B 85 -23.52 -38.55 17.14
N LEU B 86 -22.54 -37.67 16.94
CA LEU B 86 -21.16 -38.03 17.26
C LEU B 86 -20.97 -38.24 18.75
N GLY B 87 -21.79 -37.61 19.59
CA GLY B 87 -21.78 -37.97 21.00
C GLY B 87 -22.37 -39.34 21.23
N ARG B 88 -23.35 -39.72 20.42
CA ARG B 88 -23.92 -41.05 20.54
C ARG B 88 -22.93 -42.14 20.13
N VAL B 89 -22.00 -41.85 19.21
CA VAL B 89 -21.03 -42.86 18.82
C VAL B 89 -19.80 -42.81 19.72
N GLY B 90 -19.80 -41.91 20.70
CA GLY B 90 -18.75 -41.84 21.69
C GLY B 90 -17.75 -40.72 21.54
N VAL B 91 -17.78 -39.98 20.42
CA VAL B 91 -16.92 -38.81 20.31
C VAL B 91 -17.39 -37.75 21.29
N GLN B 92 -16.43 -37.11 21.95
CA GLN B 92 -16.74 -36.09 22.95
C GLN B 92 -17.19 -34.79 22.27
N THR B 93 -17.94 -33.98 23.02
CA THR B 93 -18.41 -32.70 22.49
C THR B 93 -17.25 -31.77 22.15
N ALA B 94 -16.17 -31.80 22.94
CA ALA B 94 -15.05 -30.92 22.65
C ALA B 94 -14.36 -31.31 21.35
N SER B 95 -14.28 -32.60 21.07
CA SER B 95 -13.67 -33.03 19.81
C SER B 95 -14.49 -32.58 18.62
N VAL B 96 -15.81 -32.78 18.69
CA VAL B 96 -16.66 -32.41 17.56
C VAL B 96 -16.68 -30.91 17.37
N ILE B 97 -16.67 -30.15 18.47
CA ILE B 97 -16.66 -28.69 18.32
C ILE B 97 -15.34 -28.23 17.72
N ALA B 98 -14.23 -28.85 18.12
CA ALA B 98 -12.95 -28.44 17.56
C ALA B 98 -12.83 -28.79 16.09
N VAL B 99 -13.32 -29.97 15.70
CA VAL B 99 -13.18 -30.38 14.31
C VAL B 99 -14.13 -29.59 13.41
N LEU B 100 -15.37 -29.37 13.86
CA LEU B 100 -16.28 -28.54 13.09
C LEU B 100 -15.80 -27.09 13.05
N GLY B 101 -15.09 -26.64 14.08
CA GLY B 101 -14.53 -25.30 14.04
C GLY B 101 -13.38 -25.20 13.06
N ALA B 102 -12.57 -26.25 12.95
CA ALA B 102 -11.50 -26.24 11.95
C ALA B 102 -12.07 -26.30 10.54
N ALA B 103 -13.09 -27.14 10.31
CA ALA B 103 -13.71 -27.18 8.99
C ALA B 103 -14.40 -25.86 8.67
N GLY B 104 -14.97 -25.20 9.67
CA GLY B 104 -15.60 -23.92 9.42
C GLY B 104 -14.58 -22.83 9.17
N LEU B 105 -13.44 -22.88 9.85
CA LEU B 105 -12.38 -21.92 9.58
C LEU B 105 -11.79 -22.13 8.19
N ALA B 106 -11.70 -23.38 7.73
CA ALA B 106 -11.21 -23.61 6.37
C ALA B 106 -12.21 -23.11 5.33
N VAL B 107 -13.49 -23.44 5.50
CA VAL B 107 -14.50 -22.95 4.58
C VAL B 107 -14.58 -21.42 4.62
N GLY B 108 -14.33 -20.83 5.78
CA GLY B 108 -14.35 -19.38 5.87
C GLY B 108 -13.15 -18.73 5.22
N LEU B 109 -11.99 -19.38 5.31
CA LEU B 109 -10.84 -18.87 4.56
C LEU B 109 -11.08 -18.95 3.06
N ALA B 110 -11.78 -20.00 2.62
CA ALA B 110 -12.07 -20.10 1.19
C ALA B 110 -13.12 -19.06 0.76
N LEU B 111 -14.10 -18.77 1.61
CA LEU B 111 -15.23 -17.93 1.24
C LEU B 111 -15.15 -16.51 1.78
N GLN B 112 -14.02 -16.10 2.34
CA GLN B 112 -13.93 -14.77 2.94
C GLN B 112 -14.17 -13.67 1.91
N GLY B 113 -13.45 -13.73 0.78
CA GLY B 113 -13.62 -12.69 -0.23
C GLY B 113 -14.97 -12.73 -0.89
N SER B 114 -15.49 -13.94 -1.13
CA SER B 114 -16.82 -14.06 -1.72
C SER B 114 -17.89 -13.53 -0.77
N LEU B 115 -17.68 -13.68 0.54
CA LEU B 115 -18.63 -13.13 1.49
C LEU B 115 -18.57 -11.60 1.51
N SER B 116 -17.36 -11.04 1.38
CA SER B 116 -17.23 -9.59 1.30
C SER B 116 -17.94 -9.06 0.06
N ASN B 117 -17.77 -9.74 -1.08
CA ASN B 117 -18.46 -9.32 -2.30
C ASN B 117 -19.96 -9.50 -2.19
N LEU B 118 -20.43 -10.52 -1.46
CA LEU B 118 -21.86 -10.72 -1.29
C LEU B 118 -22.48 -9.60 -0.47
N ALA B 119 -21.82 -9.22 0.62
CA ALA B 119 -22.33 -8.12 1.44
C ALA B 119 -22.31 -6.81 0.67
N ALA B 120 -21.24 -6.57 -0.09
CA ALA B 120 -21.17 -5.34 -0.87
C ALA B 120 -22.25 -5.32 -1.95
N GLY B 121 -22.59 -6.48 -2.51
CA GLY B 121 -23.64 -6.51 -3.51
C GLY B 121 -25.00 -6.27 -2.91
N VAL B 122 -25.23 -6.74 -1.70
CA VAL B 122 -26.47 -6.44 -1.00
C VAL B 122 -26.58 -4.95 -0.75
N LEU B 123 -25.48 -4.32 -0.34
CA LEU B 123 -25.52 -2.88 -0.10
C LEU B 123 -25.76 -2.10 -1.39
N LEU B 124 -25.14 -2.51 -2.49
CA LEU B 124 -25.34 -1.81 -3.75
C LEU B 124 -26.76 -1.96 -4.27
N VAL B 125 -27.40 -3.10 -4.01
CA VAL B 125 -28.77 -3.26 -4.46
C VAL B 125 -29.74 -2.53 -3.53
N MET B 126 -29.36 -2.36 -2.26
CA MET B 126 -30.27 -1.71 -1.33
C MET B 126 -30.23 -0.19 -1.48
N PHE B 127 -29.04 0.40 -1.34
CA PHE B 127 -28.94 1.85 -1.32
C PHE B 127 -28.92 2.49 -2.71
N ARG B 128 -28.69 1.71 -3.75
CA ARG B 128 -28.64 2.20 -5.13
C ARG B 128 -27.77 3.44 -5.32
N PRO B 129 -26.47 3.36 -5.05
CA PRO B 129 -25.57 4.42 -5.53
C PRO B 129 -25.61 4.59 -7.03
N PHE B 130 -25.83 3.51 -7.77
CA PHE B 130 -26.02 3.55 -9.21
C PHE B 130 -27.00 2.46 -9.60
N ARG B 131 -27.73 2.71 -10.68
CA ARG B 131 -28.63 1.71 -11.22
C ARG B 131 -28.20 1.36 -12.63
N ALA B 132 -28.75 0.29 -13.17
CA ALA B 132 -28.39 -0.14 -14.51
C ALA B 132 -28.76 0.93 -15.53
N GLY B 133 -27.87 1.15 -16.49
CA GLY B 133 -28.06 2.18 -17.49
C GLY B 133 -27.52 3.54 -17.14
N GLU B 134 -26.96 3.73 -15.96
CA GLU B 134 -26.35 5.00 -15.59
C GLU B 134 -24.84 4.94 -15.74
N TYR B 135 -24.29 5.92 -16.45
CA TYR B 135 -22.85 6.04 -16.62
C TYR B 135 -22.24 6.33 -15.26
N VAL B 136 -21.15 5.64 -14.92
CA VAL B 136 -20.51 5.80 -13.63
C VAL B 136 -19.00 5.78 -13.82
N ASP B 137 -18.29 5.82 -12.71
CA ASP B 137 -16.82 5.82 -12.69
C ASP B 137 -16.37 5.20 -11.39
N LEU B 138 -16.18 3.89 -11.38
CA LEU B 138 -15.91 3.13 -10.16
C LEU B 138 -14.41 2.90 -10.04
N GLY B 139 -13.71 3.87 -9.44
CA GLY B 139 -12.30 3.68 -9.17
C GLY B 139 -11.37 3.82 -10.36
N GLY B 140 -11.74 4.64 -11.34
CA GLY B 140 -10.92 4.90 -12.49
C GLY B 140 -11.36 4.21 -13.77
N VAL B 141 -12.23 3.21 -13.69
CA VAL B 141 -12.90 2.64 -14.84
C VAL B 141 -14.28 3.27 -14.95
N ALA B 142 -14.73 3.50 -16.18
CA ALA B 142 -15.98 4.21 -16.40
C ALA B 142 -16.73 3.59 -17.56
N GLY B 143 -18.05 3.49 -17.39
CA GLY B 143 -18.89 2.96 -18.45
C GLY B 143 -20.29 2.75 -17.93
N THR B 144 -21.21 2.52 -18.85
CA THR B 144 -22.61 2.28 -18.51
C THR B 144 -22.70 1.03 -17.67
N VAL B 145 -23.44 1.08 -16.56
CA VAL B 145 -23.68 -0.11 -15.77
C VAL B 145 -24.65 -1.01 -16.52
N LEU B 146 -24.44 -2.32 -16.44
CA LEU B 146 -25.31 -3.30 -17.08
C LEU B 146 -26.13 -4.07 -16.07
N SER B 147 -25.51 -4.55 -15.01
CA SER B 147 -26.24 -5.21 -13.93
C SER B 147 -25.31 -5.35 -12.73
N VAL B 148 -25.88 -5.23 -11.55
CA VAL B 148 -25.21 -5.62 -10.31
C VAL B 148 -25.57 -7.07 -10.05
N GLN B 149 -24.59 -7.89 -9.70
CA GLN B 149 -24.81 -9.31 -9.52
C GLN B 149 -24.33 -9.74 -8.14
N ILE B 150 -24.39 -11.04 -7.88
CA ILE B 150 -24.18 -11.54 -6.53
C ILE B 150 -22.78 -11.24 -6.04
N PHE B 151 -21.80 -11.26 -6.95
CA PHE B 151 -20.40 -11.07 -6.57
C PHE B 151 -19.68 -9.96 -7.32
N SER B 152 -20.19 -9.50 -8.45
CA SER B 152 -19.48 -8.52 -9.25
C SER B 152 -20.45 -7.75 -10.12
N THR B 153 -20.06 -6.54 -10.49
CA THR B 153 -20.85 -5.68 -11.35
C THR B 153 -20.26 -5.65 -12.75
N THR B 154 -21.11 -5.79 -13.75
CA THR B 154 -20.71 -5.70 -15.15
C THR B 154 -21.01 -4.29 -15.64
N MET B 155 -20.11 -3.74 -16.46
CA MET B 155 -20.33 -2.45 -17.09
C MET B 155 -19.72 -2.45 -18.48
N ARG B 156 -20.36 -1.75 -19.39
CA ARG B 156 -19.88 -1.62 -20.77
C ARG B 156 -19.31 -0.23 -20.97
N THR B 157 -18.02 -0.14 -21.25
CA THR B 157 -17.38 1.16 -21.43
C THR B 157 -17.90 1.81 -22.72
N ALA B 158 -17.49 3.07 -22.91
CA ALA B 158 -18.02 3.86 -24.01
C ALA B 158 -17.72 3.24 -25.37
N ASP B 159 -16.62 2.51 -25.49
CA ASP B 159 -16.24 1.89 -26.76
C ASP B 159 -16.55 0.40 -26.84
N GLY B 160 -17.35 -0.14 -25.92
CA GLY B 160 -17.85 -1.49 -26.05
C GLY B 160 -17.11 -2.58 -25.30
N LYS B 161 -16.03 -2.27 -24.61
CA LYS B 161 -15.40 -3.26 -23.75
C LYS B 161 -16.25 -3.50 -22.52
N ILE B 162 -16.28 -4.76 -22.08
CA ILE B 162 -17.00 -5.15 -20.85
C ILE B 162 -16.00 -5.17 -19.70
N ILE B 163 -16.40 -4.63 -18.56
CA ILE B 163 -15.57 -4.65 -17.36
C ILE B 163 -16.38 -5.34 -16.26
N VAL B 164 -15.70 -6.14 -15.44
CA VAL B 164 -16.33 -6.87 -14.35
C VAL B 164 -15.60 -6.49 -13.07
N ILE B 165 -16.19 -5.60 -12.29
CA ILE B 165 -15.60 -5.08 -11.07
C ILE B 165 -16.21 -5.83 -9.89
N PRO B 166 -15.41 -6.47 -9.04
CA PRO B 166 -15.97 -7.12 -7.85
C PRO B 166 -16.62 -6.11 -6.92
N ASN B 167 -17.71 -6.53 -6.28
CA ASN B 167 -18.56 -5.60 -5.54
C ASN B 167 -17.83 -4.95 -4.36
N GLY B 168 -16.90 -5.66 -3.75
CA GLY B 168 -16.21 -5.08 -2.61
C GLY B 168 -15.31 -3.93 -2.99
N LYS B 169 -14.66 -4.02 -4.14
CA LYS B 169 -13.86 -2.91 -4.64
C LYS B 169 -14.74 -1.71 -4.97
N ILE B 170 -15.97 -1.95 -5.44
CA ILE B 170 -16.86 -0.85 -5.74
C ILE B 170 -17.31 -0.16 -4.47
N ILE B 171 -17.73 -0.93 -3.47
CA ILE B 171 -18.21 -0.34 -2.23
C ILE B 171 -17.09 0.36 -1.48
N ALA B 172 -15.85 -0.15 -1.58
CA ALA B 172 -14.77 0.42 -0.80
C ALA B 172 -14.33 1.81 -1.27
N GLY B 173 -14.59 2.16 -2.53
CA GLY B 173 -14.10 3.40 -3.10
C GLY B 173 -15.22 4.35 -3.51
N ASN B 174 -14.81 5.44 -4.15
CA ASN B 174 -15.76 6.44 -4.61
C ASN B 174 -16.59 5.91 -5.78
N ILE B 175 -17.79 6.44 -5.92
CA ILE B 175 -18.72 6.05 -6.97
C ILE B 175 -19.23 7.32 -7.63
N ILE B 176 -18.45 7.88 -8.54
CA ILE B 176 -18.86 9.02 -9.33
C ILE B 176 -20.00 8.56 -10.24
N ASN B 177 -20.99 9.41 -10.46
CA ASN B 177 -22.19 9.04 -11.18
C ASN B 177 -22.57 10.16 -12.13
N PHE B 178 -22.20 10.02 -13.39
CA PHE B 178 -22.42 11.06 -14.38
C PHE B 178 -23.88 11.26 -14.72
N SER B 179 -24.72 10.26 -14.52
CA SER B 179 -26.08 10.28 -15.06
C SER B 179 -27.15 10.55 -14.02
N ARG B 180 -26.79 10.81 -12.77
CA ARG B 180 -27.81 10.98 -11.73
C ARG B 180 -28.49 12.34 -11.83
N GLU B 181 -27.71 13.40 -11.92
CA GLU B 181 -28.29 14.75 -11.97
C GLU B 181 -28.85 15.02 -13.36
N PRO B 182 -30.04 15.61 -13.47
CA PRO B 182 -30.57 15.95 -14.78
C PRO B 182 -29.71 16.91 -15.59
N VAL B 183 -29.00 17.84 -14.94
CA VAL B 183 -28.26 18.89 -15.63
C VAL B 183 -26.79 18.78 -15.29
N ARG B 184 -25.94 19.18 -16.23
CA ARG B 184 -24.49 19.13 -16.06
C ARG B 184 -23.85 20.27 -16.84
N ARG B 185 -22.62 20.62 -16.46
CA ARG B 185 -21.97 21.84 -16.91
C ARG B 185 -20.86 21.53 -17.91
N ASN B 186 -20.88 22.24 -19.03
CA ASN B 186 -19.78 22.32 -19.98
C ASN B 186 -18.76 23.35 -19.52
N GLU B 187 -17.51 23.17 -19.94
CA GLU B 187 -16.45 24.14 -19.66
C GLU B 187 -15.52 24.22 -20.85
N PHE B 188 -15.69 25.27 -21.66
CA PHE B 188 -14.79 25.59 -22.75
C PHE B 188 -13.62 26.40 -22.21
N ILE B 189 -12.47 26.28 -22.85
CA ILE B 189 -11.27 27.04 -22.48
C ILE B 189 -10.69 27.60 -23.77
N ILE B 190 -11.24 28.71 -24.23
CA ILE B 190 -10.80 29.36 -25.46
C ILE B 190 -9.54 30.15 -25.15
N GLY B 191 -8.56 30.10 -26.04
CA GLY B 191 -7.35 30.88 -25.86
C GLY B 191 -7.08 31.74 -27.07
N VAL B 192 -7.05 33.05 -26.90
CA VAL B 192 -6.91 33.98 -28.02
C VAL B 192 -5.64 34.80 -27.84
N ALA B 193 -5.26 35.50 -28.90
CA ALA B 193 -4.00 36.25 -28.91
C ALA B 193 -4.04 37.41 -27.92
N TYR B 194 -2.87 37.78 -27.40
CA TYR B 194 -2.80 38.81 -26.38
C TYR B 194 -3.28 40.16 -26.89
N ASP B 195 -3.17 40.41 -28.20
CA ASP B 195 -3.62 41.69 -28.73
C ASP B 195 -5.13 41.74 -28.96
N SER B 196 -5.83 40.63 -28.80
CA SER B 196 -7.27 40.58 -29.02
C SER B 196 -7.99 41.45 -28.01
N ASP B 197 -9.04 42.14 -28.48
CA ASP B 197 -9.87 42.94 -27.60
C ASP B 197 -10.61 42.02 -26.64
N ILE B 198 -10.68 42.40 -25.36
CA ILE B 198 -11.34 41.54 -24.39
C ILE B 198 -12.85 41.71 -24.47
N ASP B 199 -13.33 42.93 -24.66
CA ASP B 199 -14.76 43.16 -24.73
C ASP B 199 -15.37 42.47 -25.95
N GLN B 200 -14.65 42.46 -27.07
CA GLN B 200 -15.19 41.82 -28.27
C GLN B 200 -15.23 40.30 -28.11
N VAL B 201 -14.21 39.73 -27.47
CA VAL B 201 -14.22 38.29 -27.23
C VAL B 201 -15.37 37.92 -26.30
N LYS B 202 -15.53 38.66 -25.20
CA LYS B 202 -16.59 38.33 -24.27
C LYS B 202 -17.95 38.54 -24.91
N GLN B 203 -18.10 39.54 -25.77
CA GLN B 203 -19.38 39.80 -26.40
C GLN B 203 -19.73 38.71 -27.41
N ILE B 204 -18.73 38.23 -28.16
CA ILE B 204 -19.00 37.17 -29.12
C ILE B 204 -19.33 35.87 -28.42
N LEU B 205 -18.58 35.53 -27.38
CA LEU B 205 -18.89 34.31 -26.64
C LEU B 205 -20.26 34.40 -25.97
N THR B 206 -20.62 35.59 -25.50
CA THR B 206 -21.92 35.74 -24.86
C THR B 206 -23.05 35.58 -25.88
N ASN B 207 -22.90 36.17 -27.07
CA ASN B 207 -23.93 35.97 -28.08
C ASN B 207 -24.02 34.51 -28.52
N ILE B 208 -22.87 33.81 -28.56
CA ILE B 208 -22.89 32.42 -28.98
C ILE B 208 -23.62 31.56 -27.95
N ILE B 209 -23.42 31.83 -26.67
CA ILE B 209 -24.13 31.02 -25.69
C ILE B 209 -25.54 31.54 -25.40
N GLN B 210 -25.90 32.73 -25.86
CA GLN B 210 -27.27 33.19 -25.72
C GLN B 210 -28.14 32.71 -26.87
N SER B 211 -27.54 32.44 -28.03
CA SER B 211 -28.33 31.89 -29.12
C SER B 211 -28.50 30.38 -29.03
N GLU B 212 -27.88 29.73 -28.05
CA GLU B 212 -27.96 28.28 -27.89
C GLU B 212 -29.14 27.93 -27.00
N ASP B 213 -30.22 27.40 -27.59
CA ASP B 213 -31.44 27.14 -26.83
C ASP B 213 -31.27 26.01 -25.83
N ARG B 214 -30.32 25.11 -26.04
CA ARG B 214 -30.13 23.99 -25.12
C ARG B 214 -29.32 24.35 -23.89
N ILE B 215 -28.80 25.56 -23.81
CA ILE B 215 -28.08 26.03 -22.64
C ILE B 215 -29.09 26.68 -21.70
N LEU B 216 -29.10 26.23 -20.45
CA LEU B 216 -30.10 26.71 -19.49
C LEU B 216 -29.81 28.13 -19.08
N LYS B 217 -30.73 29.04 -19.38
CA LYS B 217 -30.55 30.45 -19.08
C LYS B 217 -30.75 30.77 -17.61
N ASP B 218 -31.39 29.89 -16.83
CA ASP B 218 -31.59 30.15 -15.42
C ASP B 218 -30.38 29.77 -14.57
N ARG B 219 -29.38 29.13 -15.14
CA ARG B 219 -28.17 28.79 -14.41
C ARG B 219 -27.08 29.84 -14.67
N GLU B 220 -25.86 29.51 -14.26
CA GLU B 220 -24.73 30.38 -14.52
C GLU B 220 -24.34 30.33 -16.00
N MET B 221 -23.83 31.44 -16.51
CA MET B 221 -23.32 31.52 -17.87
C MET B 221 -22.09 32.41 -17.90
N THR B 222 -21.02 31.96 -17.25
CA THR B 222 -19.82 32.76 -17.14
C THR B 222 -19.11 32.89 -18.48
N VAL B 223 -18.59 34.08 -18.74
CA VAL B 223 -17.69 34.34 -19.87
C VAL B 223 -16.64 35.30 -19.34
N ARG B 224 -15.59 34.77 -18.71
CA ARG B 224 -14.63 35.60 -18.01
C ARG B 224 -13.22 35.27 -18.45
N LEU B 225 -12.39 36.29 -18.56
CA LEU B 225 -10.97 36.07 -18.73
C LEU B 225 -10.44 35.35 -17.49
N ASN B 226 -9.65 34.30 -17.70
CA ASN B 226 -9.36 33.38 -16.61
C ASN B 226 -7.87 33.23 -16.34
N GLU B 227 -7.03 33.42 -17.34
CA GLU B 227 -5.60 33.20 -17.15
C GLU B 227 -4.84 33.92 -18.25
N LEU B 228 -3.69 34.48 -17.90
CA LEU B 228 -2.78 35.08 -18.87
C LEU B 228 -1.69 34.04 -19.14
N GLY B 229 -1.85 33.27 -20.21
CA GLY B 229 -0.99 32.13 -20.46
C GLY B 229 0.30 32.51 -21.13
N ALA B 230 1.06 31.48 -21.49
CA ALA B 230 2.37 31.70 -22.09
C ALA B 230 2.25 32.37 -23.46
N SER B 231 1.18 32.07 -24.20
CA SER B 231 1.01 32.60 -25.54
C SER B 231 -0.39 33.13 -25.81
N SER B 232 -1.28 33.05 -24.83
CA SER B 232 -2.68 33.39 -25.06
C SER B 232 -3.35 33.70 -23.74
N ILE B 233 -4.41 34.51 -23.81
CA ILE B 233 -5.28 34.76 -22.66
C ILE B 233 -6.42 33.78 -22.72
N ASN B 234 -6.55 32.93 -21.70
CA ASN B 234 -7.50 31.83 -21.70
C ASN B 234 -8.82 32.28 -21.12
N PHE B 235 -9.81 32.50 -21.98
CA PHE B 235 -11.18 32.72 -21.54
C PHE B 235 -11.80 31.40 -21.12
N VAL B 236 -12.71 31.47 -20.16
CA VAL B 236 -13.46 30.30 -19.70
C VAL B 236 -14.92 30.55 -19.98
N VAL B 237 -15.63 29.52 -20.41
CA VAL B 237 -17.07 29.57 -20.62
C VAL B 237 -17.66 28.35 -19.93
N ARG B 238 -18.54 28.58 -18.97
CA ARG B 238 -19.21 27.52 -18.24
C ARG B 238 -20.70 27.66 -18.41
N VAL B 239 -21.34 26.65 -18.98
CA VAL B 239 -22.76 26.70 -19.25
C VAL B 239 -23.37 25.35 -18.89
N TRP B 240 -24.60 25.37 -18.39
CA TRP B 240 -25.30 24.18 -17.96
C TRP B 240 -26.27 23.72 -19.03
N SER B 241 -26.47 22.40 -19.10
CA SER B 241 -27.43 21.82 -20.04
C SER B 241 -27.87 20.47 -19.50
N ASN B 242 -28.99 19.98 -20.04
CA ASN B 242 -29.50 18.68 -19.64
C ASN B 242 -28.48 17.59 -19.98
N SER B 243 -28.46 16.52 -19.19
CA SER B 243 -27.41 15.52 -19.34
C SER B 243 -27.42 14.92 -20.74
N GLY B 244 -28.57 14.87 -21.40
CA GLY B 244 -28.62 14.32 -22.74
C GLY B 244 -28.16 15.25 -23.84
N ASP B 245 -28.08 16.55 -23.57
CA ASP B 245 -27.66 17.53 -24.56
C ASP B 245 -26.23 18.00 -24.36
N LEU B 246 -25.52 17.44 -23.38
CA LEU B 246 -24.24 18.01 -22.98
C LEU B 246 -23.22 17.95 -24.11
N GLN B 247 -23.03 16.77 -24.69
CA GLN B 247 -21.98 16.61 -25.69
C GLN B 247 -22.33 17.33 -26.99
N ASN B 248 -23.59 17.27 -27.40
CA ASN B 248 -23.99 17.99 -28.61
C ASN B 248 -23.85 19.48 -28.43
N VAL B 249 -24.15 20.00 -27.24
CA VAL B 249 -23.95 21.43 -26.99
C VAL B 249 -22.48 21.76 -27.01
N TYR B 250 -21.63 20.87 -26.49
CA TYR B 250 -20.20 21.14 -26.53
C TYR B 250 -19.71 21.26 -27.96
N TRP B 251 -20.06 20.28 -28.80
CA TRP B 251 -19.57 20.31 -30.17
C TRP B 251 -20.14 21.47 -30.96
N ASP B 252 -21.41 21.82 -30.71
CA ASP B 252 -22.02 22.91 -31.47
C ASP B 252 -21.45 24.26 -31.05
N VAL B 253 -21.30 24.49 -29.75
CA VAL B 253 -20.70 25.73 -29.30
C VAL B 253 -19.25 25.82 -29.76
N LEU B 254 -18.56 24.69 -29.85
CA LEU B 254 -17.17 24.74 -30.28
C LEU B 254 -17.05 25.13 -31.74
N GLU B 255 -17.86 24.51 -32.61
CA GLU B 255 -17.81 24.90 -34.01
C GLU B 255 -18.29 26.33 -34.21
N ARG B 256 -19.26 26.78 -33.43
CA ARG B 256 -19.72 28.16 -33.56
C ARG B 256 -18.65 29.15 -33.09
N ILE B 257 -17.93 28.80 -32.02
CA ILE B 257 -16.83 29.65 -31.57
C ILE B 257 -15.78 29.76 -32.66
N LYS B 258 -15.43 28.63 -33.27
CA LYS B 258 -14.41 28.65 -34.31
C LYS B 258 -14.84 29.52 -35.49
N ARG B 259 -16.07 29.32 -35.97
CA ARG B 259 -16.52 30.07 -37.14
C ARG B 259 -16.64 31.55 -36.84
N GLU B 260 -17.22 31.91 -35.69
CA GLU B 260 -17.43 33.32 -35.39
C GLU B 260 -16.12 34.05 -35.08
N PHE B 261 -15.16 33.38 -34.44
CA PHE B 261 -13.87 34.02 -34.25
C PHE B 261 -13.14 34.21 -35.57
N ASP B 262 -13.24 33.23 -36.47
CA ASP B 262 -12.59 33.42 -37.77
C ASP B 262 -13.26 34.52 -38.57
N ALA B 263 -14.57 34.71 -38.40
CA ALA B 263 -15.26 35.76 -39.12
C ALA B 263 -14.97 37.13 -38.52
N ALA B 264 -14.78 37.20 -37.21
CA ALA B 264 -14.56 38.46 -36.52
C ALA B 264 -13.10 38.90 -36.53
N GLY B 265 -12.19 38.07 -37.02
CA GLY B 265 -10.79 38.42 -37.07
C GLY B 265 -10.00 38.11 -35.82
N ILE B 266 -10.64 37.62 -34.76
CA ILE B 266 -9.92 37.18 -33.59
C ILE B 266 -9.08 35.95 -33.92
N SER B 267 -7.85 35.92 -33.42
CA SER B 267 -6.91 34.87 -33.74
C SER B 267 -6.83 33.84 -32.63
N PHE B 268 -6.60 32.58 -33.00
CA PHE B 268 -6.14 31.58 -32.05
C PHE B 268 -4.64 31.47 -32.23
N PRO B 269 -3.83 31.90 -31.27
CA PRO B 269 -2.38 31.92 -31.47
C PRO B 269 -1.78 30.53 -31.63
N TYR B 270 -0.77 30.45 -32.47
CA TYR B 270 0.19 29.37 -32.43
C TYR B 270 1.14 29.64 -31.28
N PRO B 271 1.84 28.62 -30.78
CA PRO B 271 2.74 28.86 -29.65
C PRO B 271 3.79 29.90 -30.02
N GLN B 272 4.11 30.76 -29.07
CA GLN B 272 4.89 31.95 -29.33
C GLN B 272 6.29 31.81 -28.78
N MET B 273 7.20 32.59 -29.35
CA MET B 273 8.60 32.55 -28.93
C MET B 273 9.27 33.80 -29.48
N ASP B 274 9.72 34.68 -28.59
CA ASP B 274 10.64 35.74 -28.99
C ASP B 274 12.00 35.11 -29.22
N VAL B 275 12.77 35.66 -30.16
CA VAL B 275 14.09 35.14 -30.50
C VAL B 275 15.03 36.32 -30.62
N ASN B 276 16.03 36.37 -29.75
CA ASN B 276 17.04 37.42 -29.76
C ASN B 276 18.21 36.95 -30.60
N PHE B 277 18.23 37.37 -31.87
CA PHE B 277 19.26 36.95 -32.81
C PHE B 277 20.62 37.47 -32.39
N LYS B 278 21.64 36.61 -32.46
CA LYS B 278 23.01 36.97 -32.13
C LYS B 278 23.93 36.28 -33.11
N ARG B 279 24.48 37.02 -34.06
CA ARG B 279 25.38 36.46 -35.07
C ARG B 279 26.79 36.47 -34.51
N VAL B 280 27.21 35.33 -33.96
CA VAL B 280 28.52 35.21 -33.35
C VAL B 280 29.54 34.63 -34.32
N ALA C 19 -45.10 -48.41 22.87
CA ALA C 19 -46.17 -48.67 23.82
C ALA C 19 -45.98 -47.86 25.10
N ASN C 20 -44.72 -47.64 25.46
CA ASN C 20 -44.37 -46.84 26.63
C ASN C 20 -44.32 -45.38 26.23
N GLN C 21 -45.43 -44.67 26.38
CA GLN C 21 -45.54 -43.27 25.98
C GLN C 21 -45.00 -42.30 27.04
N ALA C 22 -44.64 -42.78 28.23
CA ALA C 22 -44.23 -41.87 29.29
C ALA C 22 -42.97 -41.09 28.90
N LEU C 23 -41.97 -41.78 28.35
CA LEU C 23 -40.82 -41.07 27.84
C LEU C 23 -41.18 -40.17 26.66
N LEU C 24 -42.10 -40.63 25.82
CA LEU C 24 -42.56 -39.78 24.72
C LEU C 24 -43.28 -38.56 25.25
N LEU C 25 -44.02 -38.71 26.36
CA LEU C 25 -44.67 -37.55 26.95
C LEU C 25 -43.64 -36.58 27.51
N SER C 26 -42.58 -37.11 28.14
CA SER C 26 -41.54 -36.23 28.66
C SER C 26 -40.83 -35.49 27.53
N TYR C 27 -40.63 -36.15 26.39
CA TYR C 27 -39.95 -35.49 25.29
C TYR C 27 -40.82 -34.42 24.65
N ALA C 28 -42.11 -34.71 24.44
CA ALA C 28 -43.00 -33.69 23.89
C ALA C 28 -43.16 -32.52 24.85
N VAL C 29 -43.16 -32.79 26.15
CA VAL C 29 -43.27 -31.71 27.12
C VAL C 29 -42.02 -30.85 27.11
N ASN C 30 -40.85 -31.47 26.99
CA ASN C 30 -39.62 -30.67 26.90
C ASN C 30 -39.60 -29.82 25.63
N ILE C 31 -40.14 -30.35 24.52
CA ILE C 31 -40.16 -29.56 23.30
C ILE C 31 -41.10 -28.38 23.43
N VAL C 32 -42.28 -28.60 24.02
CA VAL C 32 -43.22 -27.49 24.21
C VAL C 32 -42.64 -26.46 25.16
N ALA C 33 -41.91 -26.91 26.19
CA ALA C 33 -41.28 -25.97 27.10
C ALA C 33 -40.19 -25.18 26.39
N ALA C 34 -39.49 -25.80 25.44
CA ALA C 34 -38.48 -25.05 24.70
C ALA C 34 -39.13 -23.98 23.82
N LEU C 35 -40.24 -24.33 23.16
CA LEU C 35 -40.93 -23.32 22.35
C LEU C 35 -41.48 -22.19 23.21
N ALA C 36 -41.98 -22.53 24.40
CA ALA C 36 -42.49 -21.49 25.29
C ALA C 36 -41.38 -20.58 25.78
N ILE C 37 -40.21 -21.16 26.07
CA ILE C 37 -39.08 -20.32 26.48
C ILE C 37 -38.65 -19.43 25.33
N ILE C 38 -38.73 -19.93 24.09
CA ILE C 38 -38.34 -19.11 22.95
C ILE C 38 -39.29 -17.93 22.79
N ILE C 39 -40.60 -18.19 22.92
CA ILE C 39 -41.57 -17.12 22.73
C ILE C 39 -41.43 -16.07 23.84
N VAL C 40 -41.37 -16.52 25.09
CA VAL C 40 -41.27 -15.57 26.18
C VAL C 40 -39.94 -14.83 26.12
N GLY C 41 -38.89 -15.48 25.63
CA GLY C 41 -37.61 -14.81 25.53
C GLY C 41 -37.59 -13.75 24.45
N LEU C 42 -38.27 -14.00 23.33
CA LEU C 42 -38.37 -12.97 22.32
C LEU C 42 -39.19 -11.79 22.83
N ILE C 43 -40.25 -12.06 23.59
CA ILE C 43 -41.07 -10.97 24.12
C ILE C 43 -40.24 -10.11 25.08
N ILE C 44 -39.56 -10.74 26.02
CA ILE C 44 -38.79 -10.00 27.01
C ILE C 44 -37.61 -9.29 26.35
N ALA C 45 -37.05 -9.87 25.29
CA ALA C 45 -35.96 -9.21 24.59
C ALA C 45 -36.46 -7.93 23.92
N ARG C 46 -37.59 -8.00 23.22
CA ARG C 46 -38.12 -6.81 22.58
C ARG C 46 -38.48 -5.75 23.60
N MET C 47 -39.02 -6.15 24.75
CA MET C 47 -39.43 -5.16 25.73
C MET C 47 -38.22 -4.49 26.37
N ILE C 48 -37.23 -5.26 26.79
CA ILE C 48 -36.06 -4.63 27.42
C ILE C 48 -35.29 -3.80 26.40
N SER C 49 -35.27 -4.21 25.13
CA SER C 49 -34.55 -3.41 24.14
C SER C 49 -35.26 -2.09 23.87
N ASN C 50 -36.60 -2.11 23.77
CA ASN C 50 -37.32 -0.85 23.59
C ASN C 50 -37.17 0.04 24.80
N ALA C 51 -37.12 -0.54 26.00
CA ALA C 51 -36.97 0.28 27.19
C ALA C 51 -35.59 0.92 27.25
N VAL C 52 -34.55 0.16 26.91
CA VAL C 52 -33.20 0.74 26.89
C VAL C 52 -33.10 1.80 25.80
N ASN C 53 -33.80 1.59 24.67
CA ASN C 53 -33.75 2.58 23.60
C ASN C 53 -34.42 3.88 24.01
N ARG C 54 -35.59 3.79 24.65
CA ARG C 54 -36.23 5.00 25.14
C ARG C 54 -35.41 5.67 26.23
N LEU C 55 -34.75 4.88 27.08
CA LEU C 55 -33.93 5.46 28.14
C LEU C 55 -32.72 6.18 27.57
N MET C 56 -32.18 5.69 26.46
CA MET C 56 -31.05 6.39 25.86
C MET C 56 -31.49 7.63 25.09
N ILE C 57 -32.60 7.54 24.35
CA ILE C 57 -33.08 8.70 23.62
C ILE C 57 -33.47 9.82 24.57
N SER C 58 -33.96 9.46 25.76
CA SER C 58 -34.32 10.48 26.74
C SER C 58 -33.10 11.19 27.29
N ARG C 59 -31.93 10.56 27.23
CA ARG C 59 -30.69 11.17 27.70
C ARG C 59 -29.90 11.84 26.57
N LYS C 60 -30.55 12.07 25.43
CA LYS C 60 -29.97 12.78 24.29
C LYS C 60 -28.73 12.07 23.74
N ILE C 61 -28.75 10.75 23.75
CA ILE C 61 -27.78 9.99 22.97
C ILE C 61 -28.20 10.05 21.51
N ASP C 62 -27.23 9.93 20.61
CA ASP C 62 -27.53 9.98 19.18
C ASP C 62 -28.43 8.81 18.80
N ALA C 63 -29.34 9.05 17.85
CA ALA C 63 -30.32 8.04 17.50
C ALA C 63 -29.67 6.78 16.93
N THR C 64 -28.56 6.93 16.21
CA THR C 64 -27.90 5.76 15.65
C THR C 64 -27.18 4.96 16.71
N VAL C 65 -26.51 5.64 17.64
CA VAL C 65 -25.87 4.93 18.74
C VAL C 65 -26.92 4.26 19.62
N ALA C 66 -28.07 4.91 19.77
CA ALA C 66 -29.15 4.30 20.56
C ALA C 66 -29.68 3.05 19.87
N ASP C 67 -29.90 3.12 18.56
CA ASP C 67 -30.37 1.94 17.86
C ASP C 67 -29.33 0.82 17.88
N PHE C 68 -28.05 1.18 17.83
CA PHE C 68 -27.02 0.15 17.85
C PHE C 68 -26.95 -0.55 19.20
N LEU C 69 -26.91 0.22 20.29
CA LEU C 69 -26.83 -0.42 21.61
C LEU C 69 -28.11 -1.17 21.93
N SER C 70 -29.26 -0.68 21.47
CA SER C 70 -30.50 -1.42 21.71
C SER C 70 -30.53 -2.70 20.90
N ALA C 71 -30.00 -2.69 19.68
CA ALA C 71 -29.94 -3.94 18.91
C ALA C 71 -29.00 -4.93 19.57
N LEU C 72 -27.91 -4.45 20.17
CA LEU C 72 -27.01 -5.36 20.87
C LEU C 72 -27.67 -5.96 22.10
N VAL C 73 -28.44 -5.16 22.85
CA VAL C 73 -29.13 -5.69 24.02
C VAL C 73 -30.18 -6.71 23.60
N ARG C 74 -30.89 -6.45 22.50
CA ARG C 74 -31.93 -7.38 22.06
C ARG C 74 -31.33 -8.70 21.59
N TYR C 75 -30.25 -8.65 20.82
CA TYR C 75 -29.63 -9.89 20.38
C TYR C 75 -28.97 -10.62 21.53
N GLY C 76 -28.49 -9.92 22.56
CA GLY C 76 -27.96 -10.63 23.71
C GLY C 76 -29.02 -11.35 24.51
N ILE C 77 -30.17 -10.71 24.71
CA ILE C 77 -31.24 -11.40 25.43
C ILE C 77 -31.78 -12.56 24.60
N ILE C 78 -31.82 -12.41 23.28
CA ILE C 78 -32.25 -13.53 22.45
C ILE C 78 -31.23 -14.66 22.51
N ALA C 79 -29.94 -14.33 22.65
CA ALA C 79 -28.94 -15.39 22.76
C ALA C 79 -29.09 -16.15 24.08
N PHE C 80 -29.39 -15.44 25.16
CA PHE C 80 -29.65 -16.15 26.42
C PHE C 80 -30.87 -17.04 26.30
N THR C 81 -31.91 -16.55 25.61
CA THR C 81 -33.11 -17.36 25.44
C THR C 81 -32.84 -18.60 24.59
N LEU C 82 -32.03 -18.45 23.55
CA LEU C 82 -31.70 -19.61 22.72
C LEU C 82 -30.89 -20.62 23.51
N ILE C 83 -29.95 -20.15 24.33
CA ILE C 83 -29.13 -21.08 25.10
C ILE C 83 -30.00 -21.82 26.10
N ALA C 84 -31.00 -21.15 26.68
CA ALA C 84 -31.87 -21.82 27.63
C ALA C 84 -32.77 -22.85 26.95
N ALA C 85 -33.39 -22.47 25.83
CA ALA C 85 -34.29 -23.42 25.16
C ALA C 85 -33.53 -24.61 24.59
N LEU C 86 -32.38 -24.36 23.95
CA LEU C 86 -31.59 -25.45 23.41
C LEU C 86 -31.00 -26.31 24.51
N GLY C 87 -30.81 -25.76 25.71
CA GLY C 87 -30.48 -26.61 26.83
C GLY C 87 -31.66 -27.46 27.26
N ARG C 88 -32.87 -26.93 27.12
CA ARG C 88 -34.05 -27.71 27.45
C ARG C 88 -34.27 -28.86 26.47
N VAL C 89 -33.82 -28.73 25.22
CA VAL C 89 -33.98 -29.84 24.27
C VAL C 89 -32.79 -30.78 24.33
N GLY C 90 -31.82 -30.49 25.20
CA GLY C 90 -30.71 -31.37 25.43
C GLY C 90 -29.39 -30.94 24.82
N VAL C 91 -29.37 -29.92 23.97
CA VAL C 91 -28.09 -29.40 23.48
C VAL C 91 -27.33 -28.75 24.62
N GLN C 92 -26.03 -29.02 24.69
CA GLN C 92 -25.19 -28.49 25.75
C GLN C 92 -24.93 -27.00 25.54
N THR C 93 -24.59 -26.32 26.64
CA THR C 93 -24.30 -24.90 26.55
C THR C 93 -23.07 -24.62 25.69
N ALA C 94 -22.07 -25.49 25.73
CA ALA C 94 -20.87 -25.28 24.92
C ALA C 94 -21.19 -25.38 23.43
N SER C 95 -22.08 -26.29 23.06
CA SER C 95 -22.45 -26.41 21.65
C SER C 95 -23.17 -25.17 21.17
N VAL C 96 -24.13 -24.68 21.95
CA VAL C 96 -24.90 -23.52 21.53
C VAL C 96 -24.03 -22.30 21.48
N ILE C 97 -23.10 -22.16 22.44
CA ILE C 97 -22.22 -21.00 22.42
C ILE C 97 -21.30 -21.05 21.22
N ALA C 98 -20.81 -22.24 20.87
CA ALA C 98 -19.91 -22.34 19.72
C ALA C 98 -20.64 -22.07 18.43
N VAL C 99 -21.87 -22.57 18.29
CA VAL C 99 -22.58 -22.38 17.03
C VAL C 99 -23.07 -20.93 16.89
N LEU C 100 -23.56 -20.34 17.98
CA LEU C 100 -23.92 -18.92 17.91
C LEU C 100 -22.69 -18.05 17.71
N GLY C 101 -21.54 -18.48 18.20
CA GLY C 101 -20.33 -17.71 17.94
C GLY C 101 -19.89 -17.82 16.49
N ALA C 102 -20.08 -18.98 15.88
CA ALA C 102 -19.76 -19.10 14.46
C ALA C 102 -20.72 -18.28 13.60
N ALA C 103 -22.02 -18.32 13.93
CA ALA C 103 -22.98 -17.50 13.20
C ALA C 103 -22.71 -16.02 13.40
N GLY C 104 -22.28 -15.63 14.59
CA GLY C 104 -21.97 -14.24 14.83
C GLY C 104 -20.70 -13.81 14.14
N LEU C 105 -19.71 -14.70 14.05
CA LEU C 105 -18.50 -14.39 13.30
C LEU C 105 -18.79 -14.28 11.81
N ALA C 106 -19.71 -15.08 11.29
CA ALA C 106 -20.08 -14.95 9.88
C ALA C 106 -20.83 -13.64 9.62
N VAL C 107 -21.81 -13.33 10.47
CA VAL C 107 -22.53 -12.07 10.31
C VAL C 107 -21.59 -10.89 10.49
N GLY C 108 -20.58 -11.03 11.36
CA GLY C 108 -19.64 -9.95 11.55
C GLY C 108 -18.68 -9.80 10.38
N LEU C 109 -18.29 -10.90 9.74
CA LEU C 109 -17.50 -10.78 8.53
C LEU C 109 -18.31 -10.11 7.42
N ALA C 110 -19.61 -10.37 7.37
CA ALA C 110 -20.44 -9.71 6.36
C ALA C 110 -20.62 -8.24 6.66
N LEU C 111 -20.75 -7.87 7.94
CA LEU C 111 -21.10 -6.52 8.33
C LEU C 111 -19.93 -5.69 8.83
N GLN C 112 -18.69 -6.16 8.69
CA GLN C 112 -17.56 -5.43 9.23
C GLN C 112 -17.41 -4.06 8.58
N GLY C 113 -17.42 -4.00 7.26
CA GLY C 113 -17.25 -2.71 6.59
C GLY C 113 -18.44 -1.80 6.80
N SER C 114 -19.64 -2.36 6.81
CA SER C 114 -20.83 -1.55 7.07
C SER C 114 -20.82 -1.00 8.49
N LEU C 115 -20.27 -1.75 9.44
CA LEU C 115 -20.16 -1.24 10.80
C LEU C 115 -19.13 -0.12 10.88
N SER C 116 -18.03 -0.25 10.14
CA SER C 116 -17.06 0.83 10.11
C SER C 116 -17.67 2.10 9.52
N ASN C 117 -18.43 1.96 8.44
CA ASN C 117 -19.09 3.13 7.86
C ASN C 117 -20.16 3.69 8.79
N LEU C 118 -20.83 2.85 9.57
CA LEU C 118 -21.84 3.35 10.50
C LEU C 118 -21.20 4.18 11.59
N ALA C 119 -20.10 3.69 12.16
CA ALA C 119 -19.41 4.45 13.19
C ALA C 119 -18.85 5.75 12.64
N ALA C 120 -18.29 5.71 11.43
CA ALA C 120 -17.77 6.94 10.84
C ALA C 120 -18.89 7.94 10.56
N GLY C 121 -20.08 7.45 10.20
CA GLY C 121 -21.17 8.36 9.97
C GLY C 121 -21.68 8.98 11.25
N VAL C 122 -21.66 8.22 12.35
CA VAL C 122 -22.02 8.80 13.65
C VAL C 122 -21.02 9.90 14.02
N LEU C 123 -19.74 9.66 13.77
CA LEU C 123 -18.74 10.67 14.10
C LEU C 123 -18.91 11.92 13.25
N LEU C 124 -19.20 11.75 11.95
CA LEU C 124 -19.38 12.90 11.07
C LEU C 124 -20.62 13.71 11.43
N VAL C 125 -21.66 13.04 11.93
CA VAL C 125 -22.86 13.80 12.32
C VAL C 125 -22.66 14.45 13.68
N MET C 126 -21.80 13.87 14.53
CA MET C 126 -21.62 14.45 15.86
C MET C 126 -20.67 15.64 15.81
N PHE C 127 -19.46 15.45 15.30
CA PHE C 127 -18.45 16.50 15.36
C PHE C 127 -18.57 17.54 14.26
N ARG C 128 -19.33 17.26 13.20
CA ARG C 128 -19.53 18.18 12.09
C ARG C 128 -18.23 18.77 11.53
N PRO C 129 -17.33 17.94 11.01
CA PRO C 129 -16.24 18.50 10.20
C PRO C 129 -16.75 19.26 8.99
N PHE C 130 -17.88 18.84 8.43
CA PHE C 130 -18.55 19.56 7.35
C PHE C 130 -20.04 19.38 7.50
N ARG C 131 -20.79 20.36 7.05
CA ARG C 131 -22.24 20.28 7.03
C ARG C 131 -22.73 20.37 5.60
N ALA C 132 -23.99 20.06 5.39
CA ALA C 132 -24.56 20.09 4.05
C ALA C 132 -24.52 21.51 3.51
N GLY C 133 -24.17 21.64 2.23
CA GLY C 133 -24.03 22.92 1.58
C GLY C 133 -22.66 23.55 1.67
N GLU C 134 -21.70 22.91 2.33
CA GLU C 134 -20.35 23.43 2.40
C GLU C 134 -19.44 22.70 1.41
N TYR C 135 -18.75 23.46 0.58
CA TYR C 135 -17.79 22.90 -0.36
C TYR C 135 -16.66 22.26 0.44
N VAL C 136 -16.24 21.06 0.05
CA VAL C 136 -15.22 20.33 0.77
C VAL C 136 -14.31 19.64 -0.24
N ASP C 137 -13.38 18.85 0.28
CA ASP C 137 -12.41 18.13 -0.54
C ASP C 137 -11.98 16.89 0.24
N LEU C 138 -12.70 15.79 0.05
CA LEU C 138 -12.53 14.58 0.84
C LEU C 138 -11.64 13.60 0.08
N GLY C 139 -10.33 13.75 0.25
CA GLY C 139 -9.41 12.79 -0.33
C GLY C 139 -9.18 12.92 -1.82
N GLY C 140 -9.29 14.13 -2.36
CA GLY C 140 -9.04 14.38 -3.76
C GLY C 140 -10.26 14.60 -4.61
N VAL C 141 -11.44 14.24 -4.12
CA VAL C 141 -12.71 14.60 -4.75
C VAL C 141 -13.26 15.82 -4.02
N ALA C 142 -13.89 16.73 -4.75
CA ALA C 142 -14.34 17.98 -4.18
C ALA C 142 -15.70 18.36 -4.75
N GLY C 143 -16.57 18.86 -3.88
CA GLY C 143 -17.87 19.32 -4.31
C GLY C 143 -18.72 19.64 -3.11
N THR C 144 -19.84 20.30 -3.37
CA THR C 144 -20.77 20.68 -2.32
C THR C 144 -21.31 19.42 -1.67
N VAL C 145 -21.33 19.39 -0.33
CA VAL C 145 -21.94 18.27 0.36
C VAL C 145 -23.45 18.38 0.23
N LEU C 146 -24.11 17.24 0.08
CA LEU C 146 -25.57 17.19 -0.03
C LEU C 146 -26.21 16.60 1.22
N SER C 147 -25.69 15.48 1.71
CA SER C 147 -26.16 14.91 2.96
C SER C 147 -25.18 13.85 3.41
N VAL C 148 -25.00 13.73 4.71
CA VAL C 148 -24.33 12.60 5.32
C VAL C 148 -25.40 11.57 5.64
N GLN C 149 -25.13 10.31 5.32
CA GLN C 149 -26.11 9.26 5.48
C GLN C 149 -25.53 8.12 6.32
N ILE C 150 -26.31 7.06 6.47
CA ILE C 150 -25.96 6.02 7.44
C ILE C 150 -24.65 5.35 7.06
N PHE C 151 -24.37 5.21 5.76
CA PHE C 151 -23.18 4.51 5.31
C PHE C 151 -22.30 5.29 4.37
N SER C 152 -22.78 6.37 3.76
CA SER C 152 -21.99 7.08 2.76
C SER C 152 -22.49 8.52 2.65
N THR C 153 -21.59 9.39 2.22
CA THR C 153 -21.90 10.80 2.01
C THR C 153 -22.05 11.10 0.53
N THR C 154 -23.09 11.82 0.18
CA THR C 154 -23.32 12.27 -1.19
C THR C 154 -22.81 13.70 -1.34
N MET C 155 -22.19 14.00 -2.47
CA MET C 155 -21.75 15.35 -2.77
C MET C 155 -21.90 15.61 -4.27
N ARG C 156 -22.23 16.85 -4.61
CA ARG C 156 -22.37 17.27 -5.99
C ARG C 156 -21.18 18.13 -6.38
N THR C 157 -20.39 17.67 -7.34
CA THR C 157 -19.21 18.42 -7.75
C THR C 157 -19.63 19.69 -8.46
N ALA C 158 -18.63 20.53 -8.77
CA ALA C 158 -18.92 21.85 -9.32
C ALA C 158 -19.64 21.78 -10.66
N ASP C 159 -19.44 20.71 -11.42
CA ASP C 159 -20.08 20.57 -12.73
C ASP C 159 -21.28 19.63 -12.72
N GLY C 160 -21.78 19.23 -11.56
CA GLY C 160 -23.03 18.51 -11.48
C GLY C 160 -22.95 17.00 -11.35
N LYS C 161 -21.77 16.41 -11.39
CA LYS C 161 -21.65 14.98 -11.09
C LYS C 161 -21.88 14.71 -9.62
N ILE C 162 -22.53 13.60 -9.32
CA ILE C 162 -22.77 13.17 -7.95
C ILE C 162 -21.68 12.18 -7.56
N ILE C 163 -21.13 12.33 -6.36
CA ILE C 163 -20.14 11.40 -5.82
C ILE C 163 -20.68 10.83 -4.53
N VAL C 164 -20.43 9.54 -4.30
CA VAL C 164 -20.87 8.86 -3.09
C VAL C 164 -19.65 8.25 -2.42
N ILE C 165 -19.16 8.92 -1.38
CA ILE C 165 -17.95 8.52 -0.67
C ILE C 165 -18.37 7.76 0.59
N PRO C 166 -17.92 6.53 0.79
CA PRO C 166 -18.24 5.83 2.04
C PRO C 166 -17.65 6.55 3.25
N ASN C 167 -18.38 6.50 4.35
CA ASN C 167 -18.06 7.34 5.51
C ASN C 167 -16.71 7.00 6.12
N GLY C 168 -16.29 5.74 6.04
CA GLY C 168 -15.02 5.36 6.65
C GLY C 168 -13.84 5.96 5.90
N LYS C 169 -13.93 6.03 4.58
CA LYS C 169 -12.89 6.68 3.80
C LYS C 169 -12.82 8.17 4.12
N ILE C 170 -13.96 8.79 4.40
CA ILE C 170 -13.98 10.21 4.73
C ILE C 170 -13.32 10.44 6.08
N ILE C 171 -13.69 9.65 7.08
CA ILE C 171 -13.14 9.84 8.42
C ILE C 171 -11.66 9.50 8.45
N ALA C 172 -11.21 8.54 7.65
CA ALA C 172 -9.83 8.11 7.72
C ALA C 172 -8.84 9.14 7.17
N GLY C 173 -9.28 10.06 6.32
CA GLY C 173 -8.39 10.99 5.65
C GLY C 173 -8.68 12.44 6.02
N ASN C 174 -7.96 13.34 5.35
CA ASN C 174 -8.13 14.76 5.56
C ASN C 174 -9.47 15.24 5.04
N ILE C 175 -9.97 16.31 5.63
CA ILE C 175 -11.25 16.90 5.27
C ILE C 175 -11.04 18.39 5.11
N ILE C 176 -10.53 18.80 3.95
CA ILE C 176 -10.38 20.21 3.62
C ILE C 176 -11.77 20.79 3.47
N ASN C 177 -11.96 22.03 3.91
CA ASN C 177 -13.27 22.64 3.97
C ASN C 177 -13.18 24.08 3.48
N PHE C 178 -13.52 24.29 2.21
CA PHE C 178 -13.39 25.60 1.60
C PHE C 178 -14.35 26.63 2.17
N SER C 179 -15.48 26.20 2.73
CA SER C 179 -16.57 27.12 3.05
C SER C 179 -16.69 27.43 4.54
N ARG C 180 -15.79 26.94 5.38
CA ARG C 180 -15.96 27.15 6.82
C ARG C 180 -15.57 28.57 7.22
N GLU C 181 -14.41 29.04 6.79
CA GLU C 181 -13.94 30.36 7.16
C GLU C 181 -14.68 31.44 6.35
N PRO C 182 -15.14 32.52 6.98
CA PRO C 182 -15.78 33.59 6.22
C PRO C 182 -14.91 34.21 5.14
N VAL C 183 -13.59 34.31 5.34
CA VAL C 183 -12.71 35.02 4.43
C VAL C 183 -11.67 34.05 3.87
N ARG C 184 -11.23 34.32 2.64
CA ARG C 184 -10.25 33.49 1.96
C ARG C 184 -9.40 34.36 1.06
N ARG C 185 -8.21 33.86 0.70
CA ARG C 185 -7.18 34.65 0.04
C ARG C 185 -7.05 34.28 -1.42
N ASN C 186 -7.03 35.28 -2.28
CA ASN C 186 -6.64 35.17 -3.68
C ASN C 186 -5.13 35.26 -3.80
N GLU C 187 -4.59 34.68 -4.86
CA GLU C 187 -3.16 34.77 -5.16
C GLU C 187 -2.95 34.86 -6.65
N PHE C 188 -2.72 36.07 -7.15
CA PHE C 188 -2.35 36.31 -8.53
C PHE C 188 -0.85 36.12 -8.69
N ILE C 189 -0.41 35.73 -9.87
CA ILE C 189 1.00 35.55 -10.19
C ILE C 189 1.24 36.21 -11.53
N ILE C 190 1.41 37.53 -11.53
CA ILE C 190 1.64 38.30 -12.75
C ILE C 190 3.09 38.15 -13.13
N GLY C 191 3.36 37.99 -14.42
CA GLY C 191 4.72 37.92 -14.90
C GLY C 191 4.97 38.93 -15.99
N VAL C 192 5.90 39.85 -15.77
CA VAL C 192 6.15 40.94 -16.70
C VAL C 192 7.58 40.85 -17.21
N ALA C 193 7.87 41.63 -18.25
CA ALA C 193 9.16 41.59 -18.91
C ALA C 193 10.27 42.08 -17.99
N TYR C 194 11.48 41.56 -18.20
CA TYR C 194 12.60 41.90 -17.32
C TYR C 194 12.94 43.39 -17.37
N ASP C 195 12.66 44.06 -18.49
CA ASP C 195 12.97 45.47 -18.59
C ASP C 195 11.93 46.36 -17.93
N SER C 196 10.81 45.79 -17.48
CA SER C 196 9.76 46.57 -16.85
C SER C 196 10.23 47.18 -15.55
N ASP C 197 9.80 48.42 -15.30
CA ASP C 197 10.10 49.09 -14.04
C ASP C 197 9.41 48.36 -12.90
N ILE C 198 10.11 48.16 -11.78
CA ILE C 198 9.50 47.44 -10.67
C ILE C 198 8.59 48.35 -9.88
N ASP C 199 8.99 49.61 -9.67
CA ASP C 199 8.15 50.53 -8.91
C ASP C 199 6.85 50.80 -9.63
N GLN C 200 6.86 50.90 -10.96
CA GLN C 200 5.63 51.16 -11.68
C GLN C 200 4.70 49.97 -11.63
N VAL C 201 5.24 48.75 -11.72
CA VAL C 201 4.41 47.56 -11.63
C VAL C 201 3.78 47.47 -10.24
N LYS C 202 4.58 47.66 -9.20
CA LYS C 202 4.04 47.56 -7.85
C LYS C 202 3.02 48.67 -7.59
N GLN C 203 3.24 49.86 -8.15
CA GLN C 203 2.30 50.95 -7.92
C GLN C 203 0.99 50.70 -8.64
N ILE C 204 1.03 50.16 -9.86
CA ILE C 204 -0.21 49.87 -10.58
C ILE C 204 -0.97 48.75 -9.91
N LEU C 205 -0.28 47.68 -9.48
CA LEU C 205 -0.99 46.61 -8.80
C LEU C 205 -1.56 47.10 -7.47
N THR C 206 -0.86 47.99 -6.79
CA THR C 206 -1.37 48.50 -5.52
C THR C 206 -2.61 49.35 -5.74
N ASN C 207 -2.61 50.20 -6.76
CA ASN C 207 -3.81 50.99 -7.02
C ASN C 207 -4.97 50.10 -7.45
N ILE C 208 -4.69 49.01 -8.18
CA ILE C 208 -5.76 48.12 -8.61
C ILE C 208 -6.37 47.41 -7.42
N ILE C 209 -5.56 46.99 -6.45
CA ILE C 209 -6.16 46.33 -5.29
C ILE C 209 -6.65 47.31 -4.24
N GLN C 210 -6.30 48.59 -4.33
CA GLN C 210 -6.86 49.56 -3.40
C GLN C 210 -8.19 50.11 -3.89
N SER C 211 -8.43 50.07 -5.21
CA SER C 211 -9.73 50.49 -5.71
C SER C 211 -10.78 49.38 -5.63
N GLU C 212 -10.40 48.18 -5.23
CA GLU C 212 -11.31 47.05 -5.15
C GLU C 212 -11.96 47.00 -3.78
N ASP C 213 -13.24 47.38 -3.70
CA ASP C 213 -13.93 47.48 -2.41
C ASP C 213 -14.15 46.13 -1.76
N ARG C 214 -14.17 45.05 -2.54
CA ARG C 214 -14.41 43.74 -1.97
C ARG C 214 -13.17 43.09 -1.38
N ILE C 215 -12.01 43.72 -1.53
CA ILE C 215 -10.78 43.25 -0.92
C ILE C 215 -10.64 43.86 0.46
N LEU C 216 -10.44 43.02 1.47
CA LEU C 216 -10.43 43.48 2.85
C LEU C 216 -9.15 44.26 3.12
N LYS C 217 -9.31 45.53 3.47
CA LYS C 217 -8.16 46.39 3.71
C LYS C 217 -7.50 46.15 5.06
N ASP C 218 -8.19 45.48 6.00
CA ASP C 218 -7.59 45.19 7.29
C ASP C 218 -6.71 43.95 7.28
N ARG C 219 -6.67 43.20 6.19
CA ARG C 219 -5.82 42.03 6.08
C ARG C 219 -4.53 42.40 5.35
N GLU C 220 -3.78 41.37 4.97
CA GLU C 220 -2.58 41.58 4.18
C GLU C 220 -2.94 41.95 2.76
N MET C 221 -2.09 42.75 2.13
CA MET C 221 -2.24 43.11 0.72
C MET C 221 -0.87 43.19 0.06
N THR C 222 -0.20 42.05 -0.04
CA THR C 222 1.16 42.01 -0.56
C THR C 222 1.18 42.30 -2.06
N VAL C 223 2.18 43.05 -2.49
CA VAL C 223 2.49 43.27 -3.90
C VAL C 223 4.01 43.26 -3.98
N ARG C 224 4.60 42.08 -4.09
CA ARG C 224 6.05 41.94 -4.00
C ARG C 224 6.58 41.17 -5.18
N LEU C 225 7.75 41.57 -5.66
CA LEU C 225 8.48 40.75 -6.61
C LEU C 225 8.85 39.45 -5.95
N ASN C 226 8.60 38.34 -6.63
CA ASN C 226 8.64 37.04 -5.98
C ASN C 226 9.63 36.06 -6.60
N GLU C 227 9.92 36.19 -7.88
CA GLU C 227 10.79 35.24 -8.55
C GLU C 227 11.31 35.86 -9.83
N LEU C 228 12.56 35.58 -10.15
CA LEU C 228 13.17 35.97 -11.42
C LEU C 228 13.13 34.74 -12.32
N GLY C 229 12.11 34.67 -13.17
CA GLY C 229 11.84 33.48 -13.94
C GLY C 229 12.67 33.39 -15.19
N ALA C 230 12.37 32.37 -15.99
CA ALA C 230 13.12 32.13 -17.21
C ALA C 230 12.94 33.26 -18.22
N SER C 231 11.76 33.86 -18.25
CA SER C 231 11.45 34.91 -19.22
C SER C 231 10.77 36.12 -18.61
N SER C 232 10.51 36.11 -17.31
CA SER C 232 9.72 37.16 -16.69
C SER C 232 10.00 37.20 -15.20
N ILE C 233 9.79 38.36 -14.60
CA ILE C 233 9.83 38.52 -13.16
C ILE C 233 8.42 38.36 -12.63
N ASN C 234 8.20 37.38 -11.77
CA ASN C 234 6.87 37.01 -11.33
C ASN C 234 6.51 37.77 -10.06
N PHE C 235 5.67 38.78 -10.20
CA PHE C 235 5.08 39.46 -9.06
C PHE C 235 4.00 38.59 -8.46
N VAL C 236 3.82 38.70 -7.14
CA VAL C 236 2.75 37.99 -6.44
C VAL C 236 1.84 39.04 -5.82
N VAL C 237 0.54 38.78 -5.85
CA VAL C 237 -0.45 39.61 -5.20
C VAL C 237 -1.36 38.70 -4.40
N ARG C 238 -1.42 38.93 -3.09
CA ARG C 238 -2.24 38.14 -2.19
C ARG C 238 -3.19 39.07 -1.47
N VAL C 239 -4.49 38.86 -1.66
CA VAL C 239 -5.51 39.71 -1.09
C VAL C 239 -6.63 38.85 -0.54
N TRP C 240 -7.22 39.27 0.56
CA TRP C 240 -8.28 38.53 1.22
C TRP C 240 -9.64 39.10 0.86
N SER C 241 -10.65 38.23 0.83
CA SER C 241 -12.02 38.64 0.54
C SER C 241 -12.96 37.61 1.13
N ASN C 242 -14.22 38.02 1.30
CA ASN C 242 -15.24 37.11 1.81
C ASN C 242 -15.40 35.92 0.88
N SER C 243 -15.76 34.76 1.45
CA SER C 243 -15.77 33.54 0.65
C SER C 243 -16.71 33.65 -0.54
N GLY C 244 -17.77 34.46 -0.43
CA GLY C 244 -18.68 34.61 -1.55
C GLY C 244 -18.20 35.54 -2.64
N ASP C 245 -17.21 36.38 -2.38
CA ASP C 245 -16.70 37.33 -3.36
C ASP C 245 -15.38 36.88 -3.96
N LEU C 246 -14.88 35.71 -3.60
CA LEU C 246 -13.52 35.34 -3.95
C LEU C 246 -13.33 35.25 -5.46
N GLN C 247 -14.20 34.48 -6.13
CA GLN C 247 -13.99 34.25 -7.55
C GLN C 247 -14.28 35.50 -8.37
N ASN C 248 -15.31 36.26 -8.00
CA ASN C 248 -15.59 37.49 -8.73
C ASN C 248 -14.46 38.50 -8.55
N VAL C 249 -13.87 38.55 -7.36
CA VAL C 249 -12.72 39.44 -7.16
C VAL C 249 -11.53 38.97 -7.99
N TYR C 250 -11.35 37.65 -8.09
CA TYR C 250 -10.25 37.16 -8.91
C TYR C 250 -10.42 37.59 -10.35
N TRP C 251 -11.61 37.37 -10.93
CA TRP C 251 -11.80 37.70 -12.34
C TRP C 251 -11.75 39.20 -12.58
N ASP C 252 -12.26 39.99 -11.64
CA ASP C 252 -12.26 41.44 -11.83
C ASP C 252 -10.86 42.02 -11.71
N VAL C 253 -10.09 41.58 -10.71
CA VAL C 253 -8.73 42.05 -10.59
C VAL C 253 -7.90 41.59 -11.77
N LEU C 254 -8.20 40.41 -12.32
CA LEU C 254 -7.42 39.92 -13.46
C LEU C 254 -7.68 40.76 -14.70
N GLU C 255 -8.94 41.05 -15.00
CA GLU C 255 -9.22 41.90 -16.15
C GLU C 255 -8.69 43.31 -15.95
N ARG C 256 -8.73 43.82 -14.72
CA ARG C 256 -8.20 45.16 -14.47
C ARG C 256 -6.69 45.18 -14.61
N ILE C 257 -6.01 44.13 -14.17
CA ILE C 257 -4.56 44.03 -14.35
C ILE C 257 -4.23 44.03 -15.83
N LYS C 258 -4.96 43.25 -16.61
CA LYS C 258 -4.69 43.19 -18.05
C LYS C 258 -4.88 44.54 -18.70
N ARG C 259 -6.00 45.20 -18.43
CA ARG C 259 -6.29 46.47 -19.08
C ARG C 259 -5.29 47.55 -18.66
N GLU C 260 -4.99 47.64 -17.36
CA GLU C 260 -4.11 48.69 -16.89
C GLU C 260 -2.66 48.48 -17.33
N PHE C 261 -2.20 47.23 -17.39
CA PHE C 261 -0.86 46.99 -17.91
C PHE C 261 -0.79 47.31 -19.39
N ASP C 262 -1.83 46.97 -20.15
CA ASP C 262 -1.80 47.32 -21.58
C ASP C 262 -1.86 48.83 -21.78
N ALA C 263 -2.52 49.55 -20.88
CA ALA C 263 -2.58 51.00 -21.01
C ALA C 263 -1.27 51.66 -20.59
N ALA C 264 -0.59 51.09 -19.60
CA ALA C 264 0.63 51.65 -19.07
C ALA C 264 1.87 51.27 -19.87
N GLY C 265 1.75 50.37 -20.85
CA GLY C 265 2.88 49.96 -21.65
C GLY C 265 3.68 48.82 -21.09
N ILE C 266 3.36 48.33 -19.89
CA ILE C 266 4.03 47.16 -19.36
C ILE C 266 3.66 45.95 -20.20
N SER C 267 4.64 45.10 -20.47
CA SER C 267 4.47 43.95 -21.35
C SER C 267 4.29 42.67 -20.56
N PHE C 268 3.49 41.75 -21.09
CA PHE C 268 3.52 40.37 -20.62
C PHE C 268 4.37 39.60 -21.62
N PRO C 269 5.56 39.14 -21.25
CA PRO C 269 6.44 38.51 -22.24
C PRO C 269 5.88 37.22 -22.81
N TYR C 270 6.17 36.99 -24.08
CA TYR C 270 6.13 35.67 -24.65
C TYR C 270 7.39 34.93 -24.23
N PRO C 271 7.39 33.60 -24.28
CA PRO C 271 8.58 32.87 -23.85
C PRO C 271 9.79 33.29 -24.67
N GLN C 272 10.92 33.40 -23.99
CA GLN C 272 12.09 34.04 -24.57
C GLN C 272 13.15 33.00 -24.90
N MET C 273 14.02 33.36 -25.84
CA MET C 273 15.08 32.47 -26.29
C MET C 273 16.11 33.31 -27.03
N ASP C 274 17.31 33.39 -26.49
CA ASP C 274 18.45 33.90 -27.25
C ASP C 274 18.85 32.84 -28.26
N VAL C 275 19.32 33.26 -29.42
CA VAL C 275 19.74 32.33 -30.47
C VAL C 275 21.07 32.82 -31.02
N ASN C 276 22.10 32.00 -30.87
CA ASN C 276 23.43 32.31 -31.36
C ASN C 276 23.57 31.71 -32.75
N PHE C 277 23.35 32.53 -33.78
CA PHE C 277 23.39 32.08 -35.16
C PHE C 277 24.78 31.63 -35.55
N LYS C 278 24.87 30.49 -36.24
CA LYS C 278 26.14 29.95 -36.71
C LYS C 278 25.92 29.36 -38.09
N ARG C 279 26.39 30.04 -39.13
CA ARG C 279 26.21 29.57 -40.50
C ARG C 279 27.37 28.64 -40.84
N VAL C 280 27.13 27.35 -40.71
CA VAL C 280 28.16 26.34 -40.95
C VAL C 280 28.08 25.79 -42.36
N ALA D 19 -51.68 -23.86 40.58
CA ALA D 19 -52.19 -23.91 41.95
C ALA D 19 -51.04 -23.91 42.95
N ASN D 20 -49.91 -24.52 42.55
CA ASN D 20 -48.72 -24.56 43.38
C ASN D 20 -47.90 -23.30 43.13
N GLN D 21 -48.13 -22.27 43.94
CA GLN D 21 -47.45 -20.99 43.77
C GLN D 21 -46.07 -20.95 44.40
N ALA D 22 -45.66 -21.98 45.14
CA ALA D 22 -44.39 -21.91 45.85
C ALA D 22 -43.21 -21.80 44.88
N LEU D 23 -43.22 -22.59 43.81
CA LEU D 23 -42.19 -22.42 42.79
C LEU D 23 -42.34 -21.08 42.09
N LEU D 24 -43.57 -20.61 41.88
CA LEU D 24 -43.75 -19.29 41.30
C LEU D 24 -43.23 -18.21 42.24
N LEU D 25 -43.38 -18.41 43.54
CA LEU D 25 -42.83 -17.45 44.49
C LEU D 25 -41.31 -17.46 44.43
N SER D 26 -40.70 -18.63 44.32
CA SER D 26 -39.25 -18.69 44.22
C SER D 26 -38.75 -18.02 42.95
N TYR D 27 -39.49 -18.15 41.85
CA TYR D 27 -39.06 -17.55 40.60
C TYR D 27 -39.20 -16.03 40.65
N ALA D 28 -40.31 -15.53 41.19
CA ALA D 28 -40.47 -14.09 41.30
C ALA D 28 -39.44 -13.50 42.26
N VAL D 29 -39.10 -14.24 43.32
CA VAL D 29 -38.10 -13.75 44.26
C VAL D 29 -36.72 -13.72 43.61
N ASN D 30 -36.40 -14.73 42.79
CA ASN D 30 -35.12 -14.68 42.09
C ASN D 30 -35.06 -13.53 41.10
N ILE D 31 -36.19 -13.22 40.46
CA ILE D 31 -36.18 -12.10 39.51
C ILE D 31 -36.00 -10.77 40.24
N VAL D 32 -36.68 -10.60 41.38
CA VAL D 32 -36.51 -9.37 42.13
C VAL D 32 -35.09 -9.26 42.67
N ALA D 33 -34.50 -10.39 43.06
CA ALA D 33 -33.11 -10.34 43.53
C ALA D 33 -32.17 -10.00 42.39
N ALA D 34 -32.48 -10.43 41.17
CA ALA D 34 -31.64 -10.06 40.04
C ALA D 34 -31.72 -8.56 39.76
N LEU D 35 -32.93 -8.00 39.82
CA LEU D 35 -33.06 -6.56 39.60
C LEU D 35 -32.36 -5.78 40.72
N ALA D 36 -32.44 -6.27 41.96
CA ALA D 36 -31.76 -5.57 43.05
C ALA D 36 -30.25 -5.65 42.89
N ILE D 37 -29.73 -6.78 42.43
CA ILE D 37 -28.30 -6.88 42.18
C ILE D 37 -27.89 -5.94 41.06
N ILE D 38 -28.75 -5.79 40.05
CA ILE D 38 -28.43 -4.89 38.95
C ILE D 38 -28.35 -3.45 39.45
N ILE D 39 -29.32 -3.03 40.26
CA ILE D 39 -29.36 -1.66 40.74
C ILE D 39 -28.15 -1.39 41.64
N VAL D 40 -27.91 -2.27 42.61
CA VAL D 40 -26.81 -2.04 43.52
C VAL D 40 -25.48 -2.10 42.77
N GLY D 41 -25.40 -2.93 41.73
CA GLY D 41 -24.17 -3.01 40.98
C GLY D 41 -23.90 -1.77 40.16
N LEU D 42 -24.95 -1.18 39.60
CA LEU D 42 -24.75 0.09 38.90
C LEU D 42 -24.33 1.19 39.86
N ILE D 43 -24.90 1.19 41.07
CA ILE D 43 -24.53 2.22 42.03
C ILE D 43 -23.07 2.08 42.43
N ILE D 44 -22.65 0.86 42.78
CA ILE D 44 -21.27 0.64 43.21
C ILE D 44 -20.30 0.87 42.05
N ALA D 45 -20.73 0.57 40.81
CA ALA D 45 -19.86 0.84 39.67
C ALA D 45 -19.63 2.32 39.49
N ARG D 46 -20.70 3.12 39.56
CA ARG D 46 -20.54 4.56 39.41
C ARG D 46 -19.68 5.13 40.53
N MET D 47 -19.86 4.61 41.75
CA MET D 47 -19.09 5.17 42.87
C MET D 47 -17.62 4.84 42.76
N ILE D 48 -17.29 3.57 42.48
CA ILE D 48 -15.88 3.21 42.39
C ILE D 48 -15.23 3.88 41.18
N SER D 49 -15.98 4.08 40.08
CA SER D 49 -15.39 4.73 38.93
C SER D 49 -15.12 6.21 39.20
N ASN D 50 -16.05 6.90 39.86
CA ASN D 50 -15.79 8.30 40.22
C ASN D 50 -14.64 8.41 41.20
N ALA D 51 -14.51 7.45 42.11
CA ALA D 51 -13.40 7.51 43.07
C ALA D 51 -12.07 7.29 42.39
N VAL D 52 -12.00 6.32 41.47
CA VAL D 52 -10.76 6.10 40.73
C VAL D 52 -10.45 7.31 39.84
N ASN D 53 -11.47 7.96 39.31
CA ASN D 53 -11.24 9.13 38.47
C ASN D 53 -10.68 10.29 39.28
N ARG D 54 -11.25 10.54 40.45
CA ARG D 54 -10.70 11.60 41.31
C ARG D 54 -9.31 11.25 41.78
N LEU D 55 -9.05 9.97 42.05
CA LEU D 55 -7.72 9.56 42.51
C LEU D 55 -6.68 9.76 41.41
N MET D 56 -7.07 9.56 40.15
CA MET D 56 -6.12 9.77 39.08
C MET D 56 -5.92 11.25 38.78
N ILE D 57 -7.00 12.04 38.78
CA ILE D 57 -6.86 13.47 38.54
C ILE D 57 -6.03 14.12 39.63
N SER D 58 -6.11 13.61 40.86
CA SER D 58 -5.31 14.17 41.94
C SER D 58 -3.82 13.89 41.76
N ARG D 59 -3.49 12.84 41.00
CA ARG D 59 -2.10 12.49 40.73
C ARG D 59 -1.60 13.07 39.41
N LYS D 60 -2.32 14.05 38.85
CA LYS D 60 -1.92 14.76 37.64
C LYS D 60 -1.80 13.83 36.43
N ILE D 61 -2.64 12.82 36.36
CA ILE D 61 -2.81 12.08 35.11
C ILE D 61 -3.61 12.94 34.15
N ASP D 62 -3.42 12.72 32.85
CA ASP D 62 -4.15 13.50 31.86
C ASP D 62 -5.63 13.21 31.96
N ALA D 63 -6.45 14.23 31.71
CA ALA D 63 -7.90 14.09 31.91
C ALA D 63 -8.49 13.04 30.98
N THR D 64 -7.95 12.90 29.77
CA THR D 64 -8.50 11.90 28.86
C THR D 64 -8.10 10.49 29.27
N VAL D 65 -6.85 10.29 29.69
CA VAL D 65 -6.46 8.98 30.19
C VAL D 65 -7.24 8.64 31.46
N ALA D 66 -7.52 9.65 32.28
CA ALA D 66 -8.30 9.41 33.49
C ALA D 66 -9.72 8.99 33.14
N ASP D 67 -10.34 9.68 32.18
CA ASP D 67 -11.69 9.30 31.79
C ASP D 67 -11.71 7.93 31.14
N PHE D 68 -10.66 7.57 30.41
CA PHE D 68 -10.63 6.28 29.76
C PHE D 68 -10.51 5.16 30.79
N LEU D 69 -9.56 5.27 31.71
CA LEU D 69 -9.39 4.21 32.70
C LEU D 69 -10.59 4.14 33.64
N SER D 70 -11.22 5.28 33.95
CA SER D 70 -12.41 5.24 34.79
C SER D 70 -13.57 4.59 34.05
N ALA D 71 -13.71 4.84 32.75
CA ALA D 71 -14.76 4.17 31.99
C ALA D 71 -14.52 2.68 31.94
N LEU D 72 -13.25 2.25 31.85
CA LEU D 72 -12.98 0.82 31.85
C LEU D 72 -13.31 0.20 33.19
N VAL D 73 -13.00 0.89 34.29
CA VAL D 73 -13.34 0.34 35.61
C VAL D 73 -14.85 0.25 35.78
N ARG D 74 -15.58 1.26 35.29
CA ARG D 74 -17.03 1.25 35.45
C ARG D 74 -17.66 0.13 34.63
N TYR D 75 -17.23 -0.05 33.39
CA TYR D 75 -17.80 -1.13 32.59
C TYR D 75 -17.38 -2.49 33.11
N GLY D 76 -16.21 -2.62 33.74
CA GLY D 76 -15.84 -3.89 34.33
C GLY D 76 -16.70 -4.24 35.54
N ILE D 77 -16.97 -3.26 36.40
CA ILE D 77 -17.83 -3.54 37.54
C ILE D 77 -19.25 -3.82 37.08
N ILE D 78 -19.71 -3.15 36.03
CA ILE D 78 -21.03 -3.45 35.50
C ILE D 78 -21.07 -4.85 34.90
N ALA D 79 -19.95 -5.30 34.31
CA ALA D 79 -19.93 -6.66 33.76
C ALA D 79 -19.99 -7.69 34.88
N PHE D 80 -19.30 -7.45 35.99
CA PHE D 80 -19.43 -8.38 37.12
C PHE D 80 -20.86 -8.39 37.65
N THR D 81 -21.51 -7.23 37.70
CA THR D 81 -22.87 -7.17 38.18
C THR D 81 -23.83 -7.90 37.24
N LEU D 82 -23.62 -7.77 35.93
CA LEU D 82 -24.46 -8.48 34.99
C LEU D 82 -24.26 -9.98 35.11
N ILE D 83 -23.02 -10.42 35.28
CA ILE D 83 -22.78 -11.86 35.39
C ILE D 83 -23.43 -12.40 36.65
N ALA D 84 -23.42 -11.63 37.73
CA ALA D 84 -24.05 -12.10 38.96
C ALA D 84 -25.57 -12.16 38.84
N ALA D 85 -26.19 -11.10 38.30
CA ALA D 85 -27.64 -11.10 38.18
C ALA D 85 -28.14 -12.16 37.20
N LEU D 86 -27.47 -12.27 36.04
CA LEU D 86 -27.86 -13.28 35.07
C LEU D 86 -27.59 -14.68 35.59
N GLY D 87 -26.64 -14.85 36.50
CA GLY D 87 -26.53 -16.13 37.18
C GLY D 87 -27.68 -16.36 38.13
N ARG D 88 -28.19 -15.29 38.74
CA ARG D 88 -29.34 -15.43 39.62
C ARG D 88 -30.60 -15.81 38.85
N VAL D 89 -30.72 -15.41 37.57
CA VAL D 89 -31.91 -15.79 36.81
C VAL D 89 -31.70 -17.14 36.12
N GLY D 90 -30.53 -17.74 36.31
CA GLY D 90 -30.28 -19.07 35.80
C GLY D 90 -29.38 -19.16 34.58
N VAL D 91 -29.04 -18.03 33.95
CA VAL D 91 -28.07 -18.06 32.87
C VAL D 91 -26.70 -18.43 33.43
N GLN D 92 -26.00 -19.30 32.73
CA GLN D 92 -24.68 -19.74 33.16
C GLN D 92 -23.63 -18.66 32.95
N THR D 93 -22.54 -18.76 33.71
CA THR D 93 -21.47 -17.78 33.58
C THR D 93 -20.82 -17.83 32.20
N ALA D 94 -20.72 -19.02 31.61
CA ALA D 94 -20.11 -19.11 30.28
C ALA D 94 -20.96 -18.42 29.23
N SER D 95 -22.28 -18.52 29.35
CA SER D 95 -23.16 -17.86 28.39
C SER D 95 -23.02 -16.35 28.49
N VAL D 96 -23.04 -15.82 29.72
CA VAL D 96 -22.97 -14.38 29.89
C VAL D 96 -21.62 -13.86 29.45
N ILE D 97 -20.55 -14.60 29.72
CA ILE D 97 -19.23 -14.15 29.29
C ILE D 97 -19.14 -14.17 27.78
N ALA D 98 -19.72 -15.18 27.13
CA ALA D 98 -19.64 -15.23 25.67
C ALA D 98 -20.46 -14.12 25.04
N VAL D 99 -21.63 -13.83 25.58
CA VAL D 99 -22.49 -12.82 24.97
C VAL D 99 -21.94 -11.42 25.22
N LEU D 100 -21.44 -11.16 26.44
CA LEU D 100 -20.80 -9.87 26.69
C LEU D 100 -19.52 -9.73 25.89
N GLY D 101 -18.84 -10.84 25.62
CA GLY D 101 -17.66 -10.76 24.78
C GLY D 101 -18.00 -10.46 23.33
N ALA D 102 -19.11 -11.00 22.84
CA ALA D 102 -19.54 -10.66 21.49
C ALA D 102 -19.99 -9.22 21.39
N ALA D 103 -20.73 -8.73 22.39
CA ALA D 103 -21.13 -7.32 22.39
C ALA D 103 -19.93 -6.41 22.50
N GLY D 104 -18.92 -6.83 23.28
CA GLY D 104 -17.73 -6.01 23.39
C GLY D 104 -16.89 -6.03 22.14
N LEU D 105 -16.85 -7.17 21.45
CA LEU D 105 -16.15 -7.23 20.17
C LEU D 105 -16.85 -6.39 19.11
N ALA D 106 -18.18 -6.33 19.15
CA ALA D 106 -18.90 -5.47 18.20
C ALA D 106 -18.65 -3.99 18.50
N VAL D 107 -18.77 -3.61 19.78
CA VAL D 107 -18.49 -2.22 20.14
C VAL D 107 -17.04 -1.87 19.85
N GLY D 108 -16.13 -2.83 19.99
CA GLY D 108 -14.74 -2.56 19.69
C GLY D 108 -14.47 -2.43 18.21
N LEU D 109 -15.18 -3.21 17.38
CA LEU D 109 -15.06 -3.01 15.94
C LEU D 109 -15.60 -1.65 15.53
N ALA D 110 -16.64 -1.18 16.21
CA ALA D 110 -17.17 0.14 15.89
C ALA D 110 -16.22 1.25 16.35
N LEU D 111 -15.57 1.07 17.50
CA LEU D 111 -14.78 2.12 18.11
C LEU D 111 -13.27 1.96 17.92
N GLN D 112 -12.83 1.04 17.07
CA GLN D 112 -11.39 0.82 16.93
C GLN D 112 -10.66 2.04 16.42
N GLY D 113 -11.16 2.65 15.34
CA GLY D 113 -10.50 3.81 14.79
C GLY D 113 -10.61 5.03 15.69
N SER D 114 -11.76 5.19 16.34
CA SER D 114 -11.91 6.29 17.29
C SER D 114 -10.99 6.13 18.48
N LEU D 115 -10.73 4.90 18.90
CA LEU D 115 -9.79 4.66 19.99
C LEU D 115 -8.37 4.98 19.56
N SER D 116 -8.03 4.64 18.33
CA SER D 116 -6.69 4.99 17.83
C SER D 116 -6.51 6.51 17.77
N ASN D 117 -7.54 7.22 17.31
CA ASN D 117 -7.46 8.68 17.28
C ASN D 117 -7.43 9.26 18.70
N LEU D 118 -8.11 8.64 19.65
CA LEU D 118 -8.08 9.13 21.02
C LEU D 118 -6.69 9.00 21.63
N ALA D 119 -6.05 7.85 21.43
CA ALA D 119 -4.71 7.66 21.95
C ALA D 119 -3.73 8.61 21.28
N ALA D 120 -3.86 8.79 19.96
CA ALA D 120 -2.96 9.71 19.27
C ALA D 120 -3.18 11.14 19.74
N GLY D 121 -4.41 11.51 20.09
CA GLY D 121 -4.64 12.85 20.58
C GLY D 121 -4.07 13.06 21.97
N VAL D 122 -4.11 12.02 22.80
CA VAL D 122 -3.46 12.11 24.10
C VAL D 122 -1.96 12.29 23.94
N LEU D 123 -1.36 11.57 22.99
CA LEU D 123 0.08 11.72 22.77
C LEU D 123 0.42 13.10 22.25
N LEU D 124 -0.39 13.64 21.34
CA LEU D 124 -0.11 14.97 20.79
C LEU D 124 -0.27 16.05 21.85
N VAL D 125 -1.18 15.88 22.80
CA VAL D 125 -1.33 16.88 23.84
C VAL D 125 -0.23 16.73 24.90
N MET D 126 0.28 15.52 25.08
CA MET D 126 1.31 15.31 26.10
C MET D 126 2.67 15.77 25.62
N PHE D 127 3.15 15.22 24.50
CA PHE D 127 4.51 15.50 24.06
C PHE D 127 4.66 16.81 23.30
N ARG D 128 3.56 17.40 22.84
CA ARG D 128 3.58 18.66 22.10
C ARG D 128 4.59 18.69 20.95
N PRO D 129 4.45 17.81 19.95
CA PRO D 129 5.20 18.04 18.71
C PRO D 129 4.87 19.37 18.06
N PHE D 130 3.64 19.85 18.21
CA PHE D 130 3.24 21.16 17.75
C PHE D 130 2.20 21.71 18.71
N ARG D 131 2.16 23.03 18.82
CA ARG D 131 1.14 23.69 19.62
C ARG D 131 0.31 24.59 18.72
N ALA D 132 -0.81 25.06 19.25
CA ALA D 132 -1.67 25.92 18.46
C ALA D 132 -0.96 27.21 18.09
N GLY D 133 -1.15 27.65 16.86
CA GLY D 133 -0.49 28.83 16.34
C GLY D 133 0.84 28.59 15.68
N GLU D 134 1.33 27.36 15.64
CA GLU D 134 2.59 27.06 14.96
C GLU D 134 2.32 26.45 13.60
N TYR D 135 2.94 27.02 12.57
CA TYR D 135 2.84 26.49 11.22
C TYR D 135 3.48 25.12 11.19
N VAL D 136 2.83 24.15 10.55
CA VAL D 136 3.32 22.78 10.51
C VAL D 136 3.08 22.22 9.12
N ASP D 137 3.40 20.94 8.96
CA ASP D 137 3.24 20.23 7.70
C ASP D 137 3.04 18.76 8.01
N LEU D 138 1.78 18.36 8.17
CA LEU D 138 1.42 17.02 8.64
C LEU D 138 1.09 16.14 7.45
N GLY D 139 2.12 15.53 6.85
CA GLY D 139 1.87 14.57 5.78
C GLY D 139 1.52 15.17 4.44
N GLY D 140 2.01 16.37 4.14
CA GLY D 140 1.79 17.01 2.87
C GLY D 140 0.79 18.13 2.88
N VAL D 141 -0.03 18.25 3.93
CA VAL D 141 -0.87 19.42 4.15
C VAL D 141 -0.17 20.32 5.15
N ALA D 142 -0.29 21.62 4.96
CA ALA D 142 0.44 22.58 5.78
C ALA D 142 -0.42 23.78 6.10
N GLY D 143 -0.34 24.23 7.34
CA GLY D 143 -1.07 25.42 7.76
C GLY D 143 -0.95 25.59 9.25
N THR D 144 -1.36 26.77 9.71
CA THR D 144 -1.32 27.09 11.13
C THR D 144 -2.23 26.13 11.87
N VAL D 145 -1.74 25.57 12.98
CA VAL D 145 -2.58 24.74 13.82
C VAL D 145 -3.55 25.63 14.57
N LEU D 146 -4.78 25.15 14.74
CA LEU D 146 -5.81 25.87 15.47
C LEU D 146 -6.12 25.24 16.81
N SER D 147 -6.30 23.93 16.84
CA SER D 147 -6.49 23.21 18.10
C SER D 147 -6.34 21.73 17.83
N VAL D 148 -5.78 21.02 18.80
CA VAL D 148 -5.83 19.56 18.84
C VAL D 148 -7.07 19.18 19.63
N GLN D 149 -7.82 18.21 19.13
CA GLN D 149 -9.09 17.83 19.73
C GLN D 149 -9.10 16.34 20.01
N ILE D 150 -10.23 15.86 20.50
CA ILE D 150 -10.29 14.49 21.02
C ILE D 150 -10.00 13.47 19.92
N PHE D 151 -10.42 13.76 18.69
CA PHE D 151 -10.27 12.81 17.59
C PHE D 151 -9.55 13.36 16.38
N SER D 152 -9.42 14.68 16.23
CA SER D 152 -8.84 15.24 15.02
C SER D 152 -8.29 16.62 15.31
N THR D 153 -7.32 17.02 14.51
CA THR D 153 -6.69 18.33 14.62
C THR D 153 -7.19 19.24 13.50
N THR D 154 -7.55 20.46 13.85
CA THR D 154 -7.95 21.48 12.89
C THR D 154 -6.76 22.37 12.59
N MET D 155 -6.61 22.76 11.32
CA MET D 155 -5.57 23.70 10.93
C MET D 155 -6.09 24.57 9.80
N ARG D 156 -5.65 25.82 9.79
CA ARG D 156 -6.01 26.78 8.76
C ARG D 156 -4.83 27.00 7.83
N THR D 157 -4.99 26.65 6.57
CA THR D 157 -3.90 26.80 5.62
C THR D 157 -3.63 28.28 5.35
N ALA D 158 -2.56 28.55 4.60
CA ALA D 158 -2.11 29.92 4.41
C ALA D 158 -3.17 30.77 3.71
N ASP D 159 -4.02 30.17 2.88
CA ASP D 159 -5.05 30.92 2.17
C ASP D 159 -6.44 30.79 2.78
N GLY D 160 -6.57 30.27 3.99
CA GLY D 160 -7.82 30.30 4.71
C GLY D 160 -8.69 29.06 4.67
N LYS D 161 -8.30 28.03 3.93
CA LYS D 161 -9.02 26.77 3.99
C LYS D 161 -8.75 26.07 5.32
N ILE D 162 -9.78 25.42 5.86
CA ILE D 162 -9.68 24.65 7.09
C ILE D 162 -9.44 23.20 6.71
N ILE D 163 -8.51 22.54 7.40
CA ILE D 163 -8.24 21.11 7.21
C ILE D 163 -8.45 20.42 8.54
N VAL D 164 -9.02 19.22 8.51
CA VAL D 164 -9.28 18.42 9.70
C VAL D 164 -8.59 17.08 9.51
N ILE D 165 -7.44 16.91 10.14
CA ILE D 165 -6.62 15.72 10.02
C ILE D 165 -6.88 14.83 11.23
N PRO D 166 -7.29 13.58 11.06
CA PRO D 166 -7.45 12.70 12.21
C PRO D 166 -6.13 12.46 12.93
N ASN D 167 -6.21 12.34 14.26
CA ASN D 167 -5.00 12.33 15.08
C ASN D 167 -4.09 11.15 14.79
N GLY D 168 -4.66 10.01 14.40
CA GLY D 168 -3.83 8.86 14.15
C GLY D 168 -2.96 9.01 12.92
N LYS D 169 -3.49 9.66 11.89
CA LYS D 169 -2.70 9.95 10.71
C LYS D 169 -1.57 10.92 11.04
N ILE D 170 -1.81 11.85 11.96
CA ILE D 170 -0.78 12.81 12.34
C ILE D 170 0.33 12.11 13.10
N ILE D 171 -0.03 11.29 14.08
CA ILE D 171 0.98 10.61 14.89
C ILE D 171 1.75 9.59 14.05
N ALA D 172 1.12 8.96 13.06
CA ALA D 172 1.78 7.92 12.30
C ALA D 172 2.88 8.43 11.38
N GLY D 173 2.84 9.71 10.98
CA GLY D 173 3.76 10.24 10.01
C GLY D 173 4.64 11.35 10.58
N ASN D 174 5.42 11.95 9.68
CA ASN D 174 6.31 13.03 10.06
C ASN D 174 5.53 14.28 10.42
N ILE D 175 6.12 15.11 11.27
CA ILE D 175 5.51 16.34 11.73
C ILE D 175 6.55 17.45 11.58
N ILE D 176 6.69 17.97 10.37
CA ILE D 176 7.56 19.12 10.12
C ILE D 176 6.97 20.31 10.83
N ASN D 177 7.80 21.17 11.39
CA ASN D 177 7.35 22.28 12.22
C ASN D 177 8.14 23.52 11.86
N PHE D 178 7.56 24.37 11.03
CA PHE D 178 8.24 25.56 10.55
C PHE D 178 8.48 26.60 11.63
N SER D 179 7.68 26.60 12.69
CA SER D 179 7.69 27.71 13.65
C SER D 179 8.39 27.41 14.95
N ARG D 180 9.00 26.23 15.10
CA ARG D 180 9.60 25.89 16.39
C ARG D 180 10.93 26.61 16.60
N GLU D 181 11.82 26.57 15.63
CA GLU D 181 13.12 27.21 15.78
C GLU D 181 13.01 28.71 15.60
N PRO D 182 13.65 29.51 16.45
CA PRO D 182 13.61 30.97 16.26
C PRO D 182 14.15 31.45 14.94
N VAL D 183 15.15 30.79 14.36
CA VAL D 183 15.84 31.26 13.17
C VAL D 183 15.69 30.23 12.05
N ARG D 184 15.66 30.71 10.82
CA ARG D 184 15.51 29.87 9.65
C ARG D 184 16.27 30.49 8.48
N ARG D 185 16.59 29.65 7.48
CA ARG D 185 17.51 30.01 6.42
C ARG D 185 16.78 30.26 5.10
N ASN D 186 17.09 31.38 4.46
CA ASN D 186 16.73 31.66 3.08
C ASN D 186 17.73 31.03 2.14
N GLU D 187 17.29 30.74 0.92
CA GLU D 187 18.18 30.22 -0.12
C GLU D 187 17.78 30.80 -1.47
N PHE D 188 18.51 31.81 -1.91
CA PHE D 188 18.36 32.38 -3.24
C PHE D 188 19.17 31.55 -4.24
N ILE D 189 18.73 31.51 -5.48
CA ILE D 189 19.43 30.80 -6.55
C ILE D 189 19.48 31.74 -7.74
N ILE D 190 20.44 32.66 -7.74
CA ILE D 190 20.61 33.63 -8.81
C ILE D 190 21.31 32.94 -9.96
N GLY D 191 20.87 33.23 -11.19
CA GLY D 191 21.53 32.68 -12.36
C GLY D 191 21.91 33.77 -13.32
N VAL D 192 23.20 33.92 -13.60
CA VAL D 192 23.69 35.01 -14.42
C VAL D 192 24.38 34.44 -15.67
N ALA D 193 24.66 35.33 -16.62
CA ALA D 193 25.23 34.91 -17.89
C ALA D 193 26.64 34.36 -17.72
N TYR D 194 27.01 33.44 -18.62
CA TYR D 194 28.31 32.78 -18.50
C TYR D 194 29.47 33.76 -18.63
N ASP D 195 29.29 34.87 -19.34
CA ASP D 195 30.36 35.84 -19.49
C ASP D 195 30.50 36.77 -18.30
N SER D 196 29.57 36.72 -17.34
CA SER D 196 29.62 37.58 -16.17
C SER D 196 30.85 37.27 -15.32
N ASP D 197 31.45 38.33 -14.79
CA ASP D 197 32.58 38.17 -13.88
C ASP D 197 32.11 37.50 -12.60
N ILE D 198 32.89 36.55 -12.09
CA ILE D 198 32.45 35.84 -10.89
C ILE D 198 32.76 36.67 -9.65
N ASP D 199 33.91 37.35 -9.63
CA ASP D 199 34.25 38.15 -8.46
C ASP D 199 33.27 39.30 -8.29
N GLN D 200 32.82 39.92 -9.38
CA GLN D 200 31.89 41.03 -9.27
C GLN D 200 30.53 40.56 -8.78
N VAL D 201 30.08 39.40 -9.26
CA VAL D 201 28.80 38.87 -8.79
C VAL D 201 28.87 38.54 -7.30
N LYS D 202 29.94 37.87 -6.89
CA LYS D 202 30.06 37.51 -5.48
C LYS D 202 30.20 38.75 -4.60
N GLN D 203 30.88 39.78 -5.11
CA GLN D 203 31.05 40.99 -4.31
C GLN D 203 29.74 41.75 -4.18
N ILE D 204 28.95 41.80 -5.24
CA ILE D 204 27.66 42.50 -5.16
C ILE D 204 26.70 41.76 -4.25
N LEU D 205 26.65 40.42 -4.38
CA LEU D 205 25.76 39.67 -3.48
C LEU D 205 26.22 39.78 -2.04
N THR D 206 27.53 39.84 -1.81
CA THR D 206 28.02 39.96 -0.44
C THR D 206 27.67 41.32 0.13
N ASN D 207 27.80 42.40 -0.63
CA ASN D 207 27.40 43.70 -0.12
C ASN D 207 25.91 43.77 0.13
N ILE D 208 25.12 43.10 -0.72
CA ILE D 208 23.67 43.13 -0.54
C ILE D 208 23.27 42.41 0.75
N ILE D 209 23.92 41.29 1.05
CA ILE D 209 23.55 40.61 2.29
C ILE D 209 24.28 41.16 3.51
N GLN D 210 25.30 42.01 3.33
CA GLN D 210 25.92 42.66 4.48
C GLN D 210 25.20 43.94 4.86
N SER D 211 24.50 44.56 3.91
CA SER D 211 23.72 45.73 4.26
C SER D 211 22.35 45.38 4.83
N GLU D 212 21.99 44.11 4.86
CA GLU D 212 20.68 43.67 5.36
C GLU D 212 20.77 43.40 6.86
N ASP D 213 20.20 44.30 7.67
CA ASP D 213 20.33 44.19 9.12
C ASP D 213 19.57 43.00 9.69
N ARG D 214 18.56 42.50 8.98
CA ARG D 214 17.78 41.38 9.50
C ARG D 214 18.42 40.03 9.23
N ILE D 215 19.53 40.00 8.50
CA ILE D 215 20.28 38.77 8.26
C ILE D 215 21.31 38.60 9.38
N LEU D 216 21.28 37.45 10.04
CA LEU D 216 22.14 37.24 11.19
C LEU D 216 23.59 37.07 10.76
N LYS D 217 24.44 37.98 11.21
CA LYS D 217 25.85 37.97 10.82
C LYS D 217 26.65 36.90 11.56
N ASP D 218 26.14 36.36 12.66
CA ASP D 218 26.86 35.30 13.36
C ASP D 218 26.64 33.92 12.77
N ARG D 219 25.75 33.78 11.81
CA ARG D 219 25.53 32.50 11.15
C ARG D 219 26.31 32.44 9.84
N GLU D 220 26.00 31.43 9.04
CA GLU D 220 26.62 31.32 7.72
C GLU D 220 26.05 32.36 6.78
N MET D 221 26.88 32.80 5.84
CA MET D 221 26.46 33.73 4.79
C MET D 221 27.15 33.38 3.49
N THR D 222 26.81 32.21 2.94
CA THR D 222 27.48 31.73 1.75
C THR D 222 27.08 32.54 0.53
N VAL D 223 28.06 32.80 -0.35
CA VAL D 223 27.83 33.38 -1.66
C VAL D 223 28.80 32.65 -2.59
N ARG D 224 28.39 31.50 -3.10
CA ARG D 224 29.29 30.64 -3.84
C ARG D 224 28.68 30.26 -5.17
N LEU D 225 29.52 30.18 -6.19
CA LEU D 225 29.10 29.58 -7.45
C LEU D 225 28.76 28.13 -7.21
N ASN D 226 27.62 27.68 -7.71
CA ASN D 226 27.07 26.40 -7.29
C ASN D 226 26.86 25.42 -8.42
N GLU D 227 26.63 25.90 -9.64
CA GLU D 227 26.32 25.01 -10.74
C GLU D 227 26.56 25.75 -12.04
N LEU D 228 27.07 25.04 -13.04
CA LEU D 228 27.22 25.55 -14.39
C LEU D 228 26.04 25.00 -15.20
N GLY D 229 24.99 25.81 -15.33
CA GLY D 229 23.75 25.35 -15.90
C GLY D 229 23.75 25.38 -17.41
N ALA D 230 22.58 25.08 -17.96
CA ALA D 230 22.43 25.02 -19.42
C ALA D 230 22.65 26.39 -20.06
N SER D 231 22.25 27.45 -19.38
CA SER D 231 22.33 28.79 -19.92
C SER D 231 22.89 29.81 -18.95
N SER D 232 23.24 29.39 -17.73
CA SER D 232 23.63 30.34 -16.70
C SER D 232 24.42 29.62 -15.63
N ILE D 233 25.27 30.37 -14.94
CA ILE D 233 25.98 29.88 -13.76
C ILE D 233 25.16 30.25 -12.54
N ASN D 234 24.71 29.25 -11.79
CA ASN D 234 23.78 29.46 -10.69
C ASN D 234 24.52 29.70 -9.40
N PHE D 235 24.57 30.95 -8.96
CA PHE D 235 25.06 31.30 -7.64
C PHE D 235 24.03 30.92 -6.59
N VAL D 236 24.50 30.55 -5.40
CA VAL D 236 23.63 30.25 -4.28
C VAL D 236 23.95 31.26 -3.18
N VAL D 237 22.91 31.72 -2.49
CA VAL D 237 23.05 32.60 -1.33
C VAL D 237 22.19 32.02 -0.23
N ARG D 238 22.81 31.69 0.89
CA ARG D 238 22.11 31.12 2.04
C ARG D 238 22.37 32.03 3.24
N VAL D 239 21.30 32.58 3.80
CA VAL D 239 21.41 33.51 4.91
C VAL D 239 20.33 33.18 5.92
N TRP D 240 20.65 33.35 7.20
CA TRP D 240 19.74 33.03 8.29
C TRP D 240 19.06 34.30 8.80
N SER D 241 17.83 34.16 9.27
CA SER D 241 17.09 35.26 9.84
C SER D 241 16.03 34.71 10.79
N ASN D 242 15.53 35.58 11.66
CA ASN D 242 14.49 35.19 12.59
C ASN D 242 13.25 34.73 11.82
N SER D 243 12.50 33.81 12.42
CA SER D 243 11.39 33.20 11.69
C SER D 243 10.37 34.24 11.24
N GLY D 244 10.23 35.34 11.98
CA GLY D 244 9.30 36.37 11.59
C GLY D 244 9.76 37.29 10.49
N ASP D 245 11.06 37.33 10.20
CA ASP D 245 11.61 38.20 9.17
C ASP D 245 11.96 37.45 7.90
N LEU D 246 11.68 36.15 7.85
CA LEU D 246 12.21 35.34 6.76
C LEU D 246 11.67 35.78 5.40
N GLN D 247 10.35 35.91 5.28
CA GLN D 247 9.77 36.21 3.98
C GLN D 247 10.07 37.65 3.56
N ASN D 248 10.02 38.59 4.50
CA ASN D 248 10.34 39.97 4.15
C ASN D 248 11.79 40.10 3.73
N VAL D 249 12.69 39.35 4.37
CA VAL D 249 14.09 39.38 3.96
C VAL D 249 14.24 38.77 2.58
N TYR D 250 13.47 37.71 2.29
CA TYR D 250 13.56 37.12 0.96
C TYR D 250 13.16 38.13 -0.10
N TRP D 251 12.01 38.79 0.08
CA TRP D 251 11.53 39.71 -0.94
C TRP D 251 12.44 40.93 -1.06
N ASP D 252 12.99 41.40 0.06
CA ASP D 252 13.83 42.59 0.00
C ASP D 252 15.17 42.28 -0.64
N VAL D 253 15.79 41.16 -0.28
CA VAL D 253 17.04 40.79 -0.93
C VAL D 253 16.81 40.50 -2.40
N LEU D 254 15.65 39.98 -2.77
CA LEU D 254 15.40 39.68 -4.18
C LEU D 254 15.28 40.96 -4.99
N GLU D 255 14.51 41.94 -4.51
CA GLU D 255 14.41 43.20 -5.24
C GLU D 255 15.75 43.93 -5.27
N ARG D 256 16.54 43.82 -4.19
CA ARG D 256 17.84 44.49 -4.20
C ARG D 256 18.81 43.80 -5.16
N ILE D 257 18.74 42.48 -5.26
CA ILE D 257 19.56 41.76 -6.23
C ILE D 257 19.20 42.20 -7.63
N LYS D 258 17.91 42.29 -7.91
CA LYS D 258 17.48 42.69 -9.26
C LYS D 258 17.97 44.09 -9.59
N ARG D 259 17.75 45.05 -8.68
CA ARG D 259 18.13 46.42 -8.96
C ARG D 259 19.64 46.58 -9.11
N GLU D 260 20.41 45.96 -8.20
CA GLU D 260 21.86 46.14 -8.24
C GLU D 260 22.49 45.42 -9.42
N PHE D 261 21.97 44.26 -9.83
CA PHE D 261 22.50 43.63 -11.03
C PHE D 261 22.16 44.44 -12.26
N ASP D 262 20.96 45.02 -12.33
CA ASP D 262 20.64 45.85 -13.48
C ASP D 262 21.49 47.12 -13.52
N ALA D 263 21.87 47.64 -12.35
CA ALA D 263 22.71 48.83 -12.33
C ALA D 263 24.16 48.50 -12.65
N ALA D 264 24.61 47.31 -12.28
CA ALA D 264 26.01 46.92 -12.50
C ALA D 264 26.26 46.33 -13.87
N GLY D 265 25.22 46.11 -14.67
CA GLY D 265 25.38 45.57 -15.99
C GLY D 265 25.41 44.06 -16.08
N ILE D 266 25.34 43.35 -14.94
CA ILE D 266 25.24 41.91 -14.96
C ILE D 266 23.89 41.51 -15.54
N SER D 267 23.89 40.49 -16.38
CA SER D 267 22.69 40.07 -17.08
C SER D 267 22.07 38.84 -16.42
N PHE D 268 20.74 38.75 -16.47
CA PHE D 268 20.05 37.49 -16.21
C PHE D 268 19.73 36.90 -17.57
N PRO D 269 20.36 35.80 -17.96
CA PRO D 269 20.15 35.28 -19.32
C PRO D 269 18.73 34.79 -19.56
N TYR D 270 18.27 35.00 -20.79
CA TYR D 270 17.17 34.25 -21.34
C TYR D 270 17.69 32.88 -21.75
N PRO D 271 16.81 31.90 -21.89
CA PRO D 271 17.30 30.56 -22.25
C PRO D 271 18.05 30.61 -23.58
N GLN D 272 19.12 29.86 -23.66
CA GLN D 272 20.08 29.99 -24.75
C GLN D 272 19.97 28.80 -25.69
N MET D 273 20.42 29.03 -26.92
CA MET D 273 20.36 28.02 -27.96
C MET D 273 21.28 28.43 -29.08
N ASP D 274 22.34 27.68 -29.32
CA ASP D 274 23.12 27.82 -30.54
C ASP D 274 22.30 27.22 -31.68
N VAL D 275 22.42 27.77 -32.87
CA VAL D 275 21.68 27.30 -34.03
C VAL D 275 22.65 27.23 -35.21
N ASN D 276 22.87 26.02 -35.71
CA ASN D 276 23.75 25.80 -36.86
C ASN D 276 22.91 25.83 -38.12
N PHE D 277 22.89 26.98 -38.78
CA PHE D 277 22.08 27.20 -39.96
C PHE D 277 22.55 26.31 -41.11
N LYS D 278 21.61 25.68 -41.80
CA LYS D 278 21.91 24.82 -42.95
C LYS D 278 20.83 25.05 -44.00
N ARG D 279 21.18 25.76 -45.07
CA ARG D 279 20.22 26.06 -46.14
C ARG D 279 20.25 24.91 -47.13
N VAL D 280 19.30 23.98 -46.98
CA VAL D 280 19.25 22.80 -47.84
C VAL D 280 18.28 23.00 -48.99
N ALA E 19 -33.39 -8.96 60.80
CA ALA E 19 -33.22 -9.29 62.21
C ALA E 19 -32.07 -10.27 62.40
N ASN E 20 -31.87 -11.14 61.40
CA ASN E 20 -30.78 -12.11 61.42
C ASN E 20 -29.54 -11.45 60.83
N GLN E 21 -28.71 -10.87 61.69
CA GLN E 21 -27.51 -10.16 61.27
C GLN E 21 -26.32 -11.08 61.02
N ALA E 22 -26.42 -12.37 61.34
CA ALA E 22 -25.26 -13.24 61.22
C ALA E 22 -24.79 -13.35 59.76
N LEU E 23 -25.73 -13.52 58.83
CA LEU E 23 -25.34 -13.49 57.42
C LEU E 23 -24.84 -12.10 57.01
N LEU E 24 -25.45 -11.05 57.57
CA LEU E 24 -24.95 -9.71 57.29
C LEU E 24 -23.55 -9.52 57.84
N LEU E 25 -23.26 -10.13 58.99
CA LEU E 25 -21.90 -10.05 59.53
C LEU E 25 -20.93 -10.79 58.63
N SER E 26 -21.33 -11.94 58.12
CA SER E 26 -20.45 -12.68 57.23
C SER E 26 -20.19 -11.90 55.94
N TYR E 27 -21.20 -11.19 55.44
CA TYR E 27 -21.00 -10.44 54.21
C TYR E 27 -20.11 -9.23 54.43
N ALA E 28 -20.32 -8.50 55.53
CA ALA E 28 -19.45 -7.37 55.82
C ALA E 28 -18.02 -7.82 56.08
N VAL E 29 -17.85 -8.98 56.71
CA VAL E 29 -16.51 -9.49 56.96
C VAL E 29 -15.83 -9.88 55.66
N ASN E 30 -16.58 -10.49 54.73
CA ASN E 30 -15.98 -10.82 53.44
C ASN E 30 -15.61 -9.56 52.66
N ILE E 31 -16.40 -8.50 52.78
CA ILE E 31 -16.05 -7.26 52.07
C ILE E 31 -14.79 -6.64 52.67
N VAL E 32 -14.69 -6.61 53.99
CA VAL E 32 -13.49 -6.06 54.62
C VAL E 32 -12.28 -6.91 54.27
N ALA E 33 -12.45 -8.23 54.19
CA ALA E 33 -11.33 -9.07 53.80
C ALA E 33 -10.92 -8.82 52.36
N ALA E 34 -11.89 -8.51 51.49
CA ALA E 34 -11.53 -8.19 50.12
C ALA E 34 -10.75 -6.89 50.04
N LEU E 35 -11.17 -5.88 50.80
CA LEU E 35 -10.41 -4.62 50.80
C LEU E 35 -9.02 -4.82 51.39
N ALA E 36 -8.90 -5.65 52.41
CA ALA E 36 -7.57 -5.91 52.99
C ALA E 36 -6.68 -6.65 52.00
N ILE E 37 -7.24 -7.60 51.26
CA ILE E 37 -6.46 -8.29 50.25
C ILE E 37 -6.03 -7.32 49.16
N ILE E 38 -6.89 -6.36 48.81
CA ILE E 38 -6.53 -5.39 47.79
C ILE E 38 -5.37 -4.51 48.26
N ILE E 39 -5.43 -4.05 49.51
CA ILE E 39 -4.39 -3.17 50.01
C ILE E 39 -3.06 -3.93 50.10
N VAL E 40 -3.08 -5.11 50.70
CA VAL E 40 -1.85 -5.87 50.85
C VAL E 40 -1.31 -6.28 49.49
N GLY E 41 -2.18 -6.53 48.53
CA GLY E 41 -1.73 -6.90 47.21
C GLY E 41 -1.09 -5.75 46.47
N LEU E 42 -1.61 -4.54 46.64
CA LEU E 42 -0.95 -3.39 46.04
C LEU E 42 0.41 -3.15 46.68
N ILE E 43 0.51 -3.35 47.99
CA ILE E 43 1.80 -3.14 48.65
C ILE E 43 2.83 -4.14 48.15
N ILE E 44 2.46 -5.42 48.12
CA ILE E 44 3.40 -6.45 47.68
C ILE E 44 3.72 -6.29 46.21
N ALA E 45 2.78 -5.81 45.40
CA ALA E 45 3.07 -5.59 43.99
C ALA E 45 4.09 -4.48 43.82
N ARG E 46 3.92 -3.37 44.53
CA ARG E 46 4.89 -2.29 44.42
C ARG E 46 6.26 -2.72 44.91
N MET E 47 6.30 -3.52 45.98
CA MET E 47 7.60 -3.93 46.51
C MET E 47 8.32 -4.88 45.57
N ILE E 48 7.63 -5.90 45.06
CA ILE E 48 8.29 -6.84 44.17
C ILE E 48 8.66 -6.17 42.86
N SER E 49 7.87 -5.20 42.40
CA SER E 49 8.21 -4.53 41.15
C SER E 49 9.44 -3.65 41.33
N ASN E 50 9.53 -2.92 42.45
CA ASN E 50 10.73 -2.12 42.69
C ASN E 50 11.96 -3.01 42.87
N ALA E 51 11.78 -4.18 43.49
CA ALA E 51 12.93 -5.06 43.66
C ALA E 51 13.41 -5.63 42.34
N VAL E 52 12.48 -6.03 41.47
CA VAL E 52 12.87 -6.52 40.15
C VAL E 52 13.50 -5.39 39.32
N ASN E 53 13.02 -4.16 39.50
CA ASN E 53 13.59 -3.04 38.76
C ASN E 53 15.02 -2.77 39.20
N ARG E 54 15.27 -2.76 40.51
CA ARG E 54 16.64 -2.58 40.99
C ARG E 54 17.53 -3.74 40.57
N LEU E 55 16.99 -4.95 40.56
CA LEU E 55 17.77 -6.11 40.17
C LEU E 55 18.16 -6.05 38.68
N MET E 56 17.29 -5.48 37.86
CA MET E 56 17.63 -5.36 36.45
C MET E 56 18.58 -4.21 36.19
N ILE E 57 18.37 -3.06 36.86
CA ILE E 57 19.28 -1.94 36.68
C ILE E 57 20.69 -2.30 37.15
N SER E 58 20.78 -3.15 38.18
CA SER E 58 22.09 -3.56 38.66
C SER E 58 22.82 -4.45 37.67
N ARG E 59 22.09 -5.11 36.78
CA ARG E 59 22.67 -5.96 35.75
C ARG E 59 22.86 -5.23 34.43
N LYS E 60 22.78 -3.89 34.44
CA LYS E 60 23.02 -3.06 33.27
C LYS E 60 22.04 -3.36 32.14
N ILE E 61 20.79 -3.68 32.47
CA ILE E 61 19.73 -3.66 31.48
C ILE E 61 19.36 -2.20 31.20
N ASP E 62 18.85 -1.94 29.99
CA ASP E 62 18.47 -0.59 29.64
C ASP E 62 17.34 -0.10 30.53
N ALA E 63 17.35 1.20 30.86
CA ALA E 63 16.39 1.72 31.82
C ALA E 63 14.96 1.59 31.32
N THR E 64 14.75 1.70 30.00
CA THR E 64 13.39 1.59 29.48
C THR E 64 12.92 0.15 29.50
N VAL E 65 13.78 -0.80 29.15
CA VAL E 65 13.40 -2.22 29.24
C VAL E 65 13.17 -2.60 30.70
N ALA E 66 13.94 -2.02 31.61
CA ALA E 66 13.75 -2.30 33.02
C ALA E 66 12.41 -1.77 33.50
N ASP E 67 12.06 -0.54 33.11
CA ASP E 67 10.77 0.01 33.51
C ASP E 67 9.63 -0.77 32.89
N PHE E 68 9.81 -1.28 31.67
CA PHE E 68 8.74 -2.04 31.03
C PHE E 68 8.51 -3.36 31.73
N LEU E 69 9.58 -4.13 31.97
CA LEU E 69 9.39 -5.42 32.62
C LEU E 69 8.93 -5.25 34.06
N SER E 70 9.37 -4.19 34.74
CA SER E 70 8.89 -3.96 36.09
C SER E 70 7.41 -3.57 36.10
N ALA E 71 6.97 -2.80 35.11
CA ALA E 71 5.55 -2.47 35.03
C ALA E 71 4.72 -3.72 34.75
N LEU E 72 5.26 -4.63 33.94
CA LEU E 72 4.54 -5.87 33.68
C LEU E 72 4.43 -6.73 34.93
N VAL E 73 5.51 -6.80 35.72
CA VAL E 73 5.46 -7.58 36.95
C VAL E 73 4.48 -6.96 37.94
N ARG E 74 4.44 -5.63 38.01
CA ARG E 74 3.54 -4.98 38.95
C ARG E 74 2.09 -5.18 38.55
N TYR E 75 1.77 -5.03 37.27
CA TYR E 75 0.39 -5.26 36.86
C TYR E 75 0.00 -6.73 36.96
N GLY E 76 0.94 -7.66 36.81
CA GLY E 76 0.60 -9.05 37.01
C GLY E 76 0.28 -9.38 38.46
N ILE E 77 1.08 -8.85 39.38
CA ILE E 77 0.78 -9.09 40.79
C ILE E 77 -0.53 -8.42 41.19
N ILE E 78 -0.81 -7.24 40.61
CA ILE E 78 -2.09 -6.60 40.91
C ILE E 78 -3.24 -7.41 40.32
N ALA E 79 -3.03 -8.07 39.18
CA ALA E 79 -4.09 -8.91 38.62
C ALA E 79 -4.36 -10.11 39.50
N PHE E 80 -3.31 -10.73 40.06
CA PHE E 80 -3.54 -11.82 41.01
C PHE E 80 -4.29 -11.33 42.24
N THR E 81 -3.95 -10.13 42.71
CA THR E 81 -4.63 -9.60 43.89
C THR E 81 -6.10 -9.32 43.59
N LEU E 82 -6.39 -8.78 42.40
CA LEU E 82 -7.77 -8.52 42.04
C LEU E 82 -8.55 -9.83 41.92
N ILE E 83 -7.95 -10.86 41.34
CA ILE E 83 -8.66 -12.12 41.19
C ILE E 83 -8.95 -12.71 42.56
N ALA E 84 -8.02 -12.56 43.51
CA ALA E 84 -8.24 -13.10 44.85
C ALA E 84 -9.34 -12.33 45.58
N ALA E 85 -9.28 -11.00 45.55
CA ALA E 85 -10.30 -10.23 46.28
C ALA E 85 -11.68 -10.39 45.65
N LEU E 86 -11.77 -10.35 44.33
CA LEU E 86 -13.05 -10.53 43.68
C LEU E 86 -13.56 -11.95 43.85
N GLY E 87 -12.68 -12.92 44.06
CA GLY E 87 -13.16 -14.23 44.47
C GLY E 87 -13.69 -14.22 45.88
N ARG E 88 -13.11 -13.40 46.75
CA ARG E 88 -13.63 -13.28 48.11
C ARG E 88 -15.00 -12.62 48.15
N VAL E 89 -15.32 -11.75 47.20
CA VAL E 89 -16.65 -11.14 47.20
C VAL E 89 -17.64 -11.99 46.42
N GLY E 90 -17.19 -13.12 45.88
CA GLY E 90 -18.07 -14.06 45.22
C GLY E 90 -18.00 -14.08 43.71
N VAL E 91 -17.31 -13.13 43.08
CA VAL E 91 -17.11 -13.21 41.63
C VAL E 91 -16.22 -14.39 41.30
N GLN E 92 -16.59 -15.14 40.26
CA GLN E 92 -15.83 -16.31 39.86
C GLN E 92 -14.53 -15.92 39.18
N THR E 93 -13.57 -16.84 39.20
CA THR E 93 -12.29 -16.58 38.55
C THR E 93 -12.43 -16.39 37.05
N ALA E 94 -13.35 -17.10 36.42
CA ALA E 94 -13.54 -16.95 34.98
C ALA E 94 -14.07 -15.57 34.63
N SER E 95 -14.96 -15.03 35.46
CA SER E 95 -15.50 -13.70 35.21
C SER E 95 -14.40 -12.65 35.32
N VAL E 96 -13.60 -12.73 36.38
CA VAL E 96 -12.56 -11.73 36.59
C VAL E 96 -11.50 -11.83 35.50
N ILE E 97 -11.17 -13.04 35.08
CA ILE E 97 -10.18 -13.18 34.02
C ILE E 97 -10.72 -12.64 32.72
N ALA E 98 -12.00 -12.86 32.43
CA ALA E 98 -12.56 -12.36 31.18
C ALA E 98 -12.64 -10.83 31.18
N VAL E 99 -13.03 -10.24 32.31
CA VAL E 99 -13.18 -8.79 32.36
C VAL E 99 -11.82 -8.10 32.36
N LEU E 100 -10.85 -8.64 33.10
CA LEU E 100 -9.51 -8.08 33.05
C LEU E 100 -8.88 -8.29 31.68
N GLY E 101 -9.24 -9.36 30.99
CA GLY E 101 -8.74 -9.56 29.64
C GLY E 101 -9.35 -8.57 28.67
N ALA E 102 -10.62 -8.22 28.84
CA ALA E 102 -11.22 -7.21 27.99
C ALA E 102 -10.63 -5.83 28.27
N ALA E 103 -10.42 -5.50 29.54
CA ALA E 103 -9.79 -4.22 29.85
C ALA E 103 -8.35 -4.16 29.34
N GLY E 104 -7.66 -5.30 29.39
CA GLY E 104 -6.30 -5.32 28.87
C GLY E 104 -6.25 -5.25 27.36
N LEU E 105 -7.23 -5.86 26.70
CA LEU E 105 -7.30 -5.74 25.25
C LEU E 105 -7.65 -4.32 24.83
N ALA E 106 -8.48 -3.62 25.60
CA ALA E 106 -8.78 -2.23 25.28
C ALA E 106 -7.55 -1.34 25.50
N VAL E 107 -6.88 -1.50 26.63
CA VAL E 107 -5.67 -0.73 26.88
C VAL E 107 -4.60 -1.06 25.85
N GLY E 108 -4.56 -2.30 25.39
CA GLY E 108 -3.58 -2.67 24.38
C GLY E 108 -3.90 -2.11 23.02
N LEU E 109 -5.19 -2.02 22.68
CA LEU E 109 -5.56 -1.35 21.43
C LEU E 109 -5.20 0.13 21.49
N ALA E 110 -5.33 0.74 22.67
CA ALA E 110 -4.95 2.15 22.79
C ALA E 110 -3.43 2.34 22.73
N LEU E 111 -2.67 1.40 23.28
CA LEU E 111 -1.23 1.57 23.43
C LEU E 111 -0.41 0.77 22.43
N GLN E 112 -1.04 0.18 21.41
CA GLN E 112 -0.30 -0.65 20.47
C GLN E 112 0.77 0.13 19.72
N GLY E 113 0.40 1.28 19.16
CA GLY E 113 1.37 2.06 18.41
C GLY E 113 2.43 2.68 19.30
N SER E 114 2.03 3.12 20.50
CA SER E 114 3.00 3.66 21.43
C SER E 114 3.97 2.60 21.90
N LEU E 115 3.52 1.36 22.01
CA LEU E 115 4.43 0.27 22.38
C LEU E 115 5.39 -0.03 21.25
N SER E 116 4.93 0.03 20.01
CA SER E 116 5.83 -0.16 18.87
C SER E 116 6.90 0.93 18.84
N ASN E 117 6.50 2.18 19.08
CA ASN E 117 7.47 3.27 19.13
C ASN E 117 8.42 3.13 20.30
N LEU E 118 7.95 2.59 21.42
CA LEU E 118 8.82 2.41 22.59
C LEU E 118 9.89 1.38 22.30
N ALA E 119 9.49 0.24 21.70
CA ALA E 119 10.48 -0.77 21.36
C ALA E 119 11.47 -0.27 20.32
N ALA E 120 10.98 0.47 19.32
CA ALA E 120 11.89 1.01 18.32
C ALA E 120 12.85 2.02 18.92
N GLY E 121 12.40 2.77 19.92
CA GLY E 121 13.29 3.72 20.56
C GLY E 121 14.35 3.04 21.39
N VAL E 122 13.98 1.92 22.03
CA VAL E 122 14.99 1.14 22.76
C VAL E 122 16.03 0.60 21.79
N LEU E 123 15.59 0.13 20.63
CA LEU E 123 16.55 -0.39 19.65
C LEU E 123 17.46 0.71 19.12
N LEU E 124 16.91 1.89 18.86
CA LEU E 124 17.72 3.00 18.35
C LEU E 124 18.73 3.48 19.38
N VAL E 125 18.38 3.41 20.67
CA VAL E 125 19.34 3.84 21.69
C VAL E 125 20.38 2.75 21.93
N MET E 126 20.02 1.48 21.71
CA MET E 126 20.97 0.42 21.96
C MET E 126 21.98 0.27 20.84
N PHE E 127 21.51 0.06 19.61
CA PHE E 127 22.41 -0.23 18.51
C PHE E 127 23.04 1.01 17.88
N ARG E 128 22.51 2.19 18.16
CA ARG E 128 23.03 3.44 17.63
C ARG E 128 23.27 3.43 16.11
N PRO E 129 22.23 3.23 15.30
CA PRO E 129 22.38 3.53 13.86
C PRO E 129 22.75 4.97 13.61
N PHE E 130 22.30 5.89 14.45
CA PHE E 130 22.69 7.29 14.39
C PHE E 130 22.74 7.85 15.80
N ARG E 131 23.60 8.83 16.02
CA ARG E 131 23.66 9.52 17.29
C ARG E 131 23.34 10.99 17.07
N ALA E 132 23.10 11.69 18.16
CA ALA E 132 22.76 13.11 18.07
C ALA E 132 23.92 13.88 17.45
N GLY E 133 23.58 14.82 16.57
CA GLY E 133 24.57 15.60 15.86
C GLY E 133 25.05 15.02 14.54
N GLU E 134 24.57 13.84 14.15
CA GLU E 134 24.93 13.26 12.87
C GLU E 134 23.84 13.48 11.85
N TYR E 135 24.21 14.01 10.69
CA TYR E 135 23.27 14.21 9.60
C TYR E 135 22.81 12.85 9.11
N VAL E 136 21.51 12.68 8.89
CA VAL E 136 20.94 11.41 8.48
C VAL E 136 19.88 11.67 7.43
N ASP E 137 19.20 10.59 7.03
CA ASP E 137 18.16 10.63 6.01
C ASP E 137 17.19 9.48 6.29
N LEU E 138 16.18 9.73 7.10
CA LEU E 138 15.27 8.70 7.59
C LEU E 138 14.02 8.67 6.73
N GLY E 139 14.07 7.95 5.62
CA GLY E 139 12.88 7.75 4.81
C GLY E 139 12.50 8.93 3.94
N GLY E 140 13.48 9.72 3.51
CA GLY E 140 13.24 10.83 2.62
C GLY E 140 13.30 12.20 3.27
N VAL E 141 13.24 12.28 4.60
CA VAL E 141 13.52 13.50 5.33
C VAL E 141 14.95 13.43 5.83
N ALA E 142 15.64 14.57 5.84
CA ALA E 142 17.05 14.60 6.17
C ALA E 142 17.37 15.83 7.01
N GLY E 143 18.21 15.64 8.01
CA GLY E 143 18.63 16.74 8.85
C GLY E 143 19.42 16.21 10.02
N THR E 144 20.07 17.13 10.72
CA THR E 144 20.87 16.79 11.88
C THR E 144 19.96 16.20 12.96
N VAL E 145 20.36 15.08 13.54
CA VAL E 145 19.60 14.53 14.65
C VAL E 145 19.81 15.39 15.88
N LEU E 146 18.75 15.57 16.67
CA LEU E 146 18.83 16.35 17.90
C LEU E 146 18.75 15.48 19.14
N SER E 147 17.80 14.55 19.18
CA SER E 147 17.71 13.59 20.26
C SER E 147 16.76 12.48 19.86
N VAL E 148 17.06 11.27 20.29
CA VAL E 148 16.11 10.16 20.26
C VAL E 148 15.36 10.17 21.58
N GLN E 149 14.05 10.01 21.51
CA GLN E 149 13.21 10.10 22.69
C GLN E 149 12.36 8.85 22.82
N ILE E 150 11.48 8.85 23.83
CA ILE E 150 10.78 7.62 24.19
C ILE E 150 9.89 7.15 23.05
N PHE E 151 9.32 8.07 22.29
CA PHE E 151 8.38 7.72 21.24
C PHE E 151 8.71 8.26 19.86
N SER E 152 9.58 9.27 19.77
CA SER E 152 9.85 9.89 18.48
C SER E 152 11.21 10.57 18.51
N THR E 153 11.81 10.70 17.33
CA THR E 153 13.10 11.35 17.17
C THR E 153 12.91 12.74 16.58
N THR E 154 13.59 13.72 17.16
CA THR E 154 13.59 15.08 16.66
C THR E 154 14.83 15.31 15.80
N MET E 155 14.68 16.03 14.70
CA MET E 155 15.81 16.39 13.86
C MET E 155 15.58 17.78 13.27
N ARG E 156 16.67 18.52 13.12
CA ARG E 156 16.64 19.85 12.55
C ARG E 156 17.20 19.80 11.13
N THR E 157 16.36 20.12 10.14
CA THR E 157 16.81 20.08 8.75
C THR E 157 17.83 21.18 8.49
N ALA E 158 18.41 21.15 7.30
CA ALA E 158 19.50 22.07 6.98
C ALA E 158 19.08 23.52 7.06
N ASP E 159 17.81 23.83 6.82
CA ASP E 159 17.33 25.20 6.84
C ASP E 159 16.56 25.55 8.12
N GLY E 160 16.63 24.72 9.15
CA GLY E 160 16.10 25.08 10.45
C GLY E 160 14.71 24.58 10.81
N LYS E 161 14.02 23.90 9.92
CA LYS E 161 12.76 23.27 10.28
C LYS E 161 13.02 22.07 11.18
N ILE E 162 12.13 21.87 12.15
CA ILE E 162 12.19 20.72 13.05
C ILE E 162 11.28 19.64 12.51
N ILE E 163 11.74 18.40 12.52
CA ILE E 163 10.94 17.25 12.11
C ILE E 163 10.88 16.28 13.27
N VAL E 164 9.72 15.67 13.48
CA VAL E 164 9.51 14.70 14.55
C VAL E 164 9.03 13.40 13.92
N ILE E 165 9.94 12.44 13.78
CA ILE E 165 9.66 11.16 13.14
C ILE E 165 9.41 10.13 14.22
N PRO E 166 8.26 9.45 14.23
CA PRO E 166 8.04 8.39 15.21
C PRO E 166 9.04 7.25 15.04
N ASN E 167 9.44 6.66 16.17
CA ASN E 167 10.57 5.73 16.18
C ASN E 167 10.29 4.49 15.34
N GLY E 168 9.04 4.05 15.26
CA GLY E 168 8.75 2.85 14.51
C GLY E 168 8.95 3.03 13.02
N LYS E 169 8.59 4.21 12.51
CA LYS E 169 8.85 4.52 11.11
C LYS E 169 10.34 4.57 10.82
N ILE E 170 11.14 5.02 11.78
CA ILE E 170 12.58 5.09 11.59
C ILE E 170 13.17 3.68 11.54
N ILE E 171 12.79 2.84 12.50
CA ILE E 171 13.34 1.49 12.54
C ILE E 171 12.87 0.66 11.35
N ALA E 172 11.66 0.90 10.85
CA ALA E 172 11.13 0.08 9.78
C ALA E 172 11.82 0.30 8.44
N GLY E 173 12.46 1.45 8.22
CA GLY E 173 13.03 1.79 6.94
C GLY E 173 14.54 1.96 6.99
N ASN E 174 15.09 2.40 5.86
CA ASN E 174 16.52 2.63 5.75
C ASN E 174 16.94 3.84 6.57
N ILE E 175 18.19 3.83 7.00
CA ILE E 175 18.76 4.90 7.81
C ILE E 175 20.09 5.29 7.19
N ILE E 176 20.04 6.11 6.14
CA ILE E 176 21.25 6.65 5.52
C ILE E 176 21.90 7.58 6.54
N ASN E 177 23.22 7.59 6.58
CA ASN E 177 23.95 8.32 7.61
C ASN E 177 25.13 9.02 6.95
N PHE E 178 24.96 10.31 6.66
CA PHE E 178 25.98 11.07 5.95
C PHE E 178 27.24 11.31 6.79
N SER E 179 27.13 11.27 8.12
CA SER E 179 28.21 11.74 8.97
C SER E 179 29.01 10.63 9.64
N ARG E 180 28.72 9.36 9.34
CA ARG E 180 29.40 8.29 10.05
C ARG E 180 30.82 8.09 9.54
N GLU E 181 31.00 8.00 8.22
CA GLU E 181 32.33 7.78 7.66
C GLU E 181 33.14 9.06 7.70
N PRO E 182 34.41 9.01 8.09
CA PRO E 182 35.24 10.22 8.06
C PRO E 182 35.38 10.86 6.69
N VAL E 183 35.39 10.07 5.61
CA VAL E 183 35.68 10.58 4.28
C VAL E 183 34.48 10.32 3.37
N ARG E 184 34.29 11.20 2.39
CA ARG E 184 33.19 11.10 1.45
C ARG E 184 33.63 11.67 0.11
N ARG E 185 32.92 11.27 -0.95
CA ARG E 185 33.33 11.51 -2.33
C ARG E 185 32.49 12.59 -2.98
N ASN E 186 33.16 13.56 -3.60
CA ASN E 186 32.56 14.51 -4.53
C ASN E 186 32.44 13.90 -5.92
N GLU E 187 31.50 14.40 -6.69
CA GLU E 187 31.34 13.98 -8.08
C GLU E 187 30.91 15.16 -8.93
N PHE E 188 31.87 15.75 -9.64
CA PHE E 188 31.62 16.80 -10.61
C PHE E 188 31.23 16.16 -11.94
N ILE E 189 30.41 16.85 -12.73
CA ILE E 189 30.01 16.38 -14.06
C ILE E 189 30.17 17.57 -15.00
N ILE E 190 31.39 17.79 -15.47
CA ILE E 190 31.71 18.89 -16.38
C ILE E 190 31.28 18.47 -17.78
N GLY E 191 30.68 19.39 -18.52
CA GLY E 191 30.31 19.12 -19.89
C GLY E 191 30.89 20.15 -20.82
N VAL E 192 31.73 19.74 -21.76
CA VAL E 192 32.42 20.66 -22.65
C VAL E 192 32.02 20.38 -24.09
N ALA E 193 32.40 21.30 -24.98
CA ALA E 193 32.00 21.21 -26.38
C ALA E 193 32.65 20.02 -27.06
N TYR E 194 31.96 19.49 -28.08
CA TYR E 194 32.44 18.29 -28.76
C TYR E 194 33.79 18.52 -29.44
N ASP E 195 34.09 19.74 -29.84
CA ASP E 195 35.36 20.02 -30.50
C ASP E 195 36.52 20.17 -29.53
N SER E 196 36.24 20.20 -28.22
CA SER E 196 37.29 20.37 -27.23
C SER E 196 38.24 19.18 -27.22
N ASP E 197 39.52 19.47 -27.06
CA ASP E 197 40.53 18.42 -26.95
C ASP E 197 40.29 17.63 -25.67
N ILE E 198 40.39 16.30 -25.75
CA ILE E 198 40.13 15.48 -24.57
C ILE E 198 41.35 15.47 -23.65
N ASP E 199 42.55 15.41 -24.22
CA ASP E 199 43.75 15.39 -23.40
C ASP E 199 43.92 16.69 -22.63
N GLN E 200 43.57 17.82 -23.24
CA GLN E 200 43.71 19.08 -22.55
C GLN E 200 42.71 19.22 -21.42
N VAL E 201 41.48 18.74 -21.64
CA VAL E 201 40.48 18.78 -20.58
C VAL E 201 40.90 17.90 -19.42
N LYS E 202 41.34 16.68 -19.71
CA LYS E 202 41.74 15.78 -18.64
C LYS E 202 42.97 16.31 -17.91
N GLN E 203 43.89 16.95 -18.63
CA GLN E 203 45.08 17.48 -17.99
C GLN E 203 44.76 18.66 -17.09
N ILE E 204 43.85 19.54 -17.52
CA ILE E 204 43.47 20.67 -16.69
C ILE E 204 42.72 20.22 -15.46
N LEU E 205 41.78 19.28 -15.61
CA LEU E 205 41.07 18.78 -14.45
C LEU E 205 42.02 18.05 -13.49
N THR E 206 43.01 17.35 -14.03
CA THR E 206 43.94 16.65 -13.17
C THR E 206 44.80 17.63 -12.40
N ASN E 207 45.28 18.70 -13.05
CA ASN E 207 46.06 19.69 -12.30
C ASN E 207 45.20 20.39 -11.25
N ILE E 208 43.92 20.61 -11.55
CA ILE E 208 43.06 21.29 -10.59
C ILE E 208 42.83 20.42 -9.36
N ILE E 209 42.67 19.11 -9.55
CA ILE E 209 42.48 18.27 -8.37
C ILE E 209 43.80 17.84 -7.73
N GLN E 210 44.93 18.05 -8.39
CA GLN E 210 46.21 17.77 -7.75
C GLN E 210 46.71 18.97 -6.93
N SER E 211 46.27 20.17 -7.29
CA SER E 211 46.63 21.32 -6.47
C SER E 211 45.74 21.51 -5.26
N GLU E 212 44.69 20.69 -5.11
CA GLU E 212 43.74 20.82 -4.01
C GLU E 212 44.22 19.96 -2.85
N ASP E 213 44.73 20.60 -1.79
CA ASP E 213 45.32 19.87 -0.67
C ASP E 213 44.28 19.11 0.14
N ARG E 214 43.01 19.51 0.08
CA ARG E 214 41.98 18.84 0.86
C ARG E 214 41.44 17.60 0.19
N ILE E 215 41.87 17.31 -1.03
CA ILE E 215 41.48 16.09 -1.73
C ILE E 215 42.50 15.01 -1.40
N LEU E 216 42.00 13.86 -0.92
CA LEU E 216 42.89 12.80 -0.46
C LEU E 216 43.57 12.13 -1.64
N LYS E 217 44.89 12.22 -1.68
CA LYS E 217 45.66 11.65 -2.78
C LYS E 217 45.80 10.15 -2.71
N ASP E 218 45.54 9.54 -1.54
CA ASP E 218 45.63 8.09 -1.45
C ASP E 218 44.37 7.37 -1.91
N ARG E 219 43.31 8.10 -2.21
CA ARG E 219 42.08 7.49 -2.72
C ARG E 219 42.05 7.58 -4.24
N GLU E 220 40.89 7.29 -4.81
CA GLU E 220 40.70 7.43 -6.25
C GLU E 220 40.62 8.90 -6.64
N MET E 221 41.09 9.21 -7.85
CA MET E 221 40.99 10.54 -8.40
C MET E 221 40.70 10.45 -9.90
N THR E 222 39.52 9.95 -10.24
CA THR E 222 39.18 9.72 -11.64
C THR E 222 38.96 11.04 -12.37
N VAL E 223 39.43 11.10 -13.61
CA VAL E 223 39.14 12.19 -14.54
C VAL E 223 38.94 11.52 -15.90
N ARG E 224 37.74 11.05 -16.16
CA ARG E 224 37.49 10.24 -17.34
C ARG E 224 36.32 10.80 -18.13
N LEU E 225 36.42 10.73 -19.45
CA LEU E 225 35.27 10.99 -20.29
C LEU E 225 34.21 9.94 -20.01
N ASN E 226 32.98 10.37 -19.82
CA ASN E 226 31.96 9.50 -19.25
C ASN E 226 30.75 9.32 -20.13
N GLU E 227 30.41 10.29 -20.97
CA GLU E 227 29.22 10.20 -21.78
C GLU E 227 29.33 11.17 -22.94
N LEU E 228 28.82 10.77 -24.10
CA LEU E 228 28.72 11.64 -25.26
C LEU E 228 27.28 12.14 -25.30
N GLY E 229 27.05 13.33 -24.77
CA GLY E 229 25.71 13.83 -24.57
C GLY E 229 25.13 14.46 -25.82
N ALA E 230 23.94 15.04 -25.64
CA ALA E 230 23.24 15.65 -26.77
C ALA E 230 24.00 16.85 -27.32
N SER E 231 24.69 17.59 -26.45
CA SER E 231 25.38 18.79 -26.87
C SER E 231 26.79 18.90 -26.30
N SER E 232 27.23 17.92 -25.52
CA SER E 232 28.50 18.04 -24.82
C SER E 232 28.98 16.66 -24.43
N ILE E 233 30.29 16.52 -24.28
CA ILE E 233 30.91 15.32 -23.73
C ILE E 233 31.09 15.52 -22.24
N ASN E 234 30.46 14.67 -21.44
CA ASN E 234 30.39 14.86 -20.00
C ASN E 234 31.56 14.14 -19.34
N PHE E 235 32.56 14.91 -18.91
CA PHE E 235 33.63 14.39 -18.07
C PHE E 235 33.11 14.19 -16.66
N VAL E 236 33.65 13.20 -15.96
CA VAL E 236 33.33 12.95 -14.57
C VAL E 236 34.61 13.13 -13.76
N VAL E 237 34.49 13.72 -12.58
CA VAL E 237 35.60 13.85 -11.64
C VAL E 237 35.09 13.39 -10.29
N ARG E 238 35.73 12.37 -9.73
CA ARG E 238 35.37 11.83 -8.44
C ARG E 238 36.58 11.91 -7.52
N VAL E 239 36.45 12.64 -6.43
CA VAL E 239 37.56 12.84 -5.51
C VAL E 239 37.02 12.73 -4.08
N TRP E 240 37.84 12.18 -3.20
CA TRP E 240 37.48 11.96 -1.82
C TRP E 240 38.04 13.06 -0.93
N SER E 241 37.32 13.37 0.14
CA SER E 241 37.75 14.36 1.11
C SER E 241 37.07 14.09 2.44
N ASN E 242 37.64 14.66 3.50
CA ASN E 242 37.07 14.50 4.83
C ASN E 242 35.66 15.08 4.86
N SER E 243 34.80 14.51 5.70
CA SER E 243 33.40 14.90 5.67
C SER E 243 33.21 16.38 5.94
N GLY E 244 34.11 16.99 6.71
CA GLY E 244 34.00 18.40 6.98
C GLY E 244 34.46 19.33 5.88
N ASP E 245 35.24 18.81 4.93
CA ASP E 245 35.75 19.62 3.83
C ASP E 245 35.00 19.39 2.53
N LEU E 246 33.97 18.55 2.55
CA LEU E 246 33.36 18.11 1.29
C LEU E 246 32.76 19.27 0.51
N GLN E 247 31.91 20.06 1.15
CA GLN E 247 31.22 21.12 0.43
C GLN E 247 32.17 22.24 0.01
N ASN E 248 33.11 22.61 0.88
CA ASN E 248 34.06 23.65 0.51
C ASN E 248 34.94 23.19 -0.64
N VAL E 249 35.31 21.91 -0.66
CA VAL E 249 36.09 21.39 -1.79
C VAL E 249 35.26 21.40 -3.05
N TYR E 250 33.97 21.10 -2.94
CA TYR E 250 33.12 21.14 -4.13
C TYR E 250 33.07 22.54 -4.71
N TRP E 251 32.81 23.54 -3.86
CA TRP E 251 32.68 24.90 -4.38
C TRP E 251 34.01 25.43 -4.90
N ASP E 252 35.11 25.07 -4.25
CA ASP E 252 36.42 25.58 -4.68
C ASP E 252 36.85 24.93 -5.99
N VAL E 253 36.68 23.62 -6.12
CA VAL E 253 37.02 22.96 -7.37
C VAL E 253 36.11 23.45 -8.48
N LEU E 254 34.86 23.79 -8.16
CA LEU E 254 33.95 24.25 -9.21
C LEU E 254 34.37 25.61 -9.74
N GLU E 255 34.67 26.55 -8.83
CA GLU E 255 35.12 27.85 -9.30
C GLU E 255 36.46 27.76 -10.01
N ARG E 256 37.35 26.86 -9.57
CA ARG E 256 38.62 26.71 -10.26
C ARG E 256 38.45 26.11 -11.65
N ILE E 257 37.52 25.16 -11.78
CA ILE E 257 37.22 24.59 -13.10
C ILE E 257 36.72 25.68 -14.03
N LYS E 258 35.80 26.51 -13.52
CA LYS E 258 35.25 27.57 -14.36
C LYS E 258 36.33 28.53 -14.81
N ARG E 259 37.16 29.00 -13.88
CA ARG E 259 38.17 29.99 -14.23
C ARG E 259 39.21 29.40 -15.17
N GLU E 260 39.68 28.18 -14.90
CA GLU E 260 40.74 27.61 -15.73
C GLU E 260 40.25 27.22 -17.11
N PHE E 261 39.00 26.75 -17.24
CA PHE E 261 38.47 26.49 -18.56
C PHE E 261 38.28 27.78 -19.35
N ASP E 262 37.83 28.85 -18.69
CA ASP E 262 37.69 30.12 -19.41
C ASP E 262 39.05 30.67 -19.82
N ALA E 263 40.10 30.41 -19.03
CA ALA E 263 41.42 30.89 -19.39
C ALA E 263 42.03 30.05 -20.50
N ALA E 264 41.73 28.76 -20.53
CA ALA E 264 42.31 27.85 -21.51
C ALA E 264 41.56 27.83 -22.83
N GLY E 265 40.42 28.50 -22.93
CA GLY E 265 39.66 28.54 -24.15
C GLY E 265 38.68 27.40 -24.33
N ILE E 266 38.64 26.44 -23.42
CA ILE E 266 37.64 25.39 -23.47
C ILE E 266 36.26 25.98 -23.22
N SER E 267 35.28 25.55 -23.99
CA SER E 267 33.93 26.10 -23.92
C SER E 267 33.01 25.21 -23.11
N PHE E 268 32.05 25.83 -22.42
CA PHE E 268 30.89 25.10 -21.91
C PHE E 268 29.76 25.35 -22.90
N PRO E 269 29.32 24.37 -23.66
CA PRO E 269 28.32 24.62 -24.69
C PRO E 269 26.98 25.06 -24.13
N TYR E 270 26.33 25.94 -24.87
CA TYR E 270 24.90 26.13 -24.76
C TYR E 270 24.21 24.99 -25.49
N PRO E 271 22.93 24.73 -25.19
CA PRO E 271 22.26 23.61 -25.86
C PRO E 271 22.27 23.82 -27.35
N GLN E 272 22.47 22.73 -28.09
CA GLN E 272 22.76 22.79 -29.50
C GLN E 272 21.57 22.32 -30.31
N MET E 273 21.52 22.77 -31.56
CA MET E 273 20.42 22.43 -32.45
C MET E 273 20.86 22.75 -33.87
N ASP E 274 20.98 21.73 -34.71
CA ASP E 274 21.10 21.95 -36.15
C ASP E 274 19.73 22.35 -36.67
N VAL E 275 19.70 23.20 -37.68
CA VAL E 275 18.45 23.67 -38.27
C VAL E 275 18.59 23.61 -39.78
N ASN E 276 17.76 22.78 -40.41
CA ASN E 276 17.75 22.63 -41.86
C ASN E 276 16.72 23.59 -42.43
N PHE E 277 17.18 24.75 -42.87
CA PHE E 277 16.31 25.80 -43.40
C PHE E 277 15.61 25.34 -44.67
N LYS E 278 14.31 25.62 -44.76
CA LYS E 278 13.51 25.27 -45.94
C LYS E 278 12.53 26.40 -46.18
N ARG E 279 12.79 27.21 -47.20
CA ARG E 279 11.93 28.34 -47.54
C ARG E 279 10.82 27.84 -48.45
N VAL E 280 9.67 27.54 -47.87
CA VAL E 280 8.54 27.01 -48.63
C VAL E 280 7.57 28.11 -49.02
N ALA F 19 -3.83 -14.89 68.31
CA ALA F 19 -3.38 -15.82 69.35
C ALA F 19 -3.19 -17.21 68.78
N ASN F 20 -4.00 -17.56 67.79
CA ASN F 20 -3.90 -18.85 67.11
C ASN F 20 -2.88 -18.73 65.98
N GLN F 21 -1.63 -19.06 66.28
CA GLN F 21 -0.56 -18.95 65.30
C GLN F 21 -0.45 -20.14 64.35
N ALA F 22 -1.23 -21.21 64.58
CA ALA F 22 -1.07 -22.40 63.75
C ALA F 22 -1.40 -22.12 62.30
N LEU F 23 -2.50 -21.41 62.04
CA LEU F 23 -2.77 -21.00 60.66
C LEU F 23 -1.72 -20.03 60.16
N LEU F 24 -1.22 -19.15 61.02
CA LEU F 24 -0.14 -18.26 60.61
C LEU F 24 1.11 -19.04 60.29
N LEU F 25 1.36 -20.12 61.03
CA LEU F 25 2.52 -20.95 60.72
C LEU F 25 2.34 -21.65 59.38
N SER F 26 1.13 -22.11 59.10
CA SER F 26 0.90 -22.75 57.80
C SER F 26 1.05 -21.76 56.66
N TYR F 27 0.65 -20.52 56.88
CA TYR F 27 0.77 -19.53 55.79
C TYR F 27 2.23 -19.14 55.57
N ALA F 28 2.99 -18.94 56.65
CA ALA F 28 4.40 -18.62 56.48
C ALA F 28 5.15 -19.79 55.85
N VAL F 29 4.76 -21.02 56.19
CA VAL F 29 5.42 -22.18 55.61
C VAL F 29 5.10 -22.29 54.13
N ASN F 30 3.85 -22.00 53.74
CA ASN F 30 3.53 -22.02 52.32
C ASN F 30 4.28 -20.94 51.56
N ILE F 31 4.49 -19.78 52.18
CA ILE F 31 5.24 -18.71 51.49
C ILE F 31 6.70 -19.11 51.32
N VAL F 32 7.30 -19.70 52.36
CA VAL F 32 8.68 -20.12 52.24
C VAL F 32 8.81 -21.24 51.21
N ALA F 33 7.82 -22.12 51.13
CA ALA F 33 7.86 -23.17 50.12
C ALA F 33 7.72 -22.59 48.73
N ALA F 34 6.95 -21.52 48.59
CA ALA F 34 6.84 -20.89 47.27
C ALA F 34 8.16 -20.26 46.86
N LEU F 35 8.84 -19.58 47.79
CA LEU F 35 10.15 -19.01 47.45
C LEU F 35 11.17 -20.10 47.14
N ALA F 36 11.11 -21.22 47.85
CA ALA F 36 12.04 -22.30 47.56
C ALA F 36 11.77 -22.91 46.21
N ILE F 37 10.49 -23.05 45.83
CA ILE F 37 10.18 -23.55 44.51
C ILE F 37 10.64 -22.58 43.45
N ILE F 38 10.56 -21.29 43.72
CA ILE F 38 11.01 -20.30 42.74
C ILE F 38 12.53 -20.41 42.54
N ILE F 39 13.27 -20.53 43.63
CA ILE F 39 14.73 -20.60 43.53
C ILE F 39 15.15 -21.87 42.81
N VAL F 40 14.61 -23.02 43.22
CA VAL F 40 15.00 -24.27 42.60
C VAL F 40 14.56 -24.29 41.14
N GLY F 41 13.43 -23.65 40.83
CA GLY F 41 12.99 -23.64 39.46
C GLY F 41 13.85 -22.78 38.57
N LEU F 42 14.35 -21.65 39.09
CA LEU F 42 15.28 -20.86 38.30
C LEU F 42 16.58 -21.62 38.08
N ILE F 43 17.05 -22.36 39.10
CA ILE F 43 18.28 -23.11 38.93
C ILE F 43 18.12 -24.19 37.87
N ILE F 44 17.04 -24.97 37.95
CA ILE F 44 16.84 -26.04 37.00
C ILE F 44 16.57 -25.49 35.60
N ALA F 45 15.93 -24.31 35.52
CA ALA F 45 15.72 -23.71 34.20
C ALA F 45 17.03 -23.31 33.57
N ARG F 46 17.92 -22.67 34.33
CA ARG F 46 19.20 -22.28 33.76
C ARG F 46 20.02 -23.50 33.37
N MET F 47 19.95 -24.57 34.16
CA MET F 47 20.75 -25.74 33.85
C MET F 47 20.24 -26.45 32.60
N ILE F 48 18.93 -26.68 32.50
CA ILE F 48 18.42 -27.35 31.33
C ILE F 48 18.58 -26.50 30.08
N SER F 49 18.49 -25.17 30.22
CA SER F 49 18.67 -24.33 29.04
C SER F 49 20.12 -24.34 28.56
N ASN F 50 21.09 -24.28 29.48
CA ASN F 50 22.48 -24.38 29.07
C ASN F 50 22.78 -25.74 28.47
N ALA F 51 22.16 -26.80 28.98
CA ALA F 51 22.42 -28.11 28.42
C ALA F 51 21.84 -28.25 27.02
N VAL F 52 20.63 -27.73 26.81
CA VAL F 52 20.06 -27.76 25.46
C VAL F 52 20.87 -26.89 24.51
N ASN F 53 21.41 -25.78 25.01
CA ASN F 53 22.21 -24.91 24.16
C ASN F 53 23.51 -25.59 23.73
N ARG F 54 24.20 -26.24 24.68
CA ARG F 54 25.40 -26.98 24.31
C ARG F 54 25.08 -28.14 23.39
N LEU F 55 23.93 -28.79 23.59
CA LEU F 55 23.56 -29.92 22.73
C LEU F 55 23.27 -29.46 21.31
N MET F 56 22.73 -28.25 21.16
CA MET F 56 22.47 -27.75 19.82
C MET F 56 23.75 -27.25 19.16
N ILE F 57 24.61 -26.55 19.90
CA ILE F 57 25.86 -26.06 19.32
C ILE F 57 26.73 -27.24 18.90
N SER F 58 26.66 -28.35 19.63
CA SER F 58 27.46 -29.52 19.27
C SER F 58 26.97 -30.15 17.97
N ARG F 59 25.71 -29.92 17.60
CA ARG F 59 25.13 -30.44 16.37
C ARG F 59 25.20 -29.44 15.22
N LYS F 60 26.02 -28.40 15.37
CA LYS F 60 26.25 -27.39 14.33
C LYS F 60 24.98 -26.66 13.93
N ILE F 61 24.09 -26.42 14.88
CA ILE F 61 23.01 -25.46 14.67
C ILE F 61 23.59 -24.06 14.74
N ASP F 62 22.95 -23.11 14.06
CA ASP F 62 23.42 -21.74 14.08
C ASP F 62 23.35 -21.17 15.49
N ALA F 63 24.31 -20.33 15.84
CA ALA F 63 24.40 -19.83 17.21
C ALA F 63 23.17 -19.01 17.59
N THR F 64 22.59 -18.29 16.63
CA THR F 64 21.42 -17.48 16.95
C THR F 64 20.18 -18.35 17.13
N VAL F 65 20.01 -19.37 16.29
CA VAL F 65 18.89 -20.29 16.48
C VAL F 65 19.06 -21.05 17.78
N ALA F 66 20.30 -21.38 18.14
CA ALA F 66 20.56 -22.07 19.39
C ALA F 66 20.19 -21.19 20.58
N ASP F 67 20.61 -19.92 20.55
CA ASP F 67 20.27 -19.02 21.64
C ASP F 67 18.76 -18.78 21.71
N PHE F 68 18.09 -18.76 20.57
CA PHE F 68 16.64 -18.54 20.58
C PHE F 68 15.91 -19.73 21.20
N LEU F 69 16.22 -20.94 20.74
CA LEU F 69 15.52 -22.11 21.28
C LEU F 69 15.89 -22.33 22.75
N SER F 70 17.13 -22.02 23.15
CA SER F 70 17.49 -22.16 24.54
C SER F 70 16.76 -21.12 25.40
N ALA F 71 16.59 -19.91 24.90
CA ALA F 71 15.83 -18.92 25.64
C ALA F 71 14.37 -19.34 25.78
N LEU F 72 13.82 -19.97 24.75
CA LEU F 72 12.44 -20.45 24.86
C LEU F 72 12.32 -21.57 25.88
N VAL F 73 13.29 -22.48 25.92
CA VAL F 73 13.25 -23.56 26.92
C VAL F 73 13.39 -22.99 28.32
N ARG F 74 14.24 -21.99 28.50
CA ARG F 74 14.44 -21.43 29.83
C ARG F 74 13.20 -20.69 30.30
N TYR F 75 12.58 -19.89 29.43
CA TYR F 75 11.37 -19.21 29.85
C TYR F 75 10.20 -20.17 30.04
N GLY F 76 10.16 -21.29 29.32
CA GLY F 76 9.12 -22.26 29.58
C GLY F 76 9.28 -22.95 30.93
N ILE F 77 10.50 -23.32 31.29
CA ILE F 77 10.70 -23.93 32.59
C ILE F 77 10.43 -22.92 33.71
N ILE F 78 10.78 -21.65 33.48
CA ILE F 78 10.46 -20.63 34.49
C ILE F 78 8.95 -20.45 34.59
N ALA F 79 8.23 -20.59 33.49
CA ALA F 79 6.77 -20.47 33.57
C ALA F 79 6.16 -21.61 34.35
N PHE F 80 6.68 -22.84 34.18
CA PHE F 80 6.19 -23.94 35.00
C PHE F 80 6.50 -23.70 36.47
N THR F 81 7.68 -23.15 36.76
CA THR F 81 8.03 -22.88 38.15
C THR F 81 7.14 -21.80 38.75
N LEU F 82 6.81 -20.77 37.97
CA LEU F 82 5.93 -19.73 38.47
C LEU F 82 4.54 -20.28 38.72
N ILE F 83 4.05 -21.13 37.82
CA ILE F 83 2.71 -21.68 38.02
C ILE F 83 2.67 -22.55 39.27
N ALA F 84 3.75 -23.28 39.53
CA ALA F 84 3.78 -24.13 40.73
C ALA F 84 3.84 -23.30 42.00
N ALA F 85 4.72 -22.29 42.04
CA ALA F 85 4.84 -21.50 43.26
C ALA F 85 3.58 -20.68 43.52
N LEU F 86 3.03 -20.04 42.47
CA LEU F 86 1.81 -19.28 42.65
C LEU F 86 0.62 -20.18 42.98
N GLY F 87 0.66 -21.45 42.59
CA GLY F 87 -0.33 -22.38 43.09
C GLY F 87 -0.12 -22.68 44.56
N ARG F 88 1.14 -22.70 44.99
CA ARG F 88 1.41 -22.90 46.42
C ARG F 88 0.94 -21.74 47.28
N VAL F 89 0.92 -20.51 46.74
CA VAL F 89 0.43 -19.38 47.54
C VAL F 89 -1.07 -19.22 47.38
N GLY F 90 -1.70 -20.08 46.60
CA GLY F 90 -3.15 -20.09 46.48
C GLY F 90 -3.72 -19.53 45.19
N VAL F 91 -2.90 -18.89 44.36
CA VAL F 91 -3.39 -18.45 43.05
C VAL F 91 -3.69 -19.68 42.20
N GLN F 92 -4.81 -19.64 41.49
CA GLN F 92 -5.23 -20.74 40.65
C GLN F 92 -4.40 -20.81 39.38
N THR F 93 -4.35 -22.00 38.79
CA THR F 93 -3.58 -22.18 37.56
C THR F 93 -4.14 -21.35 36.42
N ALA F 94 -5.47 -21.18 36.36
CA ALA F 94 -6.05 -20.39 35.29
C ALA F 94 -5.65 -18.92 35.41
N SER F 95 -5.57 -18.40 36.63
CA SER F 95 -5.16 -17.01 36.81
C SER F 95 -3.72 -16.81 36.37
N VAL F 96 -2.83 -17.71 36.78
CA VAL F 96 -1.43 -17.55 36.44
C VAL F 96 -1.21 -17.71 34.94
N ILE F 97 -1.95 -18.63 34.32
CA ILE F 97 -1.80 -18.80 32.88
C ILE F 97 -2.31 -17.58 32.15
N ALA F 98 -3.42 -16.99 32.62
CA ALA F 98 -3.94 -15.81 31.95
C ALA F 98 -3.02 -14.62 32.10
N VAL F 99 -2.45 -14.43 33.29
CA VAL F 99 -1.60 -13.27 33.52
C VAL F 99 -0.26 -13.43 32.80
N LEU F 100 0.32 -14.62 32.83
CA LEU F 100 1.54 -14.84 32.08
C LEU F 100 1.29 -14.76 30.58
N GLY F 101 0.09 -15.12 30.14
CA GLY F 101 -0.24 -14.96 28.73
C GLY F 101 -0.40 -13.51 28.33
N ALA F 102 -0.94 -12.68 29.22
CA ALA F 102 -1.02 -11.25 28.93
C ALA F 102 0.36 -10.61 28.93
N ALA F 103 1.22 -10.98 29.88
CA ALA F 103 2.58 -10.45 29.87
C ALA F 103 3.36 -10.93 28.66
N GLY F 104 3.11 -12.15 28.22
CA GLY F 104 3.78 -12.64 27.04
C GLY F 104 3.26 -11.99 25.77
N LEU F 105 1.97 -11.70 25.72
CA LEU F 105 1.43 -10.98 24.58
C LEU F 105 1.95 -9.54 24.53
N ALA F 106 2.16 -8.92 25.68
CA ALA F 106 2.73 -7.57 25.68
C ALA F 106 4.19 -7.60 25.24
N VAL F 107 4.98 -8.52 25.78
CA VAL F 107 6.38 -8.63 25.37
C VAL F 107 6.46 -9.00 23.89
N GLY F 108 5.50 -9.79 23.40
CA GLY F 108 5.51 -10.15 22.00
C GLY F 108 5.12 -8.99 21.09
N LEU F 109 4.20 -8.14 21.54
CA LEU F 109 3.91 -6.94 20.77
C LEU F 109 5.11 -6.01 20.73
N ALA F 110 5.88 -5.97 21.80
CA ALA F 110 7.08 -5.13 21.80
C ALA F 110 8.17 -5.72 20.91
N LEU F 111 8.30 -7.05 20.87
CA LEU F 111 9.41 -7.70 20.19
C LEU F 111 9.03 -8.30 18.85
N GLN F 112 7.85 -8.03 18.33
CA GLN F 112 7.43 -8.65 17.07
C GLN F 112 8.35 -8.28 15.92
N GLY F 113 8.61 -6.98 15.73
CA GLY F 113 9.47 -6.58 14.63
C GLY F 113 10.90 -7.00 14.82
N SER F 114 11.40 -6.96 16.06
CA SER F 114 12.75 -7.40 16.32
C SER F 114 12.90 -8.90 16.08
N LEU F 115 11.84 -9.66 16.34
CA LEU F 115 11.89 -11.09 16.05
C LEU F 115 11.89 -11.35 14.56
N SER F 116 11.12 -10.55 13.80
CA SER F 116 11.15 -10.70 12.35
C SER F 116 12.54 -10.38 11.79
N ASN F 117 13.18 -9.33 12.31
CA ASN F 117 14.52 -9.00 11.88
C ASN F 117 15.53 -10.06 12.30
N LEU F 118 15.32 -10.69 13.46
CA LEU F 118 16.24 -11.74 13.91
C LEU F 118 16.15 -12.95 13.00
N ALA F 119 14.94 -13.37 12.65
CA ALA F 119 14.80 -14.51 11.74
C ALA F 119 15.36 -14.19 10.37
N ALA F 120 15.13 -12.97 9.87
CA ALA F 120 15.67 -12.60 8.57
C ALA F 120 17.19 -12.56 8.61
N GLY F 121 17.78 -12.17 9.73
CA GLY F 121 19.22 -12.16 9.81
C GLY F 121 19.80 -13.55 9.86
N VAL F 122 19.10 -14.47 10.51
CA VAL F 122 19.54 -15.87 10.49
C VAL F 122 19.50 -16.41 9.07
N LEU F 123 18.45 -16.08 8.32
CA LEU F 123 18.37 -16.55 6.94
C LEU F 123 19.47 -15.95 6.07
N LEU F 124 19.76 -14.66 6.25
CA LEU F 124 20.80 -14.03 5.46
C LEU F 124 22.18 -14.59 5.78
N VAL F 125 22.42 -14.99 7.02
CA VAL F 125 23.72 -15.56 7.35
C VAL F 125 23.80 -17.01 6.89
N MET F 126 22.66 -17.70 6.82
CA MET F 126 22.70 -19.10 6.42
C MET F 126 22.83 -19.26 4.92
N PHE F 127 21.91 -18.67 4.16
CA PHE F 127 21.87 -18.89 2.71
C PHE F 127 22.83 -18.01 1.93
N ARG F 128 23.36 -16.96 2.54
CA ARG F 128 24.31 -16.05 1.90
C ARG F 128 23.85 -15.56 0.53
N PRO F 129 22.73 -14.85 0.43
CA PRO F 129 22.45 -14.12 -0.81
C PRO F 129 23.53 -13.10 -1.14
N PHE F 130 24.15 -12.52 -0.12
CA PHE F 130 25.28 -11.62 -0.29
C PHE F 130 26.21 -11.80 0.89
N ARG F 131 27.50 -11.56 0.65
CA ARG F 131 28.49 -11.59 1.71
C ARG F 131 29.13 -10.23 1.82
N ALA F 132 29.86 -10.01 2.90
CA ALA F 132 30.51 -8.72 3.12
C ALA F 132 31.52 -8.45 2.01
N GLY F 133 31.56 -7.22 1.54
CA GLY F 133 32.43 -6.82 0.46
C GLY F 133 31.85 -6.97 -0.93
N GLU F 134 30.63 -7.46 -1.07
CA GLU F 134 29.99 -7.57 -2.37
C GLU F 134 29.00 -6.43 -2.58
N TYR F 135 29.14 -5.73 -3.70
CA TYR F 135 28.22 -4.67 -4.06
C TYR F 135 26.85 -5.28 -4.30
N VAL F 136 25.81 -4.66 -3.76
CA VAL F 136 24.45 -5.19 -3.87
C VAL F 136 23.50 -4.03 -4.13
N ASP F 137 22.21 -4.35 -4.15
CA ASP F 137 21.15 -3.38 -4.39
C ASP F 137 19.89 -3.89 -3.72
N LEU F 138 19.69 -3.52 -2.46
CA LEU F 138 18.63 -4.05 -1.62
C LEU F 138 17.44 -3.09 -1.62
N GLY F 139 16.58 -3.22 -2.62
CA GLY F 139 15.36 -2.44 -2.64
C GLY F 139 15.52 -0.99 -3.06
N GLY F 140 16.49 -0.70 -3.90
CA GLY F 140 16.71 0.63 -4.42
C GLY F 140 17.88 1.38 -3.81
N VAL F 141 18.41 0.91 -2.68
CA VAL F 141 19.67 1.41 -2.15
C VAL F 141 20.77 0.44 -2.55
N ALA F 142 21.94 0.96 -2.85
CA ALA F 142 23.03 0.15 -3.36
C ALA F 142 24.35 0.58 -2.77
N GLY F 143 25.18 -0.40 -2.42
CA GLY F 143 26.50 -0.11 -1.89
C GLY F 143 27.14 -1.39 -1.41
N THR F 144 28.43 -1.30 -1.14
CA THR F 144 29.20 -2.44 -0.64
C THR F 144 28.63 -2.86 0.71
N VAL F 145 28.41 -4.16 0.89
CA VAL F 145 27.99 -4.65 2.19
C VAL F 145 29.17 -4.60 3.14
N LEU F 146 28.90 -4.27 4.40
CA LEU F 146 29.93 -4.20 5.42
C LEU F 146 29.81 -5.34 6.43
N SER F 147 28.60 -5.59 6.92
CA SER F 147 28.35 -6.72 7.80
C SER F 147 26.85 -6.91 7.93
N VAL F 148 26.44 -8.17 8.03
CA VAL F 148 25.09 -8.52 8.44
C VAL F 148 25.11 -8.69 9.96
N GLN F 149 24.13 -8.13 10.63
CA GLN F 149 24.11 -8.12 12.08
C GLN F 149 22.79 -8.70 12.58
N ILE F 150 22.60 -8.67 13.89
CA ILE F 150 21.50 -9.40 14.50
C ILE F 150 20.16 -8.86 14.04
N PHE F 151 20.07 -7.55 13.79
CA PHE F 151 18.81 -6.93 13.43
C PHE F 151 18.85 -6.11 12.15
N SER F 152 20.03 -5.74 11.65
CA SER F 152 20.10 -4.88 10.48
C SER F 152 21.44 -5.06 9.79
N THR F 153 21.45 -4.76 8.49
CA THR F 153 22.65 -4.84 7.68
C THR F 153 23.20 -3.45 7.41
N THR F 154 24.50 -3.28 7.57
CA THR F 154 25.19 -2.04 7.25
C THR F 154 25.81 -2.15 5.87
N MET F 155 25.74 -1.07 5.10
CA MET F 155 26.39 -1.01 3.80
C MET F 155 26.90 0.40 3.54
N ARG F 156 28.03 0.48 2.86
CA ARG F 156 28.63 1.76 2.49
C ARG F 156 28.41 2.02 1.02
N THR F 157 27.68 3.08 0.69
CA THR F 157 27.41 3.38 -0.70
C THR F 157 28.68 3.83 -1.41
N ALA F 158 28.57 4.00 -2.72
CA ALA F 158 29.76 4.27 -3.53
C ALA F 158 30.44 5.57 -3.13
N ASP F 159 29.71 6.54 -2.59
CA ASP F 159 30.28 7.82 -2.20
C ASP F 159 30.51 7.94 -0.69
N GLY F 160 30.42 6.86 0.06
CA GLY F 160 30.82 6.87 1.46
C GLY F 160 29.73 7.04 2.48
N LYS F 161 28.48 7.23 2.09
CA LYS F 161 27.39 7.23 3.06
C LYS F 161 27.14 5.82 3.57
N ILE F 162 26.80 5.71 4.86
CA ILE F 162 26.47 4.43 5.48
C ILE F 162 24.96 4.29 5.48
N ILE F 163 24.46 3.10 5.13
CA ILE F 163 23.04 2.80 5.15
C ILE F 163 22.84 1.61 6.09
N VAL F 164 21.75 1.63 6.86
CA VAL F 164 21.42 0.57 7.79
C VAL F 164 20.02 0.08 7.44
N ILE F 165 19.95 -1.06 6.75
CA ILE F 165 18.70 -1.63 6.28
C ILE F 165 18.29 -2.73 7.24
N PRO F 166 17.10 -2.68 7.84
CA PRO F 166 16.66 -3.77 8.70
C PRO F 166 16.53 -5.08 7.92
N ASN F 167 16.85 -6.19 8.58
CA ASN F 167 16.99 -7.47 7.88
C ASN F 167 15.68 -7.94 7.26
N GLY F 168 14.55 -7.60 7.86
CA GLY F 168 13.29 -8.08 7.32
C GLY F 168 12.95 -7.43 6.00
N LYS F 169 13.28 -6.14 5.86
CA LYS F 169 13.09 -5.46 4.59
C LYS F 169 13.99 -6.05 3.51
N ILE F 170 15.19 -6.50 3.90
CA ILE F 170 16.10 -7.09 2.93
C ILE F 170 15.57 -8.43 2.46
N ILE F 171 15.16 -9.29 3.40
CA ILE F 171 14.67 -10.61 3.03
C ILE F 171 13.36 -10.52 2.26
N ALA F 172 12.52 -9.52 2.53
CA ALA F 172 11.22 -9.45 1.89
C ALA F 172 11.29 -9.09 0.42
N GLY F 173 12.36 -8.44 -0.04
CA GLY F 173 12.46 -7.94 -1.39
C GLY F 173 13.58 -8.58 -2.18
N ASN F 174 13.78 -8.06 -3.39
CA ASN F 174 14.82 -8.55 -4.27
C ASN F 174 16.20 -8.17 -3.74
N ILE F 175 17.18 -8.99 -4.09
CA ILE F 175 18.57 -8.79 -3.67
C ILE F 175 19.45 -8.90 -4.91
N ILE F 176 19.53 -7.82 -5.68
CA ILE F 176 20.42 -7.77 -6.82
C ILE F 176 21.85 -7.80 -6.29
N ASN F 177 22.74 -8.47 -6.99
CA ASN F 177 24.10 -8.69 -6.51
C ASN F 177 25.08 -8.48 -7.67
N PHE F 178 25.67 -7.30 -7.72
CA PHE F 178 26.56 -6.93 -8.82
C PHE F 178 27.86 -7.73 -8.82
N SER F 179 28.28 -8.24 -7.67
CA SER F 179 29.63 -8.77 -7.53
C SER F 179 29.70 -10.29 -7.51
N ARG F 180 28.58 -10.99 -7.69
CA ARG F 180 28.62 -12.45 -7.57
C ARG F 180 29.23 -13.10 -8.80
N GLU F 181 28.77 -12.72 -9.99
CA GLU F 181 29.28 -13.32 -11.21
C GLU F 181 30.65 -12.76 -11.55
N PRO F 182 31.61 -13.60 -11.95
CA PRO F 182 32.93 -13.09 -12.35
C PRO F 182 32.89 -12.11 -13.52
N VAL F 183 31.97 -12.27 -14.46
CA VAL F 183 31.96 -11.49 -15.69
C VAL F 183 30.64 -10.71 -15.79
N ARG F 184 30.70 -9.55 -16.42
CA ARG F 184 29.54 -8.68 -16.58
C ARG F 184 29.66 -7.92 -17.89
N ARG F 185 28.53 -7.44 -18.39
CA ARG F 185 28.42 -6.90 -19.74
C ARG F 185 28.31 -5.38 -19.73
N ASN F 186 29.12 -4.72 -20.55
CA ASN F 186 28.97 -3.33 -20.90
C ASN F 186 27.96 -3.17 -22.03
N GLU F 187 27.35 -1.99 -22.10
CA GLU F 187 26.43 -1.67 -23.18
C GLU F 187 26.58 -0.20 -23.56
N PHE F 188 27.31 0.05 -24.64
CA PHE F 188 27.43 1.38 -25.22
C PHE F 188 26.24 1.63 -26.14
N ILE F 189 25.84 2.89 -26.29
CA ILE F 189 24.76 3.28 -27.18
C ILE F 189 25.25 4.49 -27.97
N ILE F 190 26.01 4.23 -29.03
CA ILE F 190 26.56 5.28 -29.87
C ILE F 190 25.47 5.75 -30.82
N GLY F 191 25.38 7.06 -31.02
CA GLY F 191 24.42 7.59 -31.97
C GLY F 191 25.10 8.48 -32.98
N VAL F 192 25.01 8.12 -34.26
CA VAL F 192 25.71 8.84 -35.31
C VAL F 192 24.71 9.42 -36.30
N ALA F 193 25.19 10.30 -37.17
CA ALA F 193 24.33 11.00 -38.11
C ALA F 193 23.72 10.04 -39.13
N TYR F 194 22.53 10.40 -39.61
CA TYR F 194 21.81 9.52 -40.54
C TYR F 194 22.57 9.29 -41.83
N ASP F 195 23.40 10.25 -42.24
CA ASP F 195 24.15 10.09 -43.48
C ASP F 195 25.39 9.23 -43.31
N SER F 196 25.75 8.86 -42.09
CA SER F 196 26.93 8.05 -41.85
C SER F 196 26.79 6.66 -42.46
N ASP F 197 27.89 6.18 -43.02
CA ASP F 197 27.92 4.84 -43.57
C ASP F 197 27.76 3.82 -42.45
N ILE F 198 26.94 2.80 -42.66
CA ILE F 198 26.71 1.81 -41.61
C ILE F 198 27.86 0.83 -41.53
N ASP F 199 28.38 0.41 -42.69
CA ASP F 199 29.49 -0.55 -42.68
C ASP F 199 30.73 0.05 -42.04
N GLN F 200 30.99 1.34 -42.28
CA GLN F 200 32.17 1.95 -41.69
C GLN F 200 32.03 2.10 -40.19
N VAL F 201 30.84 2.43 -39.71
CA VAL F 201 30.62 2.53 -38.27
C VAL F 201 30.79 1.18 -37.62
N LYS F 202 30.18 0.14 -38.19
CA LYS F 202 30.29 -1.18 -37.60
C LYS F 202 31.72 -1.69 -37.66
N GLN F 203 32.46 -1.36 -38.71
CA GLN F 203 33.83 -1.82 -38.82
C GLN F 203 34.73 -1.13 -37.81
N ILE F 204 34.52 0.17 -37.59
CA ILE F 204 35.33 0.88 -36.61
C ILE F 204 35.03 0.41 -35.20
N LEU F 205 33.75 0.23 -34.88
CA LEU F 205 33.42 -0.28 -33.55
C LEU F 205 33.95 -1.69 -33.34
N THR F 206 33.93 -2.50 -34.40
CA THR F 206 34.45 -3.86 -34.26
C THR F 206 35.94 -3.85 -34.04
N ASN F 207 36.69 -3.01 -34.77
CA ASN F 207 38.12 -2.95 -34.53
C ASN F 207 38.43 -2.42 -33.13
N ILE F 208 37.61 -1.49 -32.64
CA ILE F 208 37.85 -0.92 -31.31
C ILE F 208 37.62 -1.98 -30.24
N ILE F 209 36.61 -2.82 -30.39
CA ILE F 209 36.41 -3.86 -29.37
C ILE F 209 37.25 -5.10 -29.62
N GLN F 210 37.88 -5.24 -30.79
CA GLN F 210 38.78 -6.36 -30.99
C GLN F 210 40.19 -6.03 -30.52
N SER F 211 40.55 -4.75 -30.47
CA SER F 211 41.84 -4.38 -29.92
C SER F 211 41.85 -4.29 -28.41
N GLU F 212 40.70 -4.44 -27.77
CA GLU F 212 40.59 -4.32 -26.32
C GLU F 212 40.80 -5.69 -25.68
N ASP F 213 41.97 -5.89 -25.05
CA ASP F 213 42.33 -7.20 -24.51
C ASP F 213 41.47 -7.59 -23.32
N ARG F 214 40.88 -6.63 -22.62
CA ARG F 214 40.08 -6.94 -21.45
C ARG F 214 38.65 -7.34 -21.79
N ILE F 215 38.27 -7.28 -23.05
CA ILE F 215 36.95 -7.73 -23.50
C ILE F 215 37.06 -9.20 -23.87
N LEU F 216 36.19 -10.02 -23.29
CA LEU F 216 36.27 -11.46 -23.49
C LEU F 216 35.82 -11.83 -24.89
N LYS F 217 36.73 -12.42 -25.66
CA LYS F 217 36.44 -12.77 -27.04
C LYS F 217 35.60 -14.03 -27.16
N ASP F 218 35.50 -14.84 -26.11
CA ASP F 218 34.66 -16.04 -26.17
C ASP F 218 33.19 -15.76 -25.90
N ARG F 219 32.83 -14.54 -25.50
CA ARG F 219 31.45 -14.18 -25.27
C ARG F 219 30.88 -13.49 -26.50
N GLU F 220 29.71 -12.88 -26.34
CA GLU F 220 29.11 -12.10 -27.41
C GLU F 220 29.84 -10.78 -27.58
N MET F 221 29.87 -10.28 -28.81
CA MET F 221 30.45 -8.98 -29.13
C MET F 221 29.61 -8.30 -30.20
N THR F 222 28.37 -7.96 -29.85
CA THR F 222 27.47 -7.39 -30.82
C THR F 222 27.88 -5.97 -31.21
N VAL F 223 27.74 -5.66 -32.49
CA VAL F 223 27.88 -4.30 -33.01
C VAL F 223 26.79 -4.16 -34.08
N ARG F 224 25.58 -3.81 -33.65
CA ARG F 224 24.44 -3.82 -34.54
C ARG F 224 23.72 -2.48 -34.49
N LEU F 225 23.23 -2.04 -35.64
CA LEU F 225 22.30 -0.92 -35.67
C LEU F 225 21.04 -1.32 -34.91
N ASN F 226 20.58 -0.45 -34.03
CA ASN F 226 19.57 -0.83 -33.05
C ASN F 226 18.30 -0.01 -33.11
N GLU F 227 18.39 1.24 -33.55
CA GLU F 227 17.23 2.11 -33.55
C GLU F 227 17.46 3.27 -34.49
N LEU F 228 16.42 3.69 -35.20
CA LEU F 228 16.46 4.88 -36.03
C LEU F 228 15.80 6.00 -35.22
N GLY F 229 16.64 6.81 -34.56
CA GLY F 229 16.14 7.77 -33.62
C GLY F 229 15.69 9.06 -34.27
N ALA F 230 15.34 10.02 -33.42
CA ALA F 230 14.83 11.30 -33.91
C ALA F 230 15.89 12.06 -34.70
N SER F 231 17.15 11.93 -34.32
CA SER F 231 18.23 12.67 -34.96
C SER F 231 19.44 11.81 -35.28
N SER F 232 19.41 10.53 -34.95
CA SER F 232 20.60 9.69 -35.09
C SER F 232 20.17 8.23 -35.13
N ILE F 233 21.01 7.42 -35.76
CA ILE F 233 20.87 5.97 -35.75
C ILE F 233 21.69 5.42 -34.60
N ASN F 234 21.04 4.77 -33.64
CA ASN F 234 21.70 4.35 -32.41
C ASN F 234 22.26 2.95 -32.57
N PHE F 235 23.57 2.86 -32.72
CA PHE F 235 24.27 1.59 -32.67
C PHE F 235 24.37 1.12 -31.23
N VAL F 236 24.36 -0.19 -31.03
CA VAL F 236 24.54 -0.80 -29.72
C VAL F 236 25.81 -1.64 -29.76
N VAL F 237 26.57 -1.60 -28.68
CA VAL F 237 27.76 -2.45 -28.53
C VAL F 237 27.66 -3.09 -27.16
N ARG F 238 27.64 -4.42 -27.13
CA ARG F 238 27.57 -5.18 -25.89
C ARG F 238 28.77 -6.10 -25.83
N VAL F 239 29.58 -5.92 -24.79
CA VAL F 239 30.81 -6.70 -24.64
C VAL F 239 30.94 -7.10 -23.18
N TRP F 240 31.48 -8.29 -22.96
CA TRP F 240 31.64 -8.84 -21.61
C TRP F 240 33.05 -8.64 -21.12
N SER F 241 33.21 -8.48 -19.81
CA SER F 241 34.51 -8.34 -19.19
C SER F 241 34.41 -8.76 -17.73
N ASN F 242 35.56 -9.04 -17.13
CA ASN F 242 35.61 -9.42 -15.73
C ASN F 242 35.07 -8.28 -14.88
N SER F 243 34.46 -8.63 -13.74
CA SER F 243 33.78 -7.62 -12.94
C SER F 243 34.72 -6.51 -12.50
N GLY F 244 36.00 -6.81 -12.34
CA GLY F 244 36.94 -5.78 -11.94
C GLY F 244 37.40 -4.86 -13.06
N ASP F 245 37.22 -5.25 -14.31
CA ASP F 245 37.64 -4.43 -15.44
C ASP F 245 36.49 -3.71 -16.11
N LEU F 246 35.27 -3.83 -15.58
CA LEU F 246 34.09 -3.36 -16.29
C LEU F 246 34.13 -1.85 -16.52
N GLN F 247 34.35 -1.08 -15.46
CA GLN F 247 34.28 0.36 -15.59
C GLN F 247 35.46 0.92 -16.38
N ASN F 248 36.66 0.37 -16.17
CA ASN F 248 37.81 0.84 -16.93
C ASN F 248 37.64 0.51 -18.41
N VAL F 249 37.05 -0.64 -18.73
CA VAL F 249 36.80 -0.96 -20.13
C VAL F 249 35.75 -0.02 -20.71
N TYR F 250 34.76 0.35 -19.91
CA TYR F 250 33.76 1.29 -20.41
C TYR F 250 34.40 2.61 -20.77
N TRP F 251 35.20 3.17 -19.84
CA TRP F 251 35.79 4.49 -20.09
C TRP F 251 36.79 4.44 -21.24
N ASP F 252 37.55 3.34 -21.35
CA ASP F 252 38.56 3.25 -22.41
C ASP F 252 37.92 3.08 -23.76
N VAL F 253 36.91 2.21 -23.87
CA VAL F 253 36.22 2.06 -25.14
C VAL F 253 35.50 3.34 -25.51
N LEU F 254 35.01 4.09 -24.52
CA LEU F 254 34.31 5.33 -24.84
C LEU F 254 35.25 6.38 -25.41
N GLU F 255 36.40 6.57 -24.77
CA GLU F 255 37.36 7.52 -25.31
C GLU F 255 37.90 7.08 -26.66
N ARG F 256 38.08 5.76 -26.86
CA ARG F 256 38.55 5.29 -28.15
C ARG F 256 37.50 5.48 -29.24
N ILE F 257 36.22 5.28 -28.90
CA ILE F 257 35.15 5.53 -29.85
C ILE F 257 35.15 6.99 -30.26
N LYS F 258 35.28 7.89 -29.27
CA LYS F 258 35.26 9.31 -29.57
C LYS F 258 36.42 9.70 -30.49
N ARG F 259 37.63 9.25 -30.15
CA ARG F 259 38.80 9.63 -30.94
C ARG F 259 38.73 9.06 -32.34
N GLU F 260 38.36 7.78 -32.47
CA GLU F 260 38.37 7.15 -33.78
C GLU F 260 37.25 7.67 -34.67
N PHE F 261 36.08 7.99 -34.11
CA PHE F 261 35.04 8.59 -34.93
C PHE F 261 35.44 9.99 -35.37
N ASP F 262 36.09 10.77 -34.50
CA ASP F 262 36.53 12.09 -34.92
C ASP F 262 37.62 12.01 -35.98
N ALA F 263 38.44 10.96 -35.94
CA ALA F 263 39.48 10.82 -36.95
C ALA F 263 38.92 10.31 -38.27
N ALA F 264 37.87 9.49 -38.22
CA ALA F 264 37.29 8.91 -39.42
C ALA F 264 36.27 9.81 -40.09
N GLY F 265 35.91 10.93 -39.47
CA GLY F 265 34.95 11.84 -40.04
C GLY F 265 33.50 11.54 -39.74
N ILE F 266 33.21 10.45 -39.02
CA ILE F 266 31.86 10.18 -38.58
C ILE F 266 31.44 11.22 -37.56
N SER F 267 30.21 11.70 -37.66
CA SER F 267 29.70 12.76 -36.82
C SER F 267 28.84 12.21 -35.69
N PHE F 268 28.88 12.88 -34.54
CA PHE F 268 27.85 12.69 -33.53
C PHE F 268 26.88 13.86 -33.68
N PRO F 269 25.66 13.63 -34.13
CA PRO F 269 24.75 14.74 -34.40
C PRO F 269 24.38 15.53 -33.15
N TYR F 270 24.22 16.83 -33.34
CA TYR F 270 23.45 17.65 -32.43
C TYR F 270 21.98 17.42 -32.72
N PRO F 271 21.09 17.74 -31.77
CA PRO F 271 19.67 17.49 -32.03
C PRO F 271 19.21 18.26 -33.25
N GLN F 272 18.36 17.63 -34.05
CA GLN F 272 18.02 18.11 -35.37
C GLN F 272 16.62 18.67 -35.41
N MET F 273 16.39 19.56 -36.37
CA MET F 273 15.10 20.21 -36.51
C MET F 273 15.04 20.81 -37.90
N ASP F 274 14.14 20.32 -38.75
CA ASP F 274 13.79 21.01 -39.97
C ASP F 274 12.94 22.22 -39.60
N VAL F 275 13.07 23.30 -40.36
CA VAL F 275 12.32 24.51 -40.11
C VAL F 275 11.77 25.02 -41.43
N ASN F 276 10.46 25.06 -41.55
CA ASN F 276 9.77 25.54 -42.74
C ASN F 276 9.49 27.03 -42.57
N PHE F 277 10.36 27.85 -43.11
CA PHE F 277 10.26 29.31 -42.97
C PHE F 277 9.01 29.83 -43.67
N LYS F 278 8.29 30.73 -42.98
CA LYS F 278 7.08 31.34 -43.53
C LYS F 278 7.07 32.80 -43.10
N ARG F 279 7.35 33.71 -44.04
CA ARG F 279 7.38 35.14 -43.73
C ARG F 279 5.97 35.69 -43.90
N VAL F 280 5.25 35.80 -42.80
CA VAL F 280 3.87 36.26 -42.83
C VAL F 280 3.79 37.76 -42.53
N ALA G 19 14.57 -37.27 57.39
CA ALA G 19 14.70 -38.62 57.93
C ALA G 19 13.73 -39.57 57.23
N ASN G 20 12.57 -39.03 56.84
CA ASN G 20 11.56 -39.81 56.13
C ASN G 20 11.87 -39.76 54.65
N GLN G 21 12.61 -40.75 54.16
CA GLN G 21 13.02 -40.80 52.76
C GLN G 21 11.96 -41.37 51.83
N ALA G 22 10.86 -41.91 52.36
CA ALA G 22 9.89 -42.58 51.51
C ALA G 22 9.27 -41.62 50.50
N LEU G 23 8.89 -40.42 50.96
CA LEU G 23 8.42 -39.41 50.01
C LEU G 23 9.54 -38.98 49.07
N LEU G 24 10.77 -38.89 49.58
CA LEU G 24 11.89 -38.57 48.71
C LEU G 24 12.11 -39.67 47.67
N LEU G 25 11.89 -40.92 48.07
CA LEU G 25 12.01 -42.01 47.11
C LEU G 25 10.93 -41.91 46.05
N SER G 26 9.70 -41.56 46.45
CA SER G 26 8.63 -41.42 45.47
C SER G 26 8.92 -40.28 44.51
N TYR G 27 9.52 -39.19 45.00
CA TYR G 27 9.81 -38.06 44.12
C TYR G 27 10.93 -38.39 43.16
N ALA G 28 12.00 -39.03 43.64
CA ALA G 28 13.08 -39.42 42.73
C ALA G 28 12.59 -40.45 41.70
N VAL G 29 11.69 -41.34 42.11
CA VAL G 29 11.17 -42.32 41.16
C VAL G 29 10.30 -41.64 40.11
N ASN G 30 9.50 -40.65 40.50
CA ASN G 30 8.71 -39.93 39.51
C ASN G 30 9.60 -39.16 38.55
N ILE G 31 10.72 -38.62 39.03
CA ILE G 31 11.62 -37.90 38.14
C ILE G 31 12.28 -38.85 37.14
N VAL G 32 12.71 -40.01 37.62
CA VAL G 32 13.33 -40.98 36.72
C VAL G 32 12.29 -41.48 35.71
N ALA G 33 11.05 -41.65 36.14
CA ALA G 33 10.02 -42.06 35.20
C ALA G 33 9.74 -40.99 34.17
N ALA G 34 9.84 -39.72 34.57
CA ALA G 34 9.66 -38.65 33.59
C ALA G 34 10.78 -38.66 32.56
N LEU G 35 12.02 -38.85 33.00
CA LEU G 35 13.13 -38.90 32.04
C LEU G 35 12.99 -40.11 31.12
N ALA G 36 12.53 -41.25 31.66
CA ALA G 36 12.35 -42.42 30.82
C ALA G 36 11.25 -42.21 29.80
N ILE G 37 10.17 -41.54 30.20
CA ILE G 37 9.11 -41.24 29.24
C ILE G 37 9.62 -40.29 28.17
N ILE G 38 10.50 -39.35 28.54
CA ILE G 38 11.03 -38.43 27.56
C ILE G 38 11.89 -39.17 26.54
N ILE G 39 12.75 -40.08 27.02
CA ILE G 39 13.64 -40.80 26.11
C ILE G 39 12.83 -41.69 25.18
N VAL G 40 11.91 -42.48 25.75
CA VAL G 40 11.14 -43.39 24.91
C VAL G 40 10.25 -42.61 23.95
N GLY G 41 9.78 -41.42 24.37
CA GLY G 41 8.95 -40.64 23.49
C GLY G 41 9.73 -40.05 22.33
N LEU G 42 10.97 -39.63 22.57
CA LEU G 42 11.79 -39.16 21.46
C LEU G 42 12.10 -40.31 20.50
N ILE G 43 12.33 -41.50 21.02
CA ILE G 43 12.62 -42.64 20.14
C ILE G 43 11.41 -42.95 19.27
N ILE G 44 10.24 -43.06 19.88
CA ILE G 44 9.04 -43.39 19.12
C ILE G 44 8.67 -42.27 18.16
N ALA G 45 8.95 -41.02 18.53
CA ALA G 45 8.67 -39.92 17.62
C ALA G 45 9.55 -40.01 16.39
N ARG G 46 10.85 -40.24 16.57
CA ARG G 46 11.73 -40.35 15.42
C ARG G 46 11.35 -41.54 14.54
N MET G 47 10.94 -42.65 15.16
CA MET G 47 10.61 -43.83 14.36
C MET G 47 9.34 -43.61 13.55
N ILE G 48 8.28 -43.10 14.19
CA ILE G 48 7.04 -42.90 13.46
C ILE G 48 7.21 -41.81 12.40
N SER G 49 8.04 -40.80 12.66
CA SER G 49 8.23 -39.77 11.66
C SER G 49 9.00 -40.29 10.45
N ASN G 50 10.05 -41.10 10.68
CA ASN G 50 10.75 -41.69 9.55
C ASN G 50 9.86 -42.64 8.78
N ALA G 51 8.97 -43.36 9.48
CA ALA G 51 8.09 -44.28 8.77
C ALA G 51 7.08 -43.53 7.92
N VAL G 52 6.51 -42.45 8.45
CA VAL G 52 5.58 -41.64 7.66
C VAL G 52 6.30 -40.99 6.48
N ASN G 53 7.57 -40.60 6.68
CA ASN G 53 8.31 -39.98 5.60
C ASN G 53 8.58 -40.98 4.48
N ARG G 54 8.99 -42.20 4.82
CA ARG G 54 9.19 -43.21 3.79
C ARG G 54 7.87 -43.58 3.11
N LEU G 55 6.79 -43.60 3.87
CA LEU G 55 5.49 -43.94 3.29
C LEU G 55 5.03 -42.86 2.31
N MET G 56 5.37 -41.60 2.58
CA MET G 56 4.99 -40.55 1.65
C MET G 56 5.89 -40.53 0.43
N ILE G 57 7.20 -40.70 0.62
CA ILE G 57 8.11 -40.71 -0.52
C ILE G 57 7.79 -41.88 -1.45
N SER G 58 7.32 -43.00 -0.88
CA SER G 58 6.97 -44.14 -1.72
C SER G 58 5.74 -43.86 -2.57
N ARG G 59 4.90 -42.92 -2.15
CA ARG G 59 3.71 -42.54 -2.89
C ARG G 59 3.93 -41.34 -3.80
N LYS G 60 5.20 -40.99 -4.05
CA LYS G 60 5.58 -39.91 -4.96
C LYS G 60 5.03 -38.57 -4.52
N ILE G 61 4.97 -38.33 -3.22
CA ILE G 61 4.76 -36.97 -2.72
C ILE G 61 6.07 -36.21 -2.88
N ASP G 62 5.97 -34.89 -3.02
CA ASP G 62 7.17 -34.07 -3.16
C ASP G 62 8.02 -34.17 -1.91
N ALA G 63 9.34 -34.12 -2.10
CA ALA G 63 10.25 -34.34 -0.97
C ALA G 63 10.10 -33.26 0.09
N THR G 64 9.79 -32.02 -0.33
CA THR G 64 9.65 -30.96 0.66
C THR G 64 8.34 -31.09 1.43
N VAL G 65 7.24 -31.45 0.75
CA VAL G 65 5.99 -31.68 1.47
C VAL G 65 6.14 -32.89 2.39
N ALA G 66 6.91 -33.90 1.96
CA ALA G 66 7.12 -35.05 2.81
C ALA G 66 7.91 -34.68 4.05
N ASP G 67 8.97 -33.89 3.89
CA ASP G 67 9.74 -33.47 5.05
C ASP G 67 8.91 -32.58 5.97
N PHE G 68 8.03 -31.76 5.41
CA PHE G 68 7.21 -30.89 6.24
C PHE G 68 6.21 -31.69 7.07
N LEU G 69 5.47 -32.60 6.43
CA LEU G 69 4.49 -33.38 7.18
C LEU G 69 5.15 -34.32 8.16
N SER G 70 6.34 -34.85 7.82
CA SER G 70 7.05 -35.69 8.77
C SER G 70 7.55 -34.89 9.96
N ALA G 71 8.00 -33.66 9.73
CA ALA G 71 8.41 -32.83 10.85
C ALA G 71 7.23 -32.49 11.75
N LEU G 72 6.06 -32.29 11.16
CA LEU G 72 4.88 -32.02 11.97
C LEU G 72 4.49 -33.24 12.80
N VAL G 73 4.58 -34.44 12.22
CA VAL G 73 4.26 -35.64 12.98
C VAL G 73 5.25 -35.84 14.11
N ARG G 74 6.54 -35.56 13.85
CA ARG G 74 7.54 -35.76 14.89
C ARG G 74 7.36 -34.78 16.03
N TYR G 75 7.11 -33.51 15.72
CA TYR G 75 6.90 -32.54 16.80
C TYR G 75 5.59 -32.80 17.53
N GLY G 76 4.58 -33.35 16.87
CA GLY G 76 3.37 -33.70 17.59
C GLY G 76 3.56 -34.84 18.57
N ILE G 77 4.29 -35.88 18.14
CA ILE G 77 4.55 -36.97 19.08
C ILE G 77 5.44 -36.51 20.22
N ILE G 78 6.39 -35.61 19.94
CA ILE G 78 7.21 -35.08 21.02
C ILE G 78 6.37 -34.23 21.97
N ALA G 79 5.35 -33.54 21.45
CA ALA G 79 4.49 -32.76 22.33
C ALA G 79 3.67 -33.66 23.23
N PHE G 80 3.17 -34.79 22.71
CA PHE G 80 2.47 -35.73 23.58
C PHE G 80 3.42 -36.29 24.64
N THR G 81 4.66 -36.56 24.26
CA THR G 81 5.61 -37.09 25.23
C THR G 81 5.93 -36.06 26.31
N LEU G 82 6.06 -34.80 25.93
CA LEU G 82 6.32 -33.75 26.91
C LEU G 82 5.15 -33.59 27.85
N ILE G 83 3.93 -33.65 27.32
CA ILE G 83 2.77 -33.49 28.18
C ILE G 83 2.68 -34.65 29.17
N ALA G 84 3.03 -35.85 28.73
CA ALA G 84 2.99 -37.00 29.63
C ALA G 84 4.06 -36.90 30.72
N ALA G 85 5.30 -36.58 30.34
CA ALA G 85 6.36 -36.51 31.34
C ALA G 85 6.13 -35.37 32.32
N LEU G 86 5.76 -34.20 31.81
CA LEU G 86 5.49 -33.08 32.69
C LEU G 86 4.26 -33.31 33.56
N GLY G 87 3.34 -34.15 33.12
CA GLY G 87 2.28 -34.59 34.02
C GLY G 87 2.82 -35.52 35.09
N ARG G 88 3.81 -36.32 34.75
CA ARG G 88 4.42 -37.19 35.76
C ARG G 88 5.18 -36.41 36.82
N VAL G 89 5.72 -35.23 36.48
CA VAL G 89 6.43 -34.44 37.49
C VAL G 89 5.47 -33.51 38.22
N GLY G 90 4.19 -33.56 37.87
CA GLY G 90 3.18 -32.80 38.57
C GLY G 90 2.66 -31.57 37.87
N VAL G 91 3.26 -31.15 36.77
CA VAL G 91 2.71 -30.05 35.99
C VAL G 91 1.40 -30.48 35.36
N GLN G 92 0.40 -29.61 35.41
CA GLN G 92 -0.92 -29.93 34.87
C GLN G 92 -0.90 -29.88 33.34
N THR G 93 -1.85 -30.59 32.73
CA THR G 93 -1.94 -30.60 31.28
C THR G 93 -2.24 -29.22 30.71
N ALA G 94 -3.03 -28.41 31.42
CA ALA G 94 -3.35 -27.08 30.92
C ALA G 94 -2.11 -26.20 30.90
N SER G 95 -1.24 -26.33 31.91
CA SER G 95 -0.02 -25.54 31.95
C SER G 95 0.89 -25.91 30.79
N VAL G 96 1.08 -27.21 30.56
CA VAL G 96 2.00 -27.64 29.50
C VAL G 96 1.44 -27.26 28.15
N ILE G 97 0.13 -27.36 27.96
CA ILE G 97 -0.45 -26.98 26.68
C ILE G 97 -0.31 -25.49 26.45
N ALA G 98 -0.48 -24.68 27.50
CA ALA G 98 -0.36 -23.24 27.33
C ALA G 98 1.08 -22.83 27.04
N VAL G 99 2.04 -23.46 27.72
CA VAL G 99 3.43 -23.07 27.51
C VAL G 99 3.95 -23.56 26.17
N LEU G 100 3.59 -24.78 25.77
CA LEU G 100 3.97 -25.25 24.45
C LEU G 100 3.26 -24.45 23.37
N GLY G 101 2.06 -23.96 23.64
CA GLY G 101 1.39 -23.12 22.67
C GLY G 101 2.05 -21.75 22.54
N ALA G 102 2.56 -21.21 23.65
CA ALA G 102 3.29 -19.95 23.56
C ALA G 102 4.62 -20.13 22.83
N ALA G 103 5.34 -21.22 23.11
CA ALA G 103 6.58 -21.48 22.39
C ALA G 103 6.32 -21.74 20.91
N GLY G 104 5.20 -22.38 20.60
CA GLY G 104 4.88 -22.62 19.20
C GLY G 104 4.45 -21.34 18.49
N LEU G 105 3.75 -20.46 19.20
CA LEU G 105 3.40 -19.18 18.61
C LEU G 105 4.63 -18.31 18.39
N ALA G 106 5.62 -18.39 19.28
CA ALA G 106 6.85 -17.65 19.06
C ALA G 106 7.63 -18.20 17.88
N VAL G 107 7.79 -19.52 17.81
CA VAL G 107 8.49 -20.13 16.69
C VAL G 107 7.73 -19.86 15.39
N GLY G 108 6.40 -19.79 15.46
CA GLY G 108 5.63 -19.51 14.26
C GLY G 108 5.75 -18.06 13.83
N LEU G 109 5.84 -17.14 14.77
CA LEU G 109 6.10 -15.74 14.40
C LEU G 109 7.48 -15.61 13.76
N ALA G 110 8.45 -16.39 14.22
CA ALA G 110 9.77 -16.33 13.61
C ALA G 110 9.78 -16.96 12.22
N LEU G 111 9.02 -18.03 12.02
CA LEU G 111 9.07 -18.81 10.79
C LEU G 111 7.92 -18.55 9.83
N GLN G 112 7.09 -17.54 10.09
CA GLN G 112 5.93 -17.31 9.25
C GLN G 112 6.32 -17.01 7.79
N GLY G 113 7.24 -16.07 7.60
CA GLY G 113 7.64 -15.73 6.24
C GLY G 113 8.41 -16.84 5.56
N SER G 114 9.24 -17.54 6.32
CA SER G 114 9.98 -18.67 5.74
C SER G 114 9.03 -19.79 5.35
N LEU G 115 7.94 -19.96 6.10
CA LEU G 115 6.95 -20.97 5.73
C LEU G 115 6.21 -20.57 4.47
N SER G 116 5.91 -19.28 4.32
CA SER G 116 5.27 -18.82 3.10
C SER G 116 6.17 -19.03 1.90
N ASN G 117 7.47 -18.74 2.05
CA ASN G 117 8.41 -18.97 0.96
C ASN G 117 8.58 -20.46 0.68
N LEU G 118 8.49 -21.31 1.70
CA LEU G 118 8.61 -22.74 1.47
C LEU G 118 7.43 -23.28 0.67
N ALA G 119 6.22 -22.85 1.03
CA ALA G 119 5.05 -23.29 0.28
C ALA G 119 5.09 -22.78 -1.15
N ALA G 120 5.51 -21.52 -1.34
CA ALA G 120 5.59 -20.98 -2.69
C ALA G 120 6.65 -21.70 -3.51
N GLY G 121 7.73 -22.15 -2.86
CA GLY G 121 8.74 -22.89 -3.60
C GLY G 121 8.26 -24.27 -4.00
N VAL G 122 7.46 -24.90 -3.14
CA VAL G 122 6.87 -26.17 -3.51
C VAL G 122 5.94 -26.00 -4.71
N LEU G 123 5.15 -24.93 -4.71
CA LEU G 123 4.26 -24.70 -5.84
C LEU G 123 5.03 -24.42 -7.12
N LEU G 124 6.12 -23.64 -7.04
CA LEU G 124 6.90 -23.35 -8.23
C LEU G 124 7.59 -24.58 -8.78
N VAL G 125 7.99 -25.51 -7.91
CA VAL G 125 8.62 -26.73 -8.41
C VAL G 125 7.59 -27.70 -8.94
N MET G 126 6.35 -27.65 -8.43
CA MET G 126 5.34 -28.58 -8.87
C MET G 126 4.73 -28.16 -10.21
N PHE G 127 4.19 -26.94 -10.28
CA PHE G 127 3.46 -26.52 -11.46
C PHE G 127 4.36 -26.00 -12.59
N ARG G 128 5.61 -25.68 -12.29
CA ARG G 128 6.57 -25.20 -13.28
C ARG G 128 6.03 -24.03 -14.13
N PRO G 129 5.69 -22.90 -13.53
CA PRO G 129 5.49 -21.70 -14.34
C PRO G 129 6.71 -21.31 -15.13
N PHE G 130 7.90 -21.58 -14.59
CA PHE G 130 9.15 -21.37 -15.29
C PHE G 130 10.13 -22.44 -14.86
N ARG G 131 11.04 -22.80 -15.75
CA ARG G 131 12.10 -23.74 -15.43
C ARG G 131 13.44 -23.05 -15.59
N ALA G 132 14.49 -23.68 -15.08
CA ALA G 132 15.82 -23.08 -15.18
C ALA G 132 16.23 -22.93 -16.63
N GLY G 133 16.86 -21.81 -16.95
CA GLY G 133 17.26 -21.49 -18.30
C GLY G 133 16.23 -20.77 -19.14
N GLU G 134 15.05 -20.48 -18.60
CA GLU G 134 14.04 -19.73 -19.32
C GLU G 134 14.02 -18.28 -18.86
N TYR G 135 14.11 -17.36 -19.82
CA TYR G 135 14.03 -15.94 -19.52
C TYR G 135 12.63 -15.64 -19.00
N VAL G 136 12.53 -14.86 -17.92
CA VAL G 136 11.26 -14.55 -17.30
C VAL G 136 11.25 -13.10 -16.89
N ASP G 137 10.18 -12.70 -16.21
CA ASP G 137 9.99 -11.33 -15.75
C ASP G 137 9.10 -11.38 -14.52
N LEU G 138 9.69 -11.50 -13.35
CA LEU G 138 8.98 -11.73 -12.10
C LEU G 138 8.79 -10.41 -11.37
N GLY G 139 7.73 -9.68 -11.72
CA GLY G 139 7.41 -8.46 -10.99
C GLY G 139 8.26 -7.26 -11.32
N GLY G 140 8.77 -7.17 -12.53
CA GLY G 140 9.56 -6.04 -12.98
C GLY G 140 11.05 -6.29 -13.09
N VAL G 141 11.55 -7.36 -12.49
CA VAL G 141 12.92 -7.81 -12.70
C VAL G 141 12.88 -8.94 -13.71
N ALA G 142 13.88 -8.99 -14.58
CA ALA G 142 13.88 -9.95 -15.67
C ALA G 142 15.28 -10.51 -15.89
N GLY G 143 15.34 -11.80 -16.14
CA GLY G 143 16.61 -12.45 -16.42
C GLY G 143 16.43 -13.94 -16.47
N THR G 144 17.46 -14.63 -16.96
CA THR G 144 17.44 -16.08 -17.06
C THR G 144 17.32 -16.67 -15.68
N VAL G 145 16.43 -17.64 -15.49
CA VAL G 145 16.34 -18.34 -14.22
C VAL G 145 17.53 -19.26 -14.10
N LEU G 146 18.06 -19.38 -12.88
CA LEU G 146 19.19 -20.25 -12.60
C LEU G 146 18.79 -21.47 -11.79
N SER G 147 18.02 -21.27 -10.72
CA SER G 147 17.48 -22.37 -9.94
C SER G 147 16.40 -21.84 -9.01
N VAL G 148 15.37 -22.65 -8.80
CA VAL G 148 14.41 -22.42 -7.74
C VAL G 148 14.93 -23.16 -6.51
N GLN G 149 14.89 -22.52 -5.36
CA GLN G 149 15.44 -23.08 -4.14
C GLN G 149 14.39 -23.09 -3.04
N ILE G 150 14.80 -23.52 -1.85
CA ILE G 150 13.84 -23.79 -0.79
C ILE G 150 13.11 -22.51 -0.39
N PHE G 151 13.78 -21.36 -0.44
CA PHE G 151 13.19 -20.12 0.01
C PHE G 151 13.23 -18.99 -1.01
N SER G 152 14.05 -19.08 -2.05
CA SER G 152 14.19 -17.98 -2.98
C SER G 152 14.70 -18.49 -4.32
N THR G 153 14.40 -17.75 -5.38
CA THR G 153 14.82 -18.08 -6.72
C THR G 153 15.95 -17.16 -7.15
N THR G 154 16.99 -17.74 -7.73
CA THR G 154 18.11 -16.99 -8.28
C THR G 154 17.91 -16.82 -9.77
N MET G 155 18.25 -15.64 -10.29
CA MET G 155 18.21 -15.39 -11.72
C MET G 155 19.33 -14.45 -12.11
N ARG G 156 19.88 -14.66 -13.30
CA ARG G 156 20.94 -13.84 -13.84
C ARG G 156 20.38 -12.93 -14.93
N THR G 157 20.44 -11.62 -14.70
CA THR G 157 19.90 -10.68 -15.67
C THR G 157 20.76 -10.69 -16.93
N ALA G 158 20.27 -9.97 -17.95
CA ALA G 158 20.92 -10.01 -19.26
C ALA G 158 22.36 -9.51 -19.21
N ASP G 159 22.69 -8.62 -18.27
CA ASP G 159 24.03 -8.08 -18.17
C ASP G 159 24.85 -8.69 -17.05
N GLY G 160 24.41 -9.80 -16.46
CA GLY G 160 25.23 -10.55 -15.53
C GLY G 160 25.02 -10.29 -14.05
N LYS G 161 24.14 -9.37 -13.67
CA LYS G 161 23.79 -9.23 -12.26
C LYS G 161 22.93 -10.40 -11.81
N ILE G 162 23.16 -10.84 -10.58
CA ILE G 162 22.36 -11.90 -9.96
C ILE G 162 21.26 -11.28 -9.13
N ILE G 163 20.05 -11.81 -9.24
CA ILE G 163 18.92 -11.35 -8.44
C ILE G 163 18.39 -12.54 -7.65
N VAL G 164 17.99 -12.30 -6.41
CA VAL G 164 17.46 -13.33 -5.53
C VAL G 164 16.08 -12.89 -5.07
N ILE G 165 15.04 -13.45 -5.70
CA ILE G 165 13.65 -13.08 -5.43
C ILE G 165 13.06 -14.12 -4.49
N PRO G 166 12.54 -13.73 -3.33
CA PRO G 166 11.88 -14.71 -2.46
C PRO G 166 10.67 -15.33 -3.13
N ASN G 167 10.44 -16.62 -2.84
CA ASN G 167 9.46 -17.39 -3.59
C ASN G 167 8.04 -16.86 -3.42
N GLY G 168 7.73 -16.29 -2.26
CA GLY G 168 6.37 -15.82 -2.04
C GLY G 168 6.04 -14.61 -2.89
N LYS G 169 7.03 -13.73 -3.10
CA LYS G 169 6.82 -12.60 -3.99
C LYS G 169 6.63 -13.07 -5.42
N ILE G 170 7.30 -14.15 -5.81
CA ILE G 170 7.16 -14.66 -7.17
C ILE G 170 5.77 -15.25 -7.36
N ILE G 171 5.32 -16.07 -6.42
CA ILE G 171 4.01 -16.71 -6.54
C ILE G 171 2.89 -15.68 -6.46
N ALA G 172 3.07 -14.61 -5.68
CA ALA G 172 1.99 -13.66 -5.47
C ALA G 172 1.69 -12.82 -6.72
N GLY G 173 2.64 -12.65 -7.63
CA GLY G 173 2.49 -11.78 -8.77
C GLY G 173 2.52 -12.51 -10.10
N ASN G 174 2.50 -11.71 -11.16
CA ASN G 174 2.54 -12.25 -12.52
C ASN G 174 3.91 -12.85 -12.81
N ILE G 175 3.92 -13.82 -13.72
CA ILE G 175 5.13 -14.52 -14.12
C ILE G 175 5.16 -14.54 -15.64
N ILE G 176 5.59 -13.44 -16.25
CA ILE G 176 5.79 -13.38 -17.69
C ILE G 176 6.93 -14.31 -18.04
N ASN G 177 6.82 -14.99 -19.19
CA ASN G 177 7.77 -16.02 -19.55
C ASN G 177 8.11 -15.87 -21.03
N PHE G 178 9.24 -15.23 -21.32
CA PHE G 178 9.61 -14.95 -22.69
C PHE G 178 9.99 -16.20 -23.48
N SER G 179 10.41 -17.27 -22.81
CA SER G 179 11.02 -18.40 -23.48
C SER G 179 10.11 -19.61 -23.62
N ARG G 180 8.86 -19.53 -23.20
CA ARG G 180 8.01 -20.71 -23.23
C ARG G 180 7.51 -21.02 -24.65
N GLU G 181 6.99 -20.02 -25.34
CA GLU G 181 6.46 -20.25 -26.68
C GLU G 181 7.60 -20.35 -27.69
N PRO G 182 7.56 -21.31 -28.61
CA PRO G 182 8.61 -21.39 -29.64
C PRO G 182 8.74 -20.15 -30.50
N VAL G 183 7.64 -19.44 -30.79
CA VAL G 183 7.66 -18.33 -31.73
C VAL G 183 7.23 -17.06 -31.02
N ARG G 184 7.76 -15.93 -31.49
CA ARG G 184 7.46 -14.62 -30.90
C ARG G 184 7.51 -13.57 -32.00
N ARG G 185 6.86 -12.44 -31.74
CA ARG G 185 6.60 -11.42 -32.75
C ARG G 185 7.48 -10.20 -32.57
N ASN G 186 8.12 -9.77 -33.65
CA ASN G 186 8.77 -8.47 -33.75
C ASN G 186 7.76 -7.40 -34.10
N GLU G 187 8.06 -6.16 -33.73
CA GLU G 187 7.22 -5.02 -34.09
C GLU G 187 8.10 -3.81 -34.37
N PHE G 188 8.33 -3.54 -35.64
CA PHE G 188 9.02 -2.33 -36.10
C PHE G 188 8.03 -1.19 -36.18
N ILE G 189 8.50 0.03 -35.98
CA ILE G 189 7.66 1.23 -36.08
C ILE G 189 8.45 2.23 -36.91
N ILE G 190 8.39 2.10 -38.23
CA ILE G 190 9.09 2.97 -39.15
C ILE G 190 8.27 4.26 -39.29
N GLY G 191 8.96 5.40 -39.32
CA GLY G 191 8.28 6.66 -39.51
C GLY G 191 8.90 7.42 -40.66
N VAL G 192 8.12 7.71 -41.69
CA VAL G 192 8.63 8.33 -42.90
C VAL G 192 7.93 9.67 -43.11
N ALA G 193 8.47 10.46 -44.04
CA ALA G 193 7.97 11.81 -44.27
C ALA G 193 6.56 11.78 -44.85
N TYR G 194 5.79 12.84 -44.57
CA TYR G 194 4.40 12.89 -44.99
C TYR G 194 4.25 12.87 -46.51
N ASP G 195 5.25 13.36 -47.24
CA ASP G 195 5.16 13.36 -48.68
C ASP G 195 5.52 12.02 -49.31
N SER G 196 6.00 11.07 -48.52
CA SER G 196 6.38 9.77 -49.04
C SER G 196 5.17 9.01 -49.58
N ASP G 197 5.37 8.32 -50.70
CA ASP G 197 4.33 7.49 -51.26
C ASP G 197 4.02 6.34 -50.32
N ILE G 198 2.74 6.04 -50.13
CA ILE G 198 2.38 4.96 -49.20
C ILE G 198 2.56 3.61 -49.87
N ASP G 199 2.18 3.50 -51.14
CA ASP G 199 2.32 2.21 -51.81
C ASP G 199 3.78 1.80 -51.95
N GLN G 200 4.67 2.76 -52.18
CA GLN G 200 6.09 2.42 -52.31
C GLN G 200 6.67 1.99 -50.98
N VAL G 201 6.27 2.64 -49.89
CA VAL G 201 6.76 2.25 -48.58
C VAL G 201 6.27 0.85 -48.23
N LYS G 202 4.98 0.59 -48.44
CA LYS G 202 4.45 -0.72 -48.12
C LYS G 202 5.06 -1.80 -49.00
N GLN G 203 5.35 -1.48 -50.26
CA GLN G 203 5.93 -2.47 -51.15
C GLN G 203 7.37 -2.78 -50.76
N ILE G 204 8.14 -1.77 -50.37
CA ILE G 204 9.52 -2.01 -49.96
C ILE G 204 9.56 -2.80 -48.66
N LEU G 205 8.73 -2.44 -47.69
CA LEU G 205 8.71 -3.20 -46.45
C LEU G 205 8.24 -4.63 -46.68
N THR G 206 7.31 -4.83 -47.61
CA THR G 206 6.84 -6.18 -47.90
C THR G 206 7.94 -7.01 -48.54
N ASN G 207 8.68 -6.43 -49.49
CA ASN G 207 9.77 -7.19 -50.08
C ASN G 207 10.87 -7.49 -49.06
N ILE G 208 11.10 -6.56 -48.12
CA ILE G 208 12.13 -6.79 -47.11
C ILE G 208 11.74 -7.93 -46.19
N ILE G 209 10.46 -8.01 -45.81
CA ILE G 209 10.08 -9.12 -44.94
C ILE G 209 9.76 -10.39 -45.70
N GLN G 210 9.63 -10.33 -47.03
CA GLN G 210 9.45 -11.57 -47.80
C GLN G 210 10.79 -12.20 -48.16
N SER G 211 11.86 -11.40 -48.23
CA SER G 211 13.17 -11.97 -48.47
C SER G 211 13.82 -12.52 -47.21
N GLU G 212 13.21 -12.33 -46.05
CA GLU G 212 13.78 -12.77 -44.78
C GLU G 212 13.31 -14.20 -44.48
N ASP G 213 14.20 -15.17 -44.63
CA ASP G 213 13.83 -16.58 -44.48
C ASP G 213 13.47 -16.94 -43.05
N ARG G 214 13.96 -16.18 -42.07
CA ARG G 214 13.69 -16.51 -40.67
C ARG G 214 12.35 -15.98 -40.19
N ILE G 215 11.63 -15.22 -41.02
CA ILE G 215 10.30 -14.75 -40.69
C ILE G 215 9.30 -15.78 -41.17
N LEU G 216 8.42 -16.22 -40.26
CA LEU G 216 7.49 -17.30 -40.58
C LEU G 216 6.41 -16.79 -41.52
N LYS G 217 6.35 -17.38 -42.71
CA LYS G 217 5.38 -16.96 -43.71
C LYS G 217 3.97 -17.47 -43.44
N ASP G 218 3.80 -18.46 -42.57
CA ASP G 218 2.47 -18.94 -42.25
C ASP G 218 1.77 -18.12 -41.18
N ARG G 219 2.45 -17.17 -40.56
CA ARG G 219 1.84 -16.30 -39.57
C ARG G 219 1.43 -14.98 -40.22
N GLU G 220 1.09 -14.00 -39.38
CA GLU G 220 0.76 -12.67 -39.87
C GLU G 220 2.02 -11.95 -40.33
N MET G 221 1.87 -11.09 -41.32
CA MET G 221 2.96 -10.24 -41.80
C MET G 221 2.40 -8.87 -42.16
N THR G 222 1.94 -8.14 -41.17
CA THR G 222 1.30 -6.85 -41.42
C THR G 222 2.32 -5.82 -41.86
N VAL G 223 1.92 -4.97 -42.82
CA VAL G 223 2.67 -3.79 -43.22
C VAL G 223 1.61 -2.72 -43.48
N ARG G 224 1.20 -2.02 -42.43
CA ARG G 224 0.07 -1.11 -42.52
C ARG G 224 0.46 0.24 -41.98
N LEU G 225 -0.04 1.30 -42.62
CA LEU G 225 0.03 2.63 -42.04
C LEU G 225 -0.76 2.64 -40.75
N ASN G 226 -0.18 3.18 -39.69
CA ASN G 226 -0.71 2.98 -38.36
C ASN G 226 -1.05 4.28 -37.64
N GLU G 227 -0.38 5.37 -37.95
CA GLU G 227 -0.61 6.60 -37.23
C GLU G 227 -0.08 7.76 -38.06
N LEU G 228 -0.79 8.88 -38.02
CA LEU G 228 -0.34 10.12 -38.64
C LEU G 228 0.24 10.98 -37.52
N GLY G 229 1.56 10.93 -37.38
CA GLY G 229 2.23 11.54 -36.25
C GLY G 229 2.47 13.01 -36.44
N ALA G 230 3.19 13.58 -35.46
CA ALA G 230 3.47 15.02 -35.49
C ALA G 230 4.34 15.41 -36.67
N SER G 231 5.25 14.53 -37.07
CA SER G 231 6.19 14.83 -38.15
C SER G 231 6.32 13.70 -39.15
N SER G 232 5.62 12.59 -38.97
CA SER G 232 5.83 11.41 -39.80
C SER G 232 4.62 10.52 -39.71
N ILE G 233 4.41 9.73 -40.77
CA ILE G 233 3.40 8.68 -40.78
C ILE G 233 4.06 7.39 -40.33
N ASN G 234 3.59 6.81 -39.24
CA ASN G 234 4.24 5.68 -38.61
C ASN G 234 3.68 4.38 -39.16
N PHE G 235 4.43 3.72 -40.03
CA PHE G 235 4.11 2.38 -40.48
C PHE G 235 4.45 1.38 -39.38
N VAL G 236 3.69 0.31 -39.31
CA VAL G 236 3.94 -0.78 -38.37
C VAL G 236 4.24 -2.03 -39.18
N VAL G 237 5.20 -2.83 -38.71
CA VAL G 237 5.52 -4.12 -39.30
C VAL G 237 5.58 -5.12 -38.17
N ARG G 238 4.75 -6.14 -38.23
CA ARG G 238 4.70 -7.20 -37.24
C ARG G 238 4.96 -8.52 -37.92
N VAL G 239 6.01 -9.21 -37.51
CA VAL G 239 6.41 -10.47 -38.12
C VAL G 239 6.81 -11.43 -37.02
N TRP G 240 6.50 -12.70 -37.22
CA TRP G 240 6.78 -13.75 -36.25
C TRP G 240 8.06 -14.50 -36.62
N SER G 241 8.77 -14.97 -35.61
CA SER G 241 9.98 -15.75 -35.81
C SER G 241 10.22 -16.62 -34.58
N ASN G 242 11.04 -17.65 -34.75
CA ASN G 242 11.39 -18.53 -33.64
C ASN G 242 12.08 -17.73 -32.55
N SER G 243 11.90 -18.15 -31.29
CA SER G 243 12.39 -17.36 -30.18
C SER G 243 13.90 -17.14 -30.25
N GLY G 244 14.63 -18.07 -30.86
CA GLY G 244 16.07 -17.90 -30.99
C GLY G 244 16.52 -16.97 -32.09
N ASP G 245 15.65 -16.67 -33.05
CA ASP G 245 16.00 -15.80 -34.16
C ASP G 245 15.43 -14.40 -34.02
N LEU G 246 14.75 -14.11 -32.91
CA LEU G 246 13.98 -12.88 -32.81
C LEU G 246 14.87 -11.65 -32.90
N GLN G 247 15.92 -11.59 -32.08
CA GLN G 247 16.73 -10.38 -32.05
C GLN G 247 17.56 -10.22 -33.32
N ASN G 248 18.10 -11.31 -33.84
CA ASN G 248 18.86 -11.20 -35.09
C ASN G 248 17.97 -10.78 -36.23
N VAL G 249 16.72 -11.25 -36.26
CA VAL G 249 15.80 -10.81 -37.30
C VAL G 249 15.47 -9.34 -37.12
N TYR G 250 15.35 -8.89 -35.87
CA TYR G 250 15.07 -7.47 -35.66
C TYR G 250 16.22 -6.62 -36.21
N TRP G 251 17.45 -6.94 -35.86
CA TRP G 251 18.57 -6.13 -36.29
C TRP G 251 18.77 -6.20 -37.80
N ASP G 252 18.54 -7.38 -38.39
CA ASP G 252 18.75 -7.51 -39.83
C ASP G 252 17.67 -6.77 -40.62
N VAL G 253 16.41 -6.91 -40.21
CA VAL G 253 15.35 -6.18 -40.89
C VAL G 253 15.53 -4.69 -40.69
N LEU G 254 16.08 -4.26 -39.55
CA LEU G 254 16.26 -2.83 -39.32
C LEU G 254 17.33 -2.26 -40.23
N GLU G 255 18.47 -2.94 -40.34
CA GLU G 255 19.50 -2.45 -41.24
C GLU G 255 19.05 -2.52 -42.70
N ARG G 256 18.27 -3.54 -43.06
CA ARG G 256 17.77 -3.61 -44.42
C ARG G 256 16.76 -2.51 -44.72
N ILE G 257 15.91 -2.18 -43.74
CA ILE G 257 14.98 -1.07 -43.91
C ILE G 257 15.74 0.22 -44.14
N LYS G 258 16.78 0.46 -43.33
CA LYS G 258 17.56 1.68 -43.45
C LYS G 258 18.21 1.77 -44.83
N ARG G 259 18.88 0.70 -45.26
CA ARG G 259 19.58 0.74 -46.53
C ARG G 259 18.63 0.89 -47.71
N GLU G 260 17.53 0.13 -47.70
CA GLU G 260 16.61 0.19 -48.84
C GLU G 260 15.85 1.49 -48.91
N PHE G 261 15.48 2.08 -47.76
CA PHE G 261 14.86 3.39 -47.82
C PHE G 261 15.83 4.46 -48.30
N ASP G 262 17.10 4.38 -47.87
CA ASP G 262 18.06 5.36 -48.37
C ASP G 262 18.32 5.19 -49.86
N ALA G 263 18.22 3.96 -50.37
CA ALA G 263 18.43 3.74 -51.79
C ALA G 263 17.22 4.17 -52.60
N ALA G 264 16.03 4.02 -52.05
CA ALA G 264 14.79 4.34 -52.75
C ALA G 264 14.41 5.81 -52.67
N GLY G 265 15.12 6.60 -51.87
CA GLY G 265 14.83 8.01 -51.74
C GLY G 265 13.81 8.37 -50.70
N ILE G 266 13.21 7.38 -50.04
CA ILE G 266 12.29 7.67 -48.94
C ILE G 266 13.08 8.25 -47.77
N SER G 267 12.50 9.27 -47.14
CA SER G 267 13.18 10.01 -46.08
C SER G 267 12.70 9.55 -44.71
N PHE G 268 13.60 9.58 -43.73
CA PHE G 268 13.19 9.54 -42.33
C PHE G 268 13.21 10.97 -41.82
N PRO G 269 12.08 11.58 -41.53
CA PRO G 269 12.08 13.00 -41.16
C PRO G 269 12.80 13.28 -39.86
N TYR G 270 13.45 14.44 -39.83
CA TYR G 270 13.82 15.08 -38.59
C TYR G 270 12.56 15.74 -38.02
N PRO G 271 12.54 16.04 -36.72
CA PRO G 271 11.35 16.66 -36.16
C PRO G 271 11.04 17.97 -36.86
N GLN G 272 9.76 18.21 -37.09
CA GLN G 272 9.33 19.29 -37.95
C GLN G 272 8.73 20.43 -37.16
N MET G 273 8.76 21.61 -37.76
CA MET G 273 8.25 22.81 -37.10
C MET G 273 8.04 23.87 -38.18
N ASP G 274 6.80 24.27 -38.40
CA ASP G 274 6.52 25.47 -39.17
C ASP G 274 6.86 26.67 -38.30
N VAL G 275 7.33 27.75 -38.92
CA VAL G 275 7.70 28.95 -38.20
C VAL G 275 7.14 30.14 -38.94
N ASN G 276 6.23 30.87 -38.30
CA ASN G 276 5.62 32.06 -38.87
C ASN G 276 6.43 33.28 -38.45
N PHE G 277 7.32 33.71 -39.33
CA PHE G 277 8.23 34.82 -39.05
C PHE G 277 7.46 36.11 -38.88
N LYS G 278 7.80 36.88 -37.85
CA LYS G 278 7.17 38.18 -37.58
C LYS G 278 8.25 39.13 -37.11
N ARG G 279 8.65 40.07 -37.96
CA ARG G 279 9.69 41.04 -37.63
C ARG G 279 9.03 42.22 -36.94
N VAL G 280 9.05 42.21 -35.61
CA VAL G 280 8.41 43.26 -34.83
C VAL G 280 9.42 44.34 -34.42
#